data_2DAG
#
_entry.id   2DAG
#
_entity_poly.entity_id   1
_entity_poly.type   'polypeptide(L)'
_entity_poly.pdbx_seq_one_letter_code
;GSSGSSGLDESVIIQLVEMGFPMDACRKAVYYTGNSGAEAAMNWVMSHMDDPDFANPLILPGSSGPGSSGPSSG
;
_entity_poly.pdbx_strand_id   A
#
# COMPACT_ATOMS: atom_id res chain seq x y z
N GLY A 1 -24.35 4.32 -11.97
CA GLY A 1 -24.68 3.89 -10.62
C GLY A 1 -23.52 4.14 -9.66
N SER A 2 -22.62 3.17 -9.59
CA SER A 2 -21.46 3.28 -8.73
C SER A 2 -20.25 2.60 -9.37
N SER A 3 -19.14 3.32 -9.38
CA SER A 3 -17.92 2.80 -9.96
C SER A 3 -17.49 1.53 -9.24
N GLY A 4 -17.94 0.40 -9.79
CA GLY A 4 -17.62 -0.89 -9.21
C GLY A 4 -16.10 -1.06 -9.06
N SER A 5 -15.45 -1.33 -10.19
CA SER A 5 -14.02 -1.52 -10.19
C SER A 5 -13.65 -2.83 -9.49
N SER A 6 -14.00 -2.90 -8.21
CA SER A 6 -13.72 -4.09 -7.42
C SER A 6 -12.21 -4.29 -7.29
N GLY A 7 -11.83 -5.01 -6.26
CA GLY A 7 -10.42 -5.28 -6.01
C GLY A 7 -9.66 -3.99 -5.69
N LEU A 8 -9.39 -3.80 -4.42
CA LEU A 8 -8.67 -2.61 -3.97
C LEU A 8 -9.42 -1.36 -4.46
N ASP A 9 -9.00 -0.23 -3.91
CA ASP A 9 -9.62 1.04 -4.28
C ASP A 9 -8.53 2.03 -4.69
N GLU A 10 -8.51 2.34 -5.98
CA GLU A 10 -7.53 3.27 -6.52
C GLU A 10 -7.88 4.71 -6.11
N SER A 11 -9.17 4.99 -6.10
CA SER A 11 -9.65 6.30 -5.72
C SER A 11 -8.91 6.80 -4.49
N VAL A 12 -8.72 5.89 -3.54
CA VAL A 12 -8.03 6.22 -2.31
C VAL A 12 -6.54 6.44 -2.60
N ILE A 13 -5.98 5.49 -3.33
CA ILE A 13 -4.57 5.55 -3.69
C ILE A 13 -4.29 6.89 -4.39
N ILE A 14 -5.07 7.16 -5.42
CA ILE A 14 -4.93 8.40 -6.17
C ILE A 14 -4.76 9.57 -5.20
N GLN A 15 -5.76 9.73 -4.35
CA GLN A 15 -5.73 10.80 -3.37
C GLN A 15 -4.36 10.87 -2.70
N LEU A 16 -4.04 9.82 -1.97
CA LEU A 16 -2.77 9.75 -1.27
C LEU A 16 -1.64 10.18 -2.22
N VAL A 17 -1.66 9.58 -3.40
CA VAL A 17 -0.64 9.90 -4.40
C VAL A 17 -0.69 11.40 -4.71
N GLU A 18 -1.90 11.95 -4.64
CA GLU A 18 -2.09 13.36 -4.92
C GLU A 18 -1.54 14.19 -3.76
N MET A 19 -1.57 13.61 -2.58
CA MET A 19 -1.07 14.29 -1.38
C MET A 19 0.45 14.41 -1.41
N GLY A 20 1.07 13.57 -2.24
CA GLY A 20 2.51 13.57 -2.37
C GLY A 20 3.11 12.29 -1.78
N PHE A 21 2.58 11.16 -2.24
CA PHE A 21 3.06 9.88 -1.77
C PHE A 21 3.30 8.92 -2.94
N PRO A 22 4.16 7.89 -2.68
CA PRO A 22 4.48 6.91 -3.70
C PRO A 22 3.33 5.94 -3.91
N MET A 23 2.90 5.84 -5.16
CA MET A 23 1.79 4.96 -5.51
C MET A 23 1.94 3.60 -4.80
N ASP A 24 3.01 2.92 -5.12
CA ASP A 24 3.28 1.61 -4.52
C ASP A 24 2.92 1.66 -3.04
N ALA A 25 3.59 2.55 -2.32
CA ALA A 25 3.34 2.70 -0.90
C ALA A 25 1.84 2.90 -0.66
N CYS A 26 1.25 3.74 -1.49
CA CYS A 26 -0.17 4.02 -1.38
C CYS A 26 -0.93 2.71 -1.59
N ARG A 27 -0.44 1.91 -2.51
CA ARG A 27 -1.06 0.63 -2.82
C ARG A 27 -0.77 -0.38 -1.71
N LYS A 28 0.26 -0.07 -0.93
CA LYS A 28 0.66 -0.94 0.17
C LYS A 28 -0.33 -0.77 1.32
N ALA A 29 -0.57 0.49 1.67
CA ALA A 29 -1.48 0.80 2.76
C ALA A 29 -2.82 0.10 2.51
N VAL A 30 -3.50 0.56 1.48
CA VAL A 30 -4.80 0.01 1.12
C VAL A 30 -4.72 -1.52 1.21
N TYR A 31 -3.79 -2.09 0.48
CA TYR A 31 -3.60 -3.53 0.46
C TYR A 31 -3.56 -4.08 1.90
N TYR A 32 -2.47 -3.79 2.58
CA TYR A 32 -2.31 -4.25 3.96
C TYR A 32 -3.59 -4.03 4.76
N THR A 33 -4.02 -2.78 4.81
CA THR A 33 -5.23 -2.44 5.55
C THR A 33 -6.42 -3.23 5.02
N GLY A 34 -6.30 -3.65 3.76
CA GLY A 34 -7.35 -4.41 3.11
C GLY A 34 -8.50 -3.50 2.69
N ASN A 35 -8.14 -2.32 2.21
CA ASN A 35 -9.11 -1.35 1.76
C ASN A 35 -10.16 -1.15 2.86
N SER A 36 -9.98 -0.09 3.63
CA SER A 36 -10.89 0.22 4.72
C SER A 36 -10.97 1.74 4.92
N GLY A 37 -11.13 2.43 3.81
CA GLY A 37 -11.22 3.89 3.85
C GLY A 37 -9.84 4.53 3.69
N ALA A 38 -9.86 5.83 3.44
CA ALA A 38 -8.61 6.57 3.27
C ALA A 38 -7.98 6.81 4.63
N GLU A 39 -8.77 7.36 5.54
CA GLU A 39 -8.29 7.63 6.88
C GLU A 39 -7.48 6.46 7.42
N ALA A 40 -8.10 5.28 7.38
CA ALA A 40 -7.44 4.07 7.86
C ALA A 40 -6.14 3.86 7.06
N ALA A 41 -6.29 3.82 5.75
CA ALA A 41 -5.15 3.62 4.88
C ALA A 41 -4.04 4.62 5.26
N MET A 42 -4.41 5.89 5.24
CA MET A 42 -3.46 6.94 5.59
C MET A 42 -2.68 6.58 6.85
N ASN A 43 -3.43 6.30 7.92
CA ASN A 43 -2.82 5.95 9.19
C ASN A 43 -1.65 4.99 8.95
N TRP A 44 -1.97 3.87 8.31
CA TRP A 44 -0.96 2.88 8.02
C TRP A 44 0.24 3.59 7.40
N VAL A 45 -0.05 4.54 6.52
CA VAL A 45 0.99 5.30 5.86
C VAL A 45 1.70 6.19 6.88
N MET A 46 0.89 6.91 7.65
CA MET A 46 1.42 7.80 8.67
C MET A 46 2.33 7.04 9.64
N SER A 47 2.07 5.75 9.74
CA SER A 47 2.86 4.90 10.63
C SER A 47 4.09 4.37 9.89
N HIS A 48 3.86 3.88 8.69
CA HIS A 48 4.93 3.34 7.88
C HIS A 48 5.93 4.45 7.53
N MET A 49 5.39 5.51 6.95
CA MET A 49 6.22 6.65 6.57
C MET A 49 7.26 6.95 7.65
N ASP A 50 6.91 6.61 8.87
CA ASP A 50 7.80 6.85 10.00
C ASP A 50 9.18 6.29 9.68
N ASP A 51 9.18 5.20 8.90
CA ASP A 51 10.43 4.57 8.51
C ASP A 51 10.74 4.93 7.06
N PRO A 52 12.07 4.90 6.74
CA PRO A 52 12.52 5.23 5.39
C PRO A 52 12.22 4.08 4.42
N ASP A 53 11.81 2.95 5.00
CA ASP A 53 11.50 1.78 4.19
C ASP A 53 10.01 1.78 3.87
N PHE A 54 9.44 2.98 3.82
CA PHE A 54 8.03 3.13 3.52
C PHE A 54 7.80 3.26 2.02
N ALA A 55 8.55 4.17 1.41
CA ALA A 55 8.44 4.40 -0.02
C ALA A 55 8.81 3.11 -0.77
N ASN A 56 9.78 2.40 -0.23
CA ASN A 56 10.24 1.16 -0.83
C ASN A 56 9.03 0.37 -1.33
N PRO A 57 9.29 -0.51 -2.32
CA PRO A 57 8.24 -1.33 -2.90
C PRO A 57 7.84 -2.46 -1.95
N LEU A 58 6.91 -3.28 -2.41
CA LEU A 58 6.44 -4.41 -1.62
C LEU A 58 7.57 -5.43 -1.47
N ILE A 59 7.40 -6.31 -0.49
CA ILE A 59 8.40 -7.33 -0.24
C ILE A 59 8.91 -7.89 -1.57
N LEU A 60 10.21 -8.09 -1.63
CA LEU A 60 10.83 -8.62 -2.84
C LEU A 60 11.08 -10.12 -2.67
N PRO A 61 11.14 -10.83 -3.83
CA PRO A 61 11.37 -12.27 -3.82
C PRO A 61 12.83 -12.58 -3.51
N GLY A 62 13.18 -12.46 -2.24
CA GLY A 62 14.54 -12.72 -1.80
C GLY A 62 15.52 -11.71 -2.40
N SER A 63 15.56 -10.54 -1.77
CA SER A 63 16.44 -9.48 -2.22
C SER A 63 17.79 -10.07 -2.65
N SER A 64 18.16 -9.78 -3.88
CA SER A 64 19.43 -10.26 -4.42
C SER A 64 20.33 -9.08 -4.79
N GLY A 65 19.81 -8.23 -5.66
CA GLY A 65 20.56 -7.06 -6.09
C GLY A 65 19.83 -5.77 -5.73
N PRO A 66 20.00 -5.36 -4.44
CA PRO A 66 19.36 -4.15 -3.95
C PRO A 66 20.08 -2.91 -4.48
N GLY A 67 19.32 -1.82 -4.58
CA GLY A 67 19.86 -0.57 -5.07
C GLY A 67 19.51 0.58 -4.13
N SER A 68 20.12 0.55 -2.96
CA SER A 68 19.89 1.59 -1.96
C SER A 68 21.19 1.92 -1.24
N SER A 69 21.28 3.18 -0.81
CA SER A 69 22.46 3.65 -0.10
C SER A 69 22.05 4.33 1.19
N GLY A 70 21.29 5.41 1.05
CA GLY A 70 20.83 6.17 2.19
C GLY A 70 21.99 6.93 2.84
N PRO A 71 22.12 8.22 2.44
CA PRO A 71 23.18 9.07 2.98
C PRO A 71 22.85 9.52 4.40
N SER A 72 23.80 9.26 5.30
CA SER A 72 23.63 9.63 6.69
C SER A 72 23.32 11.12 6.80
N SER A 73 24.25 11.92 6.31
CA SER A 73 24.09 13.37 6.35
C SER A 73 23.59 13.87 5.00
N GLY A 74 22.99 15.06 5.03
CA GLY A 74 22.46 15.66 3.82
C GLY A 74 23.14 17.00 3.53
N GLY A 1 -18.74 1.48 11.41
CA GLY A 1 -19.69 0.38 11.53
C GLY A 1 -19.12 -0.91 10.95
N SER A 2 -20.01 -1.88 10.78
CA SER A 2 -19.60 -3.17 10.24
C SER A 2 -19.93 -3.23 8.74
N SER A 3 -18.92 -2.98 7.93
CA SER A 3 -19.08 -3.02 6.49
C SER A 3 -17.72 -2.86 5.80
N GLY A 4 -17.54 -3.64 4.74
CA GLY A 4 -16.30 -3.60 3.99
C GLY A 4 -16.40 -4.43 2.72
N SER A 5 -15.86 -3.89 1.64
CA SER A 5 -15.88 -4.57 0.36
C SER A 5 -14.49 -5.12 0.04
N SER A 6 -14.47 -6.07 -0.89
CA SER A 6 -13.21 -6.69 -1.30
C SER A 6 -12.60 -5.90 -2.45
N GLY A 7 -11.34 -6.24 -2.76
CA GLY A 7 -10.64 -5.57 -3.83
C GLY A 7 -9.93 -4.32 -3.34
N LEU A 8 -9.26 -3.64 -4.26
CA LEU A 8 -8.54 -2.42 -3.93
C LEU A 8 -9.29 -1.21 -4.49
N ASP A 9 -8.95 -0.05 -3.96
CA ASP A 9 -9.58 1.18 -4.40
C ASP A 9 -8.51 2.17 -4.87
N GLU A 10 -8.53 2.43 -6.17
CA GLU A 10 -7.57 3.35 -6.75
C GLU A 10 -7.88 4.79 -6.33
N SER A 11 -9.15 5.14 -6.44
CA SER A 11 -9.59 6.48 -6.06
C SER A 11 -8.91 6.91 -4.76
N VAL A 12 -8.76 5.95 -3.87
CA VAL A 12 -8.12 6.22 -2.59
C VAL A 12 -6.62 6.43 -2.80
N ILE A 13 -6.03 5.54 -3.59
CA ILE A 13 -4.61 5.61 -3.89
C ILE A 13 -4.30 6.97 -4.51
N ILE A 14 -5.07 7.31 -5.54
CA ILE A 14 -4.88 8.58 -6.22
C ILE A 14 -4.78 9.71 -5.20
N GLN A 15 -5.75 9.71 -4.30
CA GLN A 15 -5.79 10.74 -3.25
C GLN A 15 -4.44 10.82 -2.55
N LEU A 16 -4.05 9.71 -1.92
CA LEU A 16 -2.80 9.65 -1.21
C LEU A 16 -1.68 10.15 -2.12
N VAL A 17 -1.62 9.58 -3.31
CA VAL A 17 -0.60 9.95 -4.28
C VAL A 17 -0.70 11.45 -4.54
N GLU A 18 -1.92 11.95 -4.57
CA GLU A 18 -2.15 13.37 -4.81
C GLU A 18 -1.49 14.21 -3.72
N MET A 19 -1.61 13.73 -2.49
CA MET A 19 -1.03 14.42 -1.35
C MET A 19 0.49 14.49 -1.47
N GLY A 20 1.02 13.65 -2.35
CA GLY A 20 2.46 13.61 -2.57
C GLY A 20 3.08 12.36 -1.94
N PHE A 21 2.50 11.22 -2.29
CA PHE A 21 2.98 9.95 -1.77
C PHE A 21 3.25 8.96 -2.90
N PRO A 22 4.10 7.94 -2.60
CA PRO A 22 4.44 6.93 -3.58
C PRO A 22 3.29 5.94 -3.77
N MET A 23 2.86 5.82 -5.01
CA MET A 23 1.76 4.92 -5.35
C MET A 23 1.97 3.55 -4.69
N ASP A 24 3.06 2.90 -5.07
CA ASP A 24 3.38 1.60 -4.53
C ASP A 24 3.05 1.57 -3.03
N ALA A 25 3.64 2.51 -2.31
CA ALA A 25 3.41 2.61 -0.88
C ALA A 25 1.92 2.81 -0.60
N CYS A 26 1.31 3.65 -1.44
CA CYS A 26 -0.11 3.94 -1.30
C CYS A 26 -0.88 2.62 -1.47
N ARG A 27 -0.44 1.84 -2.45
CA ARG A 27 -1.08 0.56 -2.72
C ARG A 27 -0.77 -0.44 -1.61
N LYS A 28 0.30 -0.16 -0.88
CA LYS A 28 0.72 -1.02 0.22
C LYS A 28 -0.25 -0.84 1.39
N ALA A 29 -0.48 0.42 1.73
CA ALA A 29 -1.37 0.75 2.83
C ALA A 29 -2.74 0.09 2.60
N VAL A 30 -3.42 0.56 1.56
CA VAL A 30 -4.73 0.03 1.23
C VAL A 30 -4.68 -1.49 1.30
N TYR A 31 -3.72 -2.07 0.59
CA TYR A 31 -3.55 -3.51 0.57
C TYR A 31 -3.52 -4.08 2.00
N TYR A 32 -2.42 -3.80 2.68
CA TYR A 32 -2.25 -4.27 4.05
C TYR A 32 -3.53 -4.06 4.87
N THR A 33 -3.96 -2.81 4.92
CA THR A 33 -5.16 -2.47 5.66
C THR A 33 -6.36 -3.24 5.12
N GLY A 34 -6.26 -3.62 3.86
CA GLY A 34 -7.32 -4.36 3.21
C GLY A 34 -8.48 -3.44 2.82
N ASN A 35 -8.11 -2.32 2.21
CA ASN A 35 -9.09 -1.35 1.77
C ASN A 35 -10.09 -1.09 2.90
N SER A 36 -9.80 -0.05 3.67
CA SER A 36 -10.66 0.32 4.78
C SER A 36 -10.72 1.84 4.92
N GLY A 37 -11.09 2.49 3.83
CA GLY A 37 -11.19 3.94 3.80
C GLY A 37 -9.81 4.58 3.66
N ALA A 38 -9.83 5.87 3.35
CA ALA A 38 -8.59 6.61 3.19
C ALA A 38 -7.97 6.89 4.56
N GLU A 39 -8.78 7.49 5.43
CA GLU A 39 -8.33 7.81 6.77
C GLU A 39 -7.59 6.63 7.38
N ALA A 40 -8.30 5.51 7.48
CA ALA A 40 -7.74 4.30 8.04
C ALA A 40 -6.42 3.98 7.33
N ALA A 41 -6.53 3.73 6.04
CA ALA A 41 -5.36 3.42 5.24
C ALA A 41 -4.23 4.41 5.57
N MET A 42 -4.58 5.68 5.50
CA MET A 42 -3.62 6.73 5.78
C MET A 42 -2.79 6.40 7.03
N ASN A 43 -3.50 6.10 8.11
CA ASN A 43 -2.84 5.76 9.36
C ASN A 43 -1.65 4.85 9.07
N TRP A 44 -1.94 3.73 8.41
CA TRP A 44 -0.91 2.77 8.08
C TRP A 44 0.26 3.54 7.44
N VAL A 45 -0.08 4.45 6.55
CA VAL A 45 0.92 5.24 5.87
C VAL A 45 1.61 6.16 6.88
N MET A 46 0.79 6.83 7.67
CA MET A 46 1.30 7.75 8.68
C MET A 46 2.38 7.07 9.53
N SER A 47 2.30 5.75 9.60
CA SER A 47 3.26 4.98 10.37
C SER A 47 4.41 4.54 9.47
N HIS A 48 4.07 3.91 8.37
CA HIS A 48 5.06 3.43 7.42
C HIS A 48 5.92 4.61 6.96
N MET A 49 5.25 5.69 6.59
CA MET A 49 5.94 6.88 6.13
C MET A 49 7.12 7.21 7.03
N ASP A 50 7.03 6.76 8.27
CA ASP A 50 8.09 7.00 9.24
C ASP A 50 9.13 5.87 9.14
N ASP A 51 9.47 5.51 7.91
CA ASP A 51 10.43 4.45 7.68
C ASP A 51 10.93 4.53 6.23
N PRO A 52 12.19 4.05 6.03
CA PRO A 52 12.78 4.06 4.71
C PRO A 52 12.17 2.97 3.81
N ASP A 53 11.44 2.08 4.46
CA ASP A 53 10.81 0.99 3.74
C ASP A 53 9.39 1.40 3.35
N PHE A 54 9.21 2.70 3.16
CA PHE A 54 7.92 3.24 2.78
C PHE A 54 7.82 3.43 1.27
N ALA A 55 8.91 3.93 0.70
CA ALA A 55 8.95 4.16 -0.73
C ALA A 55 9.54 2.93 -1.43
N ASN A 56 9.50 1.81 -0.71
CA ASN A 56 10.02 0.56 -1.23
C ASN A 56 8.88 -0.21 -1.93
N PRO A 57 9.29 -1.11 -2.86
CA PRO A 57 8.32 -1.91 -3.59
C PRO A 57 7.74 -3.02 -2.71
N LEU A 58 6.53 -3.44 -3.05
CA LEU A 58 5.87 -4.50 -2.30
C LEU A 58 6.37 -5.86 -2.78
N ILE A 59 6.81 -6.66 -1.82
CA ILE A 59 7.33 -7.99 -2.14
C ILE A 59 8.49 -7.86 -3.11
N LEU A 60 9.68 -8.14 -2.60
CA LEU A 60 10.88 -8.06 -3.42
C LEU A 60 10.78 -9.08 -4.56
N PRO A 61 11.54 -8.80 -5.65
CA PRO A 61 11.54 -9.68 -6.81
C PRO A 61 12.36 -10.95 -6.53
N GLY A 62 13.62 -10.73 -6.16
CA GLY A 62 14.51 -11.84 -5.87
C GLY A 62 14.48 -12.18 -4.37
N SER A 63 14.40 -13.48 -4.10
CA SER A 63 14.36 -13.95 -2.73
C SER A 63 14.90 -15.39 -2.65
N SER A 64 16.22 -15.48 -2.55
CA SER A 64 16.87 -16.78 -2.47
C SER A 64 16.46 -17.50 -1.18
N GLY A 65 15.44 -18.33 -1.30
CA GLY A 65 14.94 -19.08 -0.16
C GLY A 65 13.88 -20.10 -0.58
N PRO A 66 12.89 -20.30 0.33
CA PRO A 66 11.82 -21.24 0.05
C PRO A 66 10.82 -20.67 -0.96
N GLY A 67 9.91 -21.52 -1.41
CA GLY A 67 8.91 -21.11 -2.36
C GLY A 67 8.06 -19.95 -1.83
N SER A 68 7.70 -19.05 -2.73
CA SER A 68 6.89 -17.90 -2.36
C SER A 68 6.15 -17.37 -3.58
N SER A 69 6.93 -16.95 -4.57
CA SER A 69 6.35 -16.41 -5.79
C SER A 69 5.27 -17.37 -6.33
N GLY A 70 4.33 -16.78 -7.05
CA GLY A 70 3.24 -17.55 -7.62
C GLY A 70 2.02 -17.54 -6.70
N PRO A 71 1.07 -16.62 -7.02
CA PRO A 71 -0.15 -16.50 -6.23
C PRO A 71 -1.11 -17.66 -6.52
N SER A 72 -1.08 -18.11 -7.77
CA SER A 72 -1.94 -19.20 -8.18
C SER A 72 -1.68 -19.56 -9.65
N SER A 73 -0.61 -20.33 -9.85
CA SER A 73 -0.24 -20.75 -11.19
C SER A 73 0.11 -19.52 -12.04
N GLY A 74 1.38 -19.14 -11.98
CA GLY A 74 1.85 -17.99 -12.73
C GLY A 74 0.95 -16.78 -12.51
N GLY A 1 -16.93 -5.30 7.51
CA GLY A 1 -15.77 -5.30 8.39
C GLY A 1 -14.77 -6.38 7.99
N SER A 2 -15.22 -7.62 8.10
CA SER A 2 -14.37 -8.75 7.75
C SER A 2 -14.37 -8.95 6.23
N SER A 3 -15.56 -9.17 5.69
CA SER A 3 -15.70 -9.37 4.26
C SER A 3 -16.82 -8.49 3.71
N GLY A 4 -16.43 -7.33 3.22
CA GLY A 4 -17.39 -6.38 2.67
C GLY A 4 -17.09 -6.10 1.20
N SER A 5 -15.90 -5.59 0.96
CA SER A 5 -15.49 -5.26 -0.41
C SER A 5 -14.30 -6.15 -0.81
N SER A 6 -14.48 -6.85 -1.92
CA SER A 6 -13.44 -7.73 -2.43
C SER A 6 -12.69 -7.05 -3.57
N GLY A 7 -11.65 -6.31 -3.19
CA GLY A 7 -10.84 -5.60 -4.17
C GLY A 7 -10.21 -4.36 -3.55
N LEU A 8 -9.40 -3.68 -4.35
CA LEU A 8 -8.71 -2.48 -3.90
C LEU A 8 -9.45 -1.26 -4.45
N ASP A 9 -9.16 -0.11 -3.85
CA ASP A 9 -9.79 1.13 -4.26
C ASP A 9 -8.70 2.11 -4.71
N GLU A 10 -8.67 2.37 -6.00
CA GLU A 10 -7.70 3.29 -6.57
C GLU A 10 -7.99 4.73 -6.11
N SER A 11 -9.27 5.07 -6.15
CA SER A 11 -9.69 6.40 -5.74
C SER A 11 -8.95 6.82 -4.46
N VAL A 12 -8.71 5.85 -3.62
CA VAL A 12 -8.01 6.10 -2.37
C VAL A 12 -6.53 6.36 -2.66
N ILE A 13 -5.92 5.43 -3.37
CA ILE A 13 -4.52 5.55 -3.72
C ILE A 13 -4.27 6.93 -4.34
N ILE A 14 -5.10 7.27 -5.31
CA ILE A 14 -4.98 8.55 -5.98
C ILE A 14 -4.86 9.66 -4.93
N GLN A 15 -5.82 9.68 -4.03
CA GLN A 15 -5.85 10.67 -2.97
C GLN A 15 -4.50 10.74 -2.28
N LEU A 16 -4.11 9.62 -1.68
CA LEU A 16 -2.85 9.53 -0.98
C LEU A 16 -1.73 10.09 -1.88
N VAL A 17 -1.70 9.58 -3.11
CA VAL A 17 -0.70 10.03 -4.06
C VAL A 17 -0.82 11.53 -4.27
N GLU A 18 -2.07 12.01 -4.26
CA GLU A 18 -2.32 13.42 -4.45
C GLU A 18 -1.61 14.24 -3.37
N MET A 19 -1.38 13.60 -2.24
CA MET A 19 -0.71 14.26 -1.13
C MET A 19 0.81 14.31 -1.36
N GLY A 20 1.25 13.54 -2.34
CA GLY A 20 2.66 13.49 -2.69
C GLY A 20 3.30 12.20 -2.15
N PHE A 21 2.65 11.09 -2.45
CA PHE A 21 3.16 9.80 -2.01
C PHE A 21 3.32 8.84 -3.20
N PRO A 22 4.19 7.82 -2.99
CA PRO A 22 4.44 6.84 -4.03
C PRO A 22 3.27 5.86 -4.15
N MET A 23 2.83 5.67 -5.39
CA MET A 23 1.71 4.76 -5.66
C MET A 23 1.89 3.43 -4.91
N ASP A 24 2.95 2.72 -5.27
CA ASP A 24 3.24 1.45 -4.65
C ASP A 24 2.96 1.54 -3.15
N ALA A 25 3.75 2.38 -2.49
CA ALA A 25 3.60 2.58 -1.05
C ALA A 25 2.12 2.80 -0.73
N CYS A 26 1.50 3.68 -1.51
CA CYS A 26 0.10 3.98 -1.31
C CYS A 26 -0.70 2.69 -1.43
N ARG A 27 -0.33 1.88 -2.40
CA ARG A 27 -1.00 0.61 -2.63
C ARG A 27 -0.74 -0.35 -1.45
N LYS A 28 0.46 -0.24 -0.90
CA LYS A 28 0.84 -1.08 0.22
C LYS A 28 -0.15 -0.87 1.37
N ALA A 29 -0.36 0.40 1.70
CA ALA A 29 -1.27 0.75 2.78
C ALA A 29 -2.63 0.12 2.52
N VAL A 30 -3.31 0.63 1.49
CA VAL A 30 -4.63 0.13 1.13
C VAL A 30 -4.62 -1.40 1.24
N TYR A 31 -3.69 -2.01 0.53
CA TYR A 31 -3.57 -3.46 0.53
C TYR A 31 -3.57 -4.00 1.97
N TYR A 32 -2.50 -3.71 2.69
CA TYR A 32 -2.36 -4.15 4.06
C TYR A 32 -3.64 -3.84 4.86
N THR A 33 -4.21 -2.69 4.56
CA THR A 33 -5.43 -2.27 5.25
C THR A 33 -6.66 -2.78 4.51
N GLY A 34 -6.44 -3.81 3.71
CA GLY A 34 -7.53 -4.40 2.94
C GLY A 34 -8.50 -3.33 2.44
N ASN A 35 -7.92 -2.27 1.90
CA ASN A 35 -8.71 -1.16 1.38
C ASN A 35 -9.88 -0.89 2.33
N SER A 36 -9.54 -0.41 3.51
CA SER A 36 -10.54 -0.10 4.52
C SER A 36 -11.11 1.30 4.28
N GLY A 37 -10.21 2.21 3.93
CA GLY A 37 -10.61 3.58 3.68
C GLY A 37 -9.38 4.51 3.62
N ALA A 38 -9.55 5.63 2.93
CA ALA A 38 -8.47 6.59 2.79
C ALA A 38 -7.92 6.92 4.18
N GLU A 39 -8.78 7.48 5.01
CA GLU A 39 -8.39 7.85 6.36
C GLU A 39 -7.71 6.67 7.06
N ALA A 40 -8.43 5.56 7.13
CA ALA A 40 -7.91 4.37 7.77
C ALA A 40 -6.54 4.04 7.19
N ALA A 41 -6.53 3.77 5.88
CA ALA A 41 -5.30 3.45 5.20
C ALA A 41 -4.22 4.48 5.56
N MET A 42 -4.59 5.74 5.41
CA MET A 42 -3.68 6.83 5.72
C MET A 42 -2.84 6.50 6.96
N ASN A 43 -3.54 6.20 8.05
CA ASN A 43 -2.87 5.86 9.29
C ASN A 43 -1.69 4.94 9.01
N TRP A 44 -1.98 3.87 8.29
CA TRP A 44 -0.96 2.90 7.93
C TRP A 44 0.21 3.65 7.29
N VAL A 45 -0.15 4.58 6.41
CA VAL A 45 0.85 5.39 5.72
C VAL A 45 1.60 6.25 6.74
N MET A 46 0.83 6.92 7.58
CA MET A 46 1.41 7.78 8.59
C MET A 46 2.33 6.99 9.52
N SER A 47 2.12 5.68 9.54
CA SER A 47 2.91 4.81 10.38
C SER A 47 4.12 4.28 9.60
N HIS A 48 3.96 4.26 8.28
CA HIS A 48 5.02 3.78 7.40
C HIS A 48 5.89 4.97 6.97
N MET A 49 5.26 5.90 6.26
CA MET A 49 5.97 7.07 5.78
C MET A 49 6.91 7.62 6.84
N ASP A 50 6.55 7.37 8.10
CA ASP A 50 7.36 7.83 9.21
C ASP A 50 8.81 7.43 8.98
N ASP A 51 8.99 6.40 8.17
CA ASP A 51 10.34 5.92 7.86
C ASP A 51 10.59 6.06 6.36
N PRO A 52 11.90 6.10 5.99
CA PRO A 52 12.27 6.23 4.60
C PRO A 52 12.08 4.92 3.85
N ASP A 53 11.69 3.89 4.60
CA ASP A 53 11.47 2.58 4.03
C ASP A 53 9.98 2.42 3.69
N PHE A 54 9.35 3.57 3.41
CA PHE A 54 7.93 3.57 3.07
C PHE A 54 7.74 3.61 1.55
N ALA A 55 8.54 4.46 0.91
CA ALA A 55 8.45 4.60 -0.53
C ALA A 55 8.85 3.28 -1.20
N ASN A 56 9.67 2.53 -0.49
CA ASN A 56 10.14 1.24 -1.00
C ASN A 56 8.97 0.52 -1.68
N PRO A 57 9.34 -0.42 -2.59
CA PRO A 57 8.33 -1.19 -3.32
C PRO A 57 7.70 -2.25 -2.41
N LEU A 58 6.77 -3.00 -3.00
CA LEU A 58 6.09 -4.04 -2.27
C LEU A 58 6.71 -5.40 -2.62
N ILE A 59 7.31 -6.02 -1.61
CA ILE A 59 7.94 -7.31 -1.80
C ILE A 59 6.99 -8.23 -2.58
N LEU A 60 7.39 -8.52 -3.82
CA LEU A 60 6.59 -9.38 -4.67
C LEU A 60 6.25 -10.66 -3.91
N PRO A 61 5.12 -11.30 -4.35
CA PRO A 61 4.66 -12.53 -3.72
C PRO A 61 5.53 -13.71 -4.15
N GLY A 62 6.17 -14.33 -3.17
CA GLY A 62 7.02 -15.48 -3.43
C GLY A 62 6.19 -16.74 -3.68
N SER A 63 6.73 -17.60 -4.53
CA SER A 63 6.05 -18.84 -4.87
C SER A 63 7.07 -19.91 -5.24
N SER A 64 7.82 -19.63 -6.30
CA SER A 64 8.84 -20.56 -6.76
C SER A 64 9.95 -20.69 -5.70
N GLY A 65 9.91 -21.80 -4.99
CA GLY A 65 10.90 -22.06 -3.95
C GLY A 65 10.92 -20.93 -2.92
N PRO A 66 12.14 -20.65 -2.38
CA PRO A 66 12.29 -19.61 -1.39
C PRO A 66 12.21 -18.22 -2.03
N GLY A 67 12.99 -18.04 -3.09
CA GLY A 67 13.02 -16.78 -3.79
C GLY A 67 13.37 -15.63 -2.85
N SER A 68 12.98 -14.43 -3.26
CA SER A 68 13.25 -13.24 -2.46
C SER A 68 14.76 -13.08 -2.26
N SER A 69 15.14 -11.86 -1.88
CA SER A 69 16.53 -11.56 -1.65
C SER A 69 16.67 -10.41 -0.65
N GLY A 70 17.77 -10.43 0.09
CA GLY A 70 18.02 -9.40 1.08
C GLY A 70 19.20 -9.78 1.98
N PRO A 71 20.40 -9.24 1.62
CA PRO A 71 21.60 -9.52 2.38
C PRO A 71 21.61 -8.75 3.70
N SER A 72 20.61 -9.04 4.53
CA SER A 72 20.49 -8.38 5.81
C SER A 72 20.54 -9.41 6.93
N SER A 73 21.23 -9.04 8.01
CA SER A 73 21.36 -9.92 9.15
C SER A 73 20.00 -10.46 9.57
N GLY A 74 19.10 -9.54 9.89
CA GLY A 74 17.76 -9.90 10.31
C GLY A 74 17.59 -9.75 11.82
N GLY A 1 -25.97 -10.69 -8.89
CA GLY A 1 -24.77 -10.00 -8.42
C GLY A 1 -24.94 -8.48 -8.55
N SER A 2 -23.81 -7.79 -8.45
CA SER A 2 -23.82 -6.34 -8.55
C SER A 2 -22.38 -5.81 -8.55
N SER A 3 -22.03 -5.13 -9.63
CA SER A 3 -20.70 -4.58 -9.77
C SER A 3 -19.67 -5.70 -9.99
N GLY A 4 -19.60 -6.58 -9.01
CA GLY A 4 -18.67 -7.70 -9.08
C GLY A 4 -18.03 -7.96 -7.72
N SER A 5 -16.71 -7.86 -7.69
CA SER A 5 -15.95 -8.07 -6.46
C SER A 5 -15.51 -6.74 -5.88
N SER A 6 -14.69 -6.03 -6.64
CA SER A 6 -14.18 -4.75 -6.20
C SER A 6 -13.57 -4.87 -4.80
N GLY A 7 -12.28 -5.13 -4.78
CA GLY A 7 -11.57 -5.27 -3.52
C GLY A 7 -10.86 -3.97 -3.14
N LEU A 8 -9.78 -3.69 -3.88
CA LEU A 8 -9.01 -2.48 -3.63
C LEU A 8 -9.68 -1.30 -4.31
N ASP A 9 -9.18 -0.12 -4.02
CA ASP A 9 -9.72 1.11 -4.59
C ASP A 9 -8.57 2.04 -4.98
N GLU A 10 -8.61 2.47 -6.23
CA GLU A 10 -7.57 3.36 -6.74
C GLU A 10 -7.86 4.80 -6.31
N SER A 11 -9.14 5.15 -6.33
CA SER A 11 -9.56 6.48 -5.94
C SER A 11 -8.89 6.88 -4.62
N VAL A 12 -8.76 5.90 -3.75
CA VAL A 12 -8.15 6.13 -2.44
C VAL A 12 -6.64 6.34 -2.63
N ILE A 13 -6.07 5.54 -3.52
CA ILE A 13 -4.64 5.62 -3.79
C ILE A 13 -4.33 7.00 -4.41
N ILE A 14 -5.08 7.33 -5.44
CA ILE A 14 -4.89 8.60 -6.13
C ILE A 14 -4.79 9.72 -5.08
N GLN A 15 -5.78 9.75 -4.19
CA GLN A 15 -5.81 10.76 -3.15
C GLN A 15 -4.45 10.83 -2.44
N LEU A 16 -4.09 9.72 -1.81
CA LEU A 16 -2.83 9.64 -1.10
C LEU A 16 -1.70 10.18 -1.99
N VAL A 17 -1.65 9.65 -3.19
CA VAL A 17 -0.63 10.06 -4.15
C VAL A 17 -0.73 11.57 -4.38
N GLU A 18 -1.97 12.05 -4.40
CA GLU A 18 -2.21 13.47 -4.61
C GLU A 18 -1.46 14.29 -3.55
N MET A 19 -1.43 13.75 -2.34
CA MET A 19 -0.75 14.43 -1.24
C MET A 19 0.77 14.48 -1.49
N GLY A 20 1.22 13.61 -2.37
CA GLY A 20 2.64 13.55 -2.70
C GLY A 20 3.28 12.30 -2.11
N PHE A 21 2.70 11.15 -2.46
CA PHE A 21 3.21 9.88 -1.98
C PHE A 21 3.37 8.88 -3.13
N PRO A 22 4.23 7.86 -2.89
CA PRO A 22 4.48 6.84 -3.90
C PRO A 22 3.30 5.87 -3.99
N MET A 23 2.91 5.59 -5.22
CA MET A 23 1.81 4.68 -5.47
C MET A 23 1.97 3.39 -4.66
N ASP A 24 3.03 2.66 -4.96
CA ASP A 24 3.31 1.41 -4.28
C ASP A 24 3.01 1.58 -2.79
N ALA A 25 3.69 2.52 -2.17
CA ALA A 25 3.51 2.78 -0.76
C ALA A 25 2.01 2.93 -0.46
N CYS A 26 1.35 3.69 -1.33
CA CYS A 26 -0.08 3.91 -1.18
C CYS A 26 -0.80 2.56 -1.30
N ARG A 27 -0.55 1.90 -2.42
CA ARG A 27 -1.17 0.61 -2.66
C ARG A 27 -0.89 -0.34 -1.50
N LYS A 28 0.29 -0.19 -0.92
CA LYS A 28 0.70 -1.03 0.19
C LYS A 28 -0.30 -0.85 1.34
N ALA A 29 -0.46 0.40 1.77
CA ALA A 29 -1.37 0.70 2.85
C ALA A 29 -2.72 0.06 2.56
N VAL A 30 -3.37 0.54 1.51
CA VAL A 30 -4.67 0.01 1.12
C VAL A 30 -4.66 -1.51 1.23
N TYR A 31 -3.75 -2.12 0.49
CA TYR A 31 -3.62 -3.57 0.49
C TYR A 31 -3.59 -4.11 1.93
N TYR A 32 -2.52 -3.77 2.63
CA TYR A 32 -2.36 -4.21 4.01
C TYR A 32 -3.63 -3.96 4.81
N THR A 33 -4.23 -2.80 4.59
CA THR A 33 -5.45 -2.44 5.28
C THR A 33 -6.67 -2.92 4.51
N GLY A 34 -6.44 -3.89 3.63
CA GLY A 34 -7.50 -4.43 2.82
C GLY A 34 -8.49 -3.35 2.39
N ASN A 35 -7.93 -2.24 1.92
CA ASN A 35 -8.75 -1.13 1.48
C ASN A 35 -9.92 -0.95 2.44
N SER A 36 -9.67 -0.20 3.51
CA SER A 36 -10.69 0.05 4.50
C SER A 36 -10.87 1.56 4.71
N GLY A 37 -10.96 2.26 3.59
CA GLY A 37 -11.13 3.70 3.62
C GLY A 37 -9.79 4.42 3.48
N ALA A 38 -9.86 5.72 3.28
CA ALA A 38 -8.66 6.53 3.12
C ALA A 38 -8.04 6.78 4.50
N GLU A 39 -8.86 7.32 5.40
CA GLU A 39 -8.40 7.61 6.74
C GLU A 39 -7.62 6.43 7.31
N ALA A 40 -8.29 5.29 7.39
CA ALA A 40 -7.68 4.08 7.91
C ALA A 40 -6.34 3.86 7.20
N ALA A 41 -6.42 3.59 5.91
CA ALA A 41 -5.22 3.35 5.12
C ALA A 41 -4.17 4.39 5.48
N MET A 42 -4.54 5.65 5.34
CA MET A 42 -3.63 6.75 5.65
C MET A 42 -2.81 6.43 6.90
N ASN A 43 -3.51 6.17 7.99
CA ASN A 43 -2.86 5.85 9.24
C ASN A 43 -1.67 4.93 8.98
N TRP A 44 -1.98 3.79 8.36
CA TRP A 44 -0.96 2.81 8.05
C TRP A 44 0.22 3.56 7.41
N VAL A 45 -0.10 4.45 6.50
CA VAL A 45 0.92 5.23 5.81
C VAL A 45 1.58 6.17 6.82
N MET A 46 0.76 7.00 7.44
CA MET A 46 1.25 7.96 8.42
C MET A 46 2.38 7.36 9.26
N SER A 47 2.29 6.05 9.44
CA SER A 47 3.31 5.33 10.22
C SER A 47 4.41 4.82 9.30
N HIS A 48 4.00 4.01 8.33
CA HIS A 48 4.94 3.43 7.38
C HIS A 48 5.84 4.54 6.82
N MET A 49 5.22 5.69 6.57
CA MET A 49 5.94 6.83 6.04
C MET A 49 7.10 7.21 6.96
N ASP A 50 7.05 6.70 8.18
CA ASP A 50 8.08 6.99 9.16
C ASP A 50 9.18 5.93 9.07
N ASP A 51 9.52 5.60 7.83
CA ASP A 51 10.55 4.60 7.59
C ASP A 51 11.07 4.75 6.15
N PRO A 52 12.36 4.34 5.97
CA PRO A 52 12.98 4.42 4.66
C PRO A 52 12.46 3.33 3.72
N ASP A 53 11.83 2.33 4.33
CA ASP A 53 11.27 1.23 3.57
C ASP A 53 9.82 1.52 3.23
N PHE A 54 9.51 2.81 3.13
CA PHE A 54 8.16 3.25 2.82
C PHE A 54 7.93 3.27 1.30
N ALA A 55 8.87 3.91 0.61
CA ALA A 55 8.78 4.01 -0.84
C ALA A 55 9.05 2.65 -1.46
N ASN A 56 9.99 1.93 -0.85
CA ASN A 56 10.36 0.61 -1.34
C ASN A 56 9.09 -0.15 -1.74
N PRO A 57 9.29 -1.16 -2.63
CA PRO A 57 8.17 -1.97 -3.09
C PRO A 57 7.72 -2.96 -2.01
N LEU A 58 6.87 -3.89 -2.43
CA LEU A 58 6.36 -4.89 -1.51
C LEU A 58 7.39 -6.01 -1.36
N ILE A 59 7.30 -6.69 -0.23
CA ILE A 59 8.22 -7.79 0.05
C ILE A 59 8.33 -8.68 -1.17
N LEU A 60 9.53 -8.71 -1.74
CA LEU A 60 9.78 -9.53 -2.92
C LEU A 60 9.19 -10.92 -2.71
N PRO A 61 8.97 -11.63 -3.85
CA PRO A 61 8.42 -12.97 -3.80
C PRO A 61 9.46 -13.98 -3.33
N GLY A 62 8.97 -15.04 -2.68
CA GLY A 62 9.85 -16.07 -2.17
C GLY A 62 10.56 -16.80 -3.30
N SER A 63 10.10 -18.00 -3.58
CA SER A 63 10.69 -18.81 -4.64
C SER A 63 10.44 -18.15 -5.99
N SER A 64 11.52 -17.80 -6.67
CA SER A 64 11.44 -17.16 -7.97
C SER A 64 12.76 -17.32 -8.72
N GLY A 65 12.69 -17.15 -10.03
CA GLY A 65 13.87 -17.28 -10.87
C GLY A 65 15.10 -16.70 -10.18
N PRO A 66 15.90 -17.62 -9.56
CA PRO A 66 17.10 -17.21 -8.87
C PRO A 66 18.21 -16.84 -9.85
N GLY A 67 18.86 -15.72 -9.57
CA GLY A 67 19.94 -15.24 -10.43
C GLY A 67 19.98 -13.72 -10.47
N SER A 68 20.74 -13.16 -9.53
CA SER A 68 20.88 -11.72 -9.45
C SER A 68 21.58 -11.18 -10.70
N SER A 69 20.97 -10.15 -11.29
CA SER A 69 21.51 -9.55 -12.48
C SER A 69 21.55 -8.02 -12.32
N GLY A 70 22.76 -7.52 -12.09
CA GLY A 70 22.95 -6.09 -11.91
C GLY A 70 24.33 -5.79 -11.33
N PRO A 71 25.35 -5.85 -12.22
CA PRO A 71 26.72 -5.58 -11.80
C PRO A 71 26.94 -4.08 -11.59
N SER A 72 26.66 -3.64 -10.38
CA SER A 72 26.82 -2.25 -10.03
C SER A 72 28.26 -1.79 -10.31
N SER A 73 28.40 -1.04 -11.38
CA SER A 73 29.71 -0.54 -11.77
C SER A 73 30.64 -1.71 -12.10
N GLY A 74 31.59 -1.45 -12.98
CA GLY A 74 32.55 -2.47 -13.39
C GLY A 74 32.69 -2.53 -14.90
N GLY A 1 -14.65 -2.76 10.81
CA GLY A 1 -15.40 -3.43 9.76
C GLY A 1 -14.99 -2.92 8.38
N SER A 2 -14.87 -3.84 7.44
CA SER A 2 -14.49 -3.50 6.08
C SER A 2 -15.27 -4.35 5.08
N SER A 3 -15.60 -3.73 3.96
CA SER A 3 -16.35 -4.42 2.92
C SER A 3 -15.41 -5.27 2.07
N GLY A 4 -15.51 -6.57 2.25
CA GLY A 4 -14.67 -7.51 1.51
C GLY A 4 -15.39 -8.01 0.25
N SER A 5 -15.33 -7.19 -0.79
CA SER A 5 -15.97 -7.53 -2.05
C SER A 5 -15.10 -7.07 -3.21
N SER A 6 -14.85 -5.77 -3.24
CA SER A 6 -14.03 -5.19 -4.29
C SER A 6 -12.59 -5.64 -4.14
N GLY A 7 -12.00 -5.29 -3.01
CA GLY A 7 -10.62 -5.64 -2.73
C GLY A 7 -9.77 -4.40 -2.48
N LEU A 8 -9.47 -3.69 -3.57
CA LEU A 8 -8.67 -2.49 -3.48
C LEU A 8 -9.44 -1.32 -4.13
N ASP A 9 -8.96 -0.11 -3.85
CA ASP A 9 -9.58 1.08 -4.40
C ASP A 9 -8.49 2.07 -4.80
N GLU A 10 -8.37 2.28 -6.10
CA GLU A 10 -7.38 3.20 -6.62
C GLU A 10 -7.69 4.63 -6.17
N SER A 11 -8.98 4.94 -6.13
CA SER A 11 -9.42 6.26 -5.72
C SER A 11 -8.70 6.67 -4.44
N VAL A 12 -8.51 5.70 -3.56
CA VAL A 12 -7.83 5.96 -2.29
C VAL A 12 -6.35 6.23 -2.56
N ILE A 13 -5.77 5.39 -3.40
CA ILE A 13 -4.36 5.53 -3.75
C ILE A 13 -4.13 6.93 -4.35
N ILE A 14 -4.97 7.26 -5.32
CA ILE A 14 -4.87 8.54 -5.99
C ILE A 14 -4.78 9.65 -4.95
N GLN A 15 -5.77 9.67 -4.06
CA GLN A 15 -5.82 10.67 -3.01
C GLN A 15 -4.47 10.76 -2.31
N LEU A 16 -4.03 9.62 -1.77
CA LEU A 16 -2.76 9.56 -1.08
C LEU A 16 -1.66 10.11 -1.98
N VAL A 17 -1.63 9.61 -3.20
CA VAL A 17 -0.64 10.02 -4.17
C VAL A 17 -0.77 11.53 -4.40
N GLU A 18 -2.01 12.01 -4.30
CA GLU A 18 -2.28 13.42 -4.50
C GLU A 18 -1.58 14.25 -3.42
N MET A 19 -1.63 13.74 -2.21
CA MET A 19 -1.01 14.43 -1.08
C MET A 19 0.50 14.57 -1.29
N GLY A 20 1.04 13.65 -2.07
CA GLY A 20 2.46 13.65 -2.36
C GLY A 20 3.15 12.40 -1.81
N PHE A 21 2.65 11.25 -2.25
CA PHE A 21 3.20 9.98 -1.80
C PHE A 21 3.35 9.01 -2.98
N PRO A 22 4.20 7.97 -2.76
CA PRO A 22 4.44 6.96 -3.78
C PRO A 22 3.24 6.01 -3.90
N MET A 23 2.81 5.82 -5.14
CA MET A 23 1.68 4.94 -5.40
C MET A 23 1.89 3.56 -4.77
N ASP A 24 3.02 2.94 -5.13
CA ASP A 24 3.35 1.64 -4.61
C ASP A 24 3.00 1.57 -3.13
N ALA A 25 3.56 2.52 -2.38
CA ALA A 25 3.31 2.58 -0.95
C ALA A 25 1.82 2.78 -0.70
N CYS A 26 1.21 3.60 -1.55
CA CYS A 26 -0.20 3.89 -1.43
C CYS A 26 -0.98 2.58 -1.62
N ARG A 27 -0.47 1.77 -2.54
CA ARG A 27 -1.11 0.49 -2.83
C ARG A 27 -0.79 -0.52 -1.72
N LYS A 28 0.25 -0.21 -0.97
CA LYS A 28 0.67 -1.08 0.13
C LYS A 28 -0.27 -0.87 1.32
N ALA A 29 -0.46 0.39 1.67
CA ALA A 29 -1.33 0.73 2.79
C ALA A 29 -2.71 0.12 2.56
N VAL A 30 -3.37 0.63 1.53
CA VAL A 30 -4.70 0.15 1.18
C VAL A 30 -4.75 -1.37 1.36
N TYR A 31 -3.83 -2.05 0.67
CA TYR A 31 -3.75 -3.49 0.74
C TYR A 31 -3.70 -3.97 2.19
N TYR A 32 -2.61 -3.63 2.86
CA TYR A 32 -2.43 -4.01 4.24
C TYR A 32 -3.65 -3.65 5.09
N THR A 33 -4.42 -2.70 4.57
CA THR A 33 -5.62 -2.25 5.25
C THR A 33 -6.87 -2.74 4.52
N GLY A 34 -6.72 -3.85 3.82
CA GLY A 34 -7.81 -4.43 3.07
C GLY A 34 -8.69 -3.34 2.46
N ASN A 35 -8.06 -2.23 2.11
CA ASN A 35 -8.77 -1.10 1.53
C ASN A 35 -9.99 -0.77 2.38
N SER A 36 -9.71 -0.30 3.59
CA SER A 36 -10.77 0.06 4.52
C SER A 36 -11.30 1.46 4.20
N GLY A 37 -10.36 2.39 4.01
CA GLY A 37 -10.71 3.76 3.70
C GLY A 37 -9.46 4.64 3.61
N ALA A 38 -9.64 5.79 2.97
CA ALA A 38 -8.54 6.73 2.82
C ALA A 38 -7.92 7.01 4.19
N GLU A 39 -8.75 7.51 5.10
CA GLU A 39 -8.30 7.83 6.44
C GLU A 39 -7.63 6.60 7.08
N ALA A 40 -8.41 5.54 7.20
CA ALA A 40 -7.91 4.31 7.79
C ALA A 40 -6.54 3.98 7.18
N ALA A 41 -6.54 3.78 5.87
CA ALA A 41 -5.32 3.45 5.17
C ALA A 41 -4.24 4.47 5.53
N MET A 42 -4.60 5.73 5.39
CA MET A 42 -3.68 6.82 5.70
C MET A 42 -2.83 6.47 6.93
N ASN A 43 -3.52 6.18 8.01
CA ASN A 43 -2.85 5.83 9.25
C ASN A 43 -1.65 4.91 8.95
N TRP A 44 -1.96 3.82 8.28
CA TRP A 44 -0.93 2.85 7.92
C TRP A 44 0.22 3.62 7.27
N VAL A 45 -0.14 4.52 6.38
CA VAL A 45 0.85 5.32 5.67
C VAL A 45 1.58 6.22 6.68
N MET A 46 0.78 6.93 7.46
CA MET A 46 1.33 7.83 8.46
C MET A 46 2.40 7.13 9.30
N SER A 47 2.28 5.81 9.39
CA SER A 47 3.21 5.01 10.15
C SER A 47 4.39 4.61 9.26
N HIS A 48 4.07 3.80 8.25
CA HIS A 48 5.09 3.33 7.33
C HIS A 48 5.96 4.50 6.87
N MET A 49 5.29 5.61 6.57
CA MET A 49 5.99 6.80 6.12
C MET A 49 7.10 7.18 7.11
N ASP A 50 6.98 6.66 8.32
CA ASP A 50 7.95 6.95 9.36
C ASP A 50 9.33 6.46 8.90
N ASP A 51 9.32 5.41 8.09
CA ASP A 51 10.55 4.83 7.58
C ASP A 51 10.76 5.30 6.14
N PRO A 52 12.06 5.44 5.77
CA PRO A 52 12.41 5.88 4.43
C PRO A 52 12.21 4.75 3.42
N ASP A 53 11.92 3.56 3.94
CA ASP A 53 11.70 2.41 3.10
C ASP A 53 10.21 2.28 2.79
N PHE A 54 9.54 3.41 2.80
CA PHE A 54 8.11 3.44 2.53
C PHE A 54 7.84 3.71 1.05
N ALA A 55 8.77 4.41 0.43
CA ALA A 55 8.65 4.73 -0.99
C ALA A 55 9.16 3.56 -1.82
N ASN A 56 9.47 2.47 -1.13
CA ASN A 56 9.96 1.28 -1.80
C ASN A 56 8.78 0.53 -2.43
N PRO A 57 9.13 -0.51 -3.23
CA PRO A 57 8.12 -1.31 -3.90
C PRO A 57 7.44 -2.26 -2.91
N LEU A 58 6.53 -3.06 -3.44
CA LEU A 58 5.80 -4.02 -2.62
C LEU A 58 6.28 -5.43 -2.94
N ILE A 59 6.46 -6.22 -1.89
CA ILE A 59 6.91 -7.59 -2.04
C ILE A 59 6.11 -8.27 -3.15
N LEU A 60 6.83 -8.96 -4.03
CA LEU A 60 6.20 -9.66 -5.13
C LEU A 60 5.30 -10.78 -4.59
N PRO A 61 4.29 -11.15 -5.40
CA PRO A 61 3.36 -12.20 -5.02
C PRO A 61 4.01 -13.58 -5.12
N GLY A 62 3.99 -14.31 -4.02
CA GLY A 62 4.57 -15.63 -3.98
C GLY A 62 5.84 -15.65 -3.13
N SER A 63 6.71 -16.59 -3.45
CA SER A 63 7.97 -16.72 -2.73
C SER A 63 9.00 -15.75 -3.29
N SER A 64 9.02 -14.56 -2.74
CA SER A 64 9.96 -13.53 -3.17
C SER A 64 10.40 -12.68 -1.98
N GLY A 65 11.55 -13.03 -1.45
CA GLY A 65 12.10 -12.31 -0.30
C GLY A 65 11.25 -12.55 0.95
N PRO A 66 11.90 -12.34 2.13
CA PRO A 66 11.23 -12.53 3.40
C PRO A 66 10.26 -11.38 3.68
N GLY A 67 10.82 -10.17 3.69
CA GLY A 67 10.02 -8.99 3.95
C GLY A 67 10.04 -8.62 5.43
N SER A 68 8.91 -8.83 6.08
CA SER A 68 8.78 -8.53 7.50
C SER A 68 8.93 -7.02 7.73
N SER A 69 8.03 -6.49 8.55
CA SER A 69 8.05 -5.07 8.85
C SER A 69 7.28 -4.81 10.15
N GLY A 70 8.05 -4.71 11.23
CA GLY A 70 7.46 -4.47 12.54
C GLY A 70 7.83 -3.08 13.05
N PRO A 71 6.89 -2.11 12.85
CA PRO A 71 7.11 -0.75 13.28
C PRO A 71 6.95 -0.62 14.79
N SER A 72 7.21 0.58 15.28
CA SER A 72 7.10 0.85 16.71
C SER A 72 6.26 2.11 16.94
N SER A 73 6.74 3.21 16.38
CA SER A 73 6.05 4.48 16.51
C SER A 73 4.95 4.60 15.45
N GLY A 74 4.00 5.47 15.73
CA GLY A 74 2.88 5.69 14.81
C GLY A 74 1.55 5.70 15.56
N GLY A 1 -13.52 -14.97 -1.56
CA GLY A 1 -14.52 -14.09 -2.14
C GLY A 1 -15.00 -14.64 -3.49
N SER A 2 -15.75 -15.73 -3.42
CA SER A 2 -16.28 -16.36 -4.61
C SER A 2 -17.09 -15.34 -5.41
N SER A 3 -16.49 -14.85 -6.49
CA SER A 3 -17.15 -13.88 -7.34
C SER A 3 -17.61 -12.68 -6.51
N GLY A 4 -16.85 -11.61 -6.60
CA GLY A 4 -17.16 -10.40 -5.87
C GLY A 4 -16.03 -10.01 -4.92
N SER A 5 -16.41 -9.47 -3.77
CA SER A 5 -15.44 -9.06 -2.77
C SER A 5 -14.52 -7.99 -3.34
N SER A 6 -14.66 -6.79 -2.79
CA SER A 6 -13.84 -5.67 -3.24
C SER A 6 -12.36 -5.96 -2.99
N GLY A 7 -11.51 -5.21 -3.67
CA GLY A 7 -10.07 -5.38 -3.51
C GLY A 7 -9.41 -4.06 -3.09
N LEU A 8 -9.04 -3.27 -4.10
CA LEU A 8 -8.40 -1.99 -3.84
C LEU A 8 -9.27 -0.86 -4.40
N ASP A 9 -8.95 0.35 -3.99
CA ASP A 9 -9.69 1.51 -4.45
C ASP A 9 -8.71 2.58 -4.94
N GLU A 10 -8.44 2.52 -6.25
CA GLU A 10 -7.53 3.48 -6.86
C GLU A 10 -7.87 4.90 -6.43
N SER A 11 -9.15 5.22 -6.51
CA SER A 11 -9.62 6.54 -6.13
C SER A 11 -8.97 6.96 -4.81
N VAL A 12 -8.85 6.01 -3.90
CA VAL A 12 -8.25 6.26 -2.61
C VAL A 12 -6.74 6.46 -2.79
N ILE A 13 -6.15 5.57 -3.56
CA ILE A 13 -4.72 5.63 -3.81
C ILE A 13 -4.38 6.98 -4.45
N ILE A 14 -5.11 7.30 -5.51
CA ILE A 14 -4.90 8.56 -6.21
C ILE A 14 -4.82 9.69 -5.21
N GLN A 15 -5.78 9.72 -4.30
CA GLN A 15 -5.84 10.76 -3.28
C GLN A 15 -4.49 10.84 -2.55
N LEU A 16 -4.14 9.73 -1.89
CA LEU A 16 -2.90 9.67 -1.15
C LEU A 16 -1.75 10.19 -2.04
N VAL A 17 -1.69 9.64 -3.24
CA VAL A 17 -0.66 10.03 -4.19
C VAL A 17 -0.78 11.53 -4.48
N GLU A 18 -2.03 12.00 -4.49
CA GLU A 18 -2.29 13.40 -4.76
C GLU A 18 -1.65 14.27 -3.68
N MET A 19 -1.63 13.74 -2.47
CA MET A 19 -1.05 14.46 -1.35
C MET A 19 0.48 14.52 -1.46
N GLY A 20 1.03 13.54 -2.16
CA GLY A 20 2.46 13.47 -2.36
C GLY A 20 3.04 12.19 -1.74
N PHE A 21 2.50 11.07 -2.18
CA PHE A 21 2.95 9.79 -1.69
C PHE A 21 3.23 8.81 -2.85
N PRO A 22 4.10 7.82 -2.57
CA PRO A 22 4.46 6.83 -3.57
C PRO A 22 3.32 5.82 -3.77
N MET A 23 2.81 5.81 -4.99
CA MET A 23 1.72 4.90 -5.35
C MET A 23 1.89 3.55 -4.66
N ASP A 24 2.99 2.89 -5.00
CA ASP A 24 3.29 1.58 -4.42
C ASP A 24 2.93 1.60 -2.94
N ALA A 25 3.59 2.49 -2.21
CA ALA A 25 3.36 2.62 -0.79
C ALA A 25 1.86 2.78 -0.53
N CYS A 26 1.25 3.64 -1.33
CA CYS A 26 -0.19 3.90 -1.20
C CYS A 26 -0.92 2.57 -1.41
N ARG A 27 -0.43 1.80 -2.36
CA ARG A 27 -1.03 0.51 -2.67
C ARG A 27 -0.71 -0.51 -1.59
N LYS A 28 0.37 -0.23 -0.86
CA LYS A 28 0.80 -1.11 0.22
C LYS A 28 -0.16 -0.98 1.40
N ALA A 29 -0.43 0.26 1.78
CA ALA A 29 -1.32 0.53 2.88
C ALA A 29 -2.67 -0.15 2.62
N VAL A 30 -3.39 0.40 1.65
CA VAL A 30 -4.69 -0.15 1.29
C VAL A 30 -4.63 -1.67 1.33
N TYR A 31 -3.67 -2.21 0.60
CA TYR A 31 -3.50 -3.66 0.54
C TYR A 31 -3.43 -4.26 1.95
N TYR A 32 -2.43 -3.82 2.70
CA TYR A 32 -2.24 -4.31 4.05
C TYR A 32 -3.48 -4.04 4.91
N THR A 33 -3.89 -2.79 4.92
CA THR A 33 -5.06 -2.39 5.70
C THR A 33 -6.29 -3.16 5.23
N GLY A 34 -6.23 -3.62 3.98
CA GLY A 34 -7.33 -4.37 3.41
C GLY A 34 -8.48 -3.45 2.99
N ASN A 35 -8.10 -2.38 2.30
CA ASN A 35 -9.08 -1.41 1.83
C ASN A 35 -10.13 -1.18 2.91
N SER A 36 -9.84 -0.21 3.77
CA SER A 36 -10.75 0.12 4.86
C SER A 36 -10.90 1.64 4.97
N GLY A 37 -10.93 2.28 3.81
CA GLY A 37 -11.08 3.73 3.77
C GLY A 37 -9.73 4.41 3.55
N ALA A 38 -9.79 5.71 3.33
CA ALA A 38 -8.59 6.49 3.11
C ALA A 38 -7.96 6.84 4.46
N GLU A 39 -8.79 7.40 5.33
CA GLU A 39 -8.33 7.79 6.65
C GLU A 39 -7.60 6.63 7.33
N ALA A 40 -8.26 5.48 7.35
CA ALA A 40 -7.69 4.30 7.96
C ALA A 40 -6.39 3.93 7.23
N ALA A 41 -6.45 4.01 5.91
CA ALA A 41 -5.28 3.69 5.10
C ALA A 41 -4.15 4.66 5.44
N MET A 42 -4.46 5.95 5.35
CA MET A 42 -3.48 6.98 5.65
C MET A 42 -2.64 6.60 6.87
N ASN A 43 -3.35 6.32 7.96
CA ASN A 43 -2.69 5.95 9.20
C ASN A 43 -1.53 5.01 8.90
N TRP A 44 -1.86 3.87 8.31
CA TRP A 44 -0.86 2.88 7.96
C TRP A 44 0.31 3.61 7.30
N VAL A 45 -0.02 4.55 6.43
CA VAL A 45 0.99 5.33 5.74
C VAL A 45 1.73 6.21 6.74
N MET A 46 0.95 6.92 7.54
CA MET A 46 1.52 7.80 8.55
C MET A 46 2.42 7.02 9.51
N SER A 47 2.22 5.72 9.55
CA SER A 47 3.01 4.86 10.41
C SER A 47 4.24 4.35 9.66
N HIS A 48 3.99 3.80 8.48
CA HIS A 48 5.06 3.27 7.66
C HIS A 48 6.06 4.39 7.32
N MET A 49 5.51 5.47 6.79
CA MET A 49 6.34 6.61 6.42
C MET A 49 7.39 6.90 7.49
N ASP A 50 7.07 6.51 8.72
CA ASP A 50 7.98 6.71 9.83
C ASP A 50 9.36 6.19 9.46
N ASP A 51 9.36 5.16 8.63
CA ASP A 51 10.61 4.56 8.18
C ASP A 51 10.86 4.93 6.72
N PRO A 52 12.16 4.92 6.34
CA PRO A 52 12.56 5.26 4.98
C PRO A 52 12.23 4.11 4.03
N ASP A 53 11.80 3.00 4.60
CA ASP A 53 11.45 1.84 3.81
C ASP A 53 9.94 1.86 3.50
N PHE A 54 9.41 3.07 3.45
CA PHE A 54 7.99 3.25 3.17
C PHE A 54 7.76 3.51 1.69
N ALA A 55 8.78 4.03 1.03
CA ALA A 55 8.70 4.33 -0.38
C ALA A 55 9.14 3.11 -1.18
N ASN A 56 9.26 1.99 -0.48
CA ASN A 56 9.67 0.75 -1.10
C ASN A 56 8.48 0.13 -1.83
N PRO A 57 8.80 -0.74 -2.83
CA PRO A 57 7.76 -1.41 -3.61
C PRO A 57 7.11 -2.53 -2.80
N LEU A 58 6.02 -3.03 -3.34
CA LEU A 58 5.29 -4.11 -2.69
C LEU A 58 5.82 -5.46 -3.18
N ILE A 59 5.81 -6.43 -2.28
CA ILE A 59 6.28 -7.76 -2.61
C ILE A 59 7.76 -7.69 -2.98
N LEU A 60 8.50 -8.70 -2.52
CA LEU A 60 9.92 -8.76 -2.80
C LEU A 60 10.17 -8.44 -4.27
N PRO A 61 11.45 -8.08 -4.58
CA PRO A 61 11.83 -7.75 -5.94
C PRO A 61 11.94 -9.01 -6.81
N GLY A 62 11.08 -9.08 -7.81
CA GLY A 62 11.08 -10.23 -8.71
C GLY A 62 10.02 -10.06 -9.81
N SER A 63 10.51 -9.90 -11.02
CA SER A 63 9.64 -9.72 -12.17
C SER A 63 9.11 -11.09 -12.64
N SER A 64 10.05 -11.95 -13.01
CA SER A 64 9.70 -13.28 -13.47
C SER A 64 9.41 -14.19 -12.28
N GLY A 65 8.14 -14.51 -12.10
CA GLY A 65 7.73 -15.37 -11.01
C GLY A 65 6.51 -16.22 -11.39
N PRO A 66 5.65 -16.48 -10.38
CA PRO A 66 4.44 -17.26 -10.61
C PRO A 66 3.39 -16.44 -11.34
N GLY A 67 2.64 -17.13 -12.20
CA GLY A 67 1.59 -16.50 -12.97
C GLY A 67 2.01 -16.35 -14.44
N SER A 68 1.12 -16.75 -15.32
CA SER A 68 1.38 -16.67 -16.75
C SER A 68 0.16 -16.07 -17.47
N SER A 69 0.40 -14.94 -18.11
CA SER A 69 -0.65 -14.25 -18.84
C SER A 69 -0.06 -13.46 -20.00
N GLY A 70 -0.45 -13.84 -21.21
CA GLY A 70 0.05 -13.17 -22.40
C GLY A 70 -0.51 -13.84 -23.67
N PRO A 71 -0.43 -13.08 -24.80
CA PRO A 71 -0.92 -13.58 -26.06
C PRO A 71 0.04 -14.62 -26.65
N SER A 72 -0.27 -15.88 -26.38
CA SER A 72 0.55 -16.97 -26.87
C SER A 72 -0.33 -18.18 -27.22
N SER A 73 -1.05 -18.65 -26.22
CA SER A 73 -1.93 -19.79 -26.40
C SER A 73 -3.00 -19.46 -27.45
N GLY A 74 -3.76 -18.41 -27.17
CA GLY A 74 -4.81 -17.98 -28.08
C GLY A 74 -5.78 -19.13 -28.37
N GLY A 1 -29.76 -10.45 1.62
CA GLY A 1 -28.58 -10.87 0.89
C GLY A 1 -27.56 -9.74 0.79
N SER A 2 -26.54 -9.96 -0.03
CA SER A 2 -25.50 -8.97 -0.22
C SER A 2 -24.65 -9.34 -1.44
N SER A 3 -24.15 -8.31 -2.11
CA SER A 3 -23.32 -8.51 -3.28
C SER A 3 -22.44 -7.28 -3.52
N GLY A 4 -21.14 -7.50 -3.45
CA GLY A 4 -20.18 -6.43 -3.65
C GLY A 4 -19.34 -6.67 -4.90
N SER A 5 -18.29 -5.87 -5.05
CA SER A 5 -17.41 -5.99 -6.19
C SER A 5 -16.17 -5.11 -5.98
N SER A 6 -15.05 -5.59 -6.49
CA SER A 6 -13.80 -4.87 -6.38
C SER A 6 -13.34 -4.85 -4.91
N GLY A 7 -12.08 -5.18 -4.71
CA GLY A 7 -11.52 -5.20 -3.37
C GLY A 7 -10.77 -3.89 -3.07
N LEU A 8 -9.72 -3.66 -3.85
CA LEU A 8 -8.92 -2.47 -3.68
C LEU A 8 -9.63 -1.28 -4.33
N ASP A 9 -9.11 -0.09 -4.05
CA ASP A 9 -9.69 1.13 -4.61
C ASP A 9 -8.56 2.09 -4.99
N GLU A 10 -8.42 2.29 -6.29
CA GLU A 10 -7.39 3.19 -6.80
C GLU A 10 -7.71 4.64 -6.40
N SER A 11 -8.99 4.97 -6.45
CA SER A 11 -9.43 6.31 -6.11
C SER A 11 -8.78 6.75 -4.79
N VAL A 12 -8.70 5.80 -3.86
CA VAL A 12 -8.11 6.07 -2.56
C VAL A 12 -6.61 6.30 -2.72
N ILE A 13 -5.99 5.43 -3.50
CA ILE A 13 -4.57 5.52 -3.75
C ILE A 13 -4.25 6.88 -4.36
N ILE A 14 -4.97 7.20 -5.43
CA ILE A 14 -4.77 8.47 -6.12
C ILE A 14 -4.72 9.60 -5.09
N GLN A 15 -5.77 9.66 -4.28
CA GLN A 15 -5.85 10.68 -3.25
C GLN A 15 -4.55 10.75 -2.46
N LEU A 16 -4.16 9.62 -1.90
CA LEU A 16 -2.93 9.54 -1.13
C LEU A 16 -1.76 10.08 -1.97
N VAL A 17 -1.68 9.58 -3.18
CA VAL A 17 -0.62 9.99 -4.10
C VAL A 17 -0.70 11.51 -4.30
N GLU A 18 -1.93 11.99 -4.43
CA GLU A 18 -2.15 13.41 -4.64
C GLU A 18 -1.47 14.22 -3.53
N MET A 19 -1.51 13.66 -2.33
CA MET A 19 -0.90 14.32 -1.18
C MET A 19 0.62 14.39 -1.34
N GLY A 20 1.13 13.63 -2.30
CA GLY A 20 2.55 13.59 -2.55
C GLY A 20 3.17 12.30 -2.02
N PHE A 21 2.42 11.22 -2.15
CA PHE A 21 2.87 9.93 -1.69
C PHE A 21 3.11 8.98 -2.87
N PRO A 22 4.00 7.97 -2.62
CA PRO A 22 4.32 6.99 -3.65
C PRO A 22 3.17 6.00 -3.84
N MET A 23 2.72 5.91 -5.08
CA MET A 23 1.63 5.00 -5.42
C MET A 23 1.88 3.61 -4.82
N ASP A 24 2.98 3.01 -5.24
CA ASP A 24 3.33 1.68 -4.75
C ASP A 24 3.03 1.60 -3.26
N ALA A 25 3.61 2.52 -2.50
CA ALA A 25 3.41 2.55 -1.07
C ALA A 25 1.92 2.76 -0.77
N CYS A 26 1.33 3.70 -1.49
CA CYS A 26 -0.08 3.99 -1.32
C CYS A 26 -0.88 2.70 -1.53
N ARG A 27 -0.36 1.86 -2.42
CA ARG A 27 -1.00 0.59 -2.72
C ARG A 27 -0.72 -0.42 -1.61
N LYS A 28 0.34 -0.16 -0.87
CA LYS A 28 0.73 -1.05 0.22
C LYS A 28 -0.23 -0.85 1.40
N ALA A 29 -0.41 0.41 1.76
CA ALA A 29 -1.30 0.74 2.86
C ALA A 29 -2.67 0.13 2.61
N VAL A 30 -3.36 0.65 1.60
CA VAL A 30 -4.68 0.17 1.25
C VAL A 30 -4.69 -1.37 1.35
N TYR A 31 -3.79 -1.98 0.60
CA TYR A 31 -3.69 -3.43 0.59
C TYR A 31 -3.68 -3.99 2.02
N TYR A 32 -2.59 -3.71 2.72
CA TYR A 32 -2.45 -4.17 4.09
C TYR A 32 -3.71 -3.87 4.91
N THR A 33 -4.29 -2.71 4.63
CA THR A 33 -5.50 -2.29 5.33
C THR A 33 -6.75 -2.79 4.58
N GLY A 34 -6.55 -3.84 3.81
CA GLY A 34 -7.65 -4.41 3.03
C GLY A 34 -8.57 -3.31 2.51
N ASN A 35 -7.98 -2.17 2.19
CA ASN A 35 -8.73 -1.05 1.68
C ASN A 35 -9.97 -0.82 2.56
N SER A 36 -9.78 -0.04 3.60
CA SER A 36 -10.87 0.26 4.52
C SER A 36 -10.96 1.76 4.76
N GLY A 37 -11.14 2.50 3.67
CA GLY A 37 -11.24 3.94 3.74
C GLY A 37 -9.86 4.60 3.60
N ALA A 38 -9.88 5.90 3.34
CA ALA A 38 -8.65 6.65 3.18
C ALA A 38 -8.04 6.92 4.56
N GLU A 39 -8.84 7.52 5.42
CA GLU A 39 -8.39 7.83 6.77
C GLU A 39 -7.63 6.65 7.37
N ALA A 40 -8.35 5.54 7.50
CA ALA A 40 -7.76 4.33 8.06
C ALA A 40 -6.43 4.05 7.36
N ALA A 41 -6.51 3.71 6.08
CA ALA A 41 -5.32 3.43 5.30
C ALA A 41 -4.24 4.45 5.64
N MET A 42 -4.60 5.72 5.49
CA MET A 42 -3.68 6.80 5.77
C MET A 42 -2.81 6.47 6.99
N ASN A 43 -3.48 6.21 8.09
CA ASN A 43 -2.78 5.89 9.33
C ASN A 43 -1.60 4.97 9.02
N TRP A 44 -1.91 3.87 8.36
CA TRP A 44 -0.89 2.91 7.99
C TRP A 44 0.26 3.67 7.32
N VAL A 45 -0.11 4.53 6.39
CA VAL A 45 0.87 5.31 5.66
C VAL A 45 1.63 6.21 6.65
N MET A 46 0.88 6.77 7.59
CA MET A 46 1.46 7.64 8.59
C MET A 46 2.43 6.87 9.48
N SER A 47 2.21 5.57 9.58
CA SER A 47 3.05 4.72 10.40
C SER A 47 4.20 4.17 9.56
N HIS A 48 4.01 4.18 8.26
CA HIS A 48 5.02 3.70 7.33
C HIS A 48 5.93 4.87 6.90
N MET A 49 5.29 5.88 6.34
CA MET A 49 6.01 7.06 5.88
C MET A 49 7.10 7.45 6.88
N ASP A 50 6.85 7.12 8.14
CA ASP A 50 7.78 7.44 9.20
C ASP A 50 9.17 6.91 8.82
N ASP A 51 9.16 5.72 8.22
CA ASP A 51 10.40 5.09 7.81
C ASP A 51 10.60 5.29 6.31
N PRO A 52 11.90 5.31 5.89
CA PRO A 52 12.23 5.48 4.49
C PRO A 52 11.95 4.20 3.69
N ASP A 53 11.51 3.18 4.41
CA ASP A 53 11.20 1.91 3.78
C ASP A 53 9.71 1.87 3.42
N PHE A 54 9.15 3.05 3.23
CA PHE A 54 7.74 3.16 2.87
C PHE A 54 7.56 3.31 1.36
N ALA A 55 8.35 4.21 0.79
CA ALA A 55 8.28 4.46 -0.64
C ALA A 55 8.62 3.16 -1.39
N ASN A 56 9.43 2.34 -0.74
CA ASN A 56 9.85 1.07 -1.33
C ASN A 56 8.63 0.39 -1.95
N PRO A 57 8.91 -0.51 -2.93
CA PRO A 57 7.87 -1.24 -3.61
C PRO A 57 7.29 -2.34 -2.71
N LEU A 58 6.29 -3.04 -3.25
CA LEU A 58 5.65 -4.12 -2.52
C LEU A 58 6.30 -5.45 -2.90
N ILE A 59 6.63 -6.22 -1.88
CA ILE A 59 7.26 -7.51 -2.09
C ILE A 59 6.39 -8.33 -3.04
N LEU A 60 7.04 -9.18 -3.82
CA LEU A 60 6.35 -10.02 -4.78
C LEU A 60 5.43 -10.99 -4.02
N PRO A 61 4.37 -11.45 -4.74
CA PRO A 61 3.41 -12.37 -4.14
C PRO A 61 3.99 -13.77 -4.05
N GLY A 62 5.11 -13.87 -3.34
CA GLY A 62 5.77 -15.16 -3.17
C GLY A 62 7.25 -14.96 -2.83
N SER A 63 7.70 -15.69 -1.81
CA SER A 63 9.08 -15.61 -1.38
C SER A 63 9.42 -16.81 -0.50
N SER A 64 10.72 -16.99 -0.27
CA SER A 64 11.19 -18.09 0.55
C SER A 64 12.66 -17.89 0.90
N GLY A 65 12.91 -17.03 1.87
CA GLY A 65 14.26 -16.74 2.31
C GLY A 65 14.44 -15.25 2.60
N PRO A 66 15.53 -14.93 3.35
CA PRO A 66 15.82 -13.55 3.70
C PRO A 66 16.38 -12.79 2.50
N GLY A 67 15.56 -11.91 1.96
CA GLY A 67 15.96 -11.11 0.81
C GLY A 67 16.68 -9.84 1.25
N SER A 68 18.01 -9.93 1.27
CA SER A 68 18.82 -8.79 1.68
C SER A 68 19.16 -7.94 0.46
N SER A 69 19.04 -6.63 0.65
CA SER A 69 19.33 -5.69 -0.43
C SER A 69 19.74 -4.33 0.16
N GLY A 70 20.61 -3.65 -0.56
CA GLY A 70 21.09 -2.35 -0.13
C GLY A 70 19.92 -1.38 0.09
N PRO A 71 20.19 -0.34 0.92
CA PRO A 71 19.17 0.66 1.22
C PRO A 71 18.97 1.61 0.04
N SER A 72 20.07 2.03 -0.54
CA SER A 72 20.03 2.94 -1.67
C SER A 72 21.30 2.79 -2.51
N SER A 73 21.19 3.18 -3.78
CA SER A 73 22.32 3.09 -4.69
C SER A 73 22.69 4.49 -5.18
N GLY A 74 23.47 5.19 -4.36
CA GLY A 74 23.92 6.52 -4.70
C GLY A 74 24.70 7.15 -3.55
N GLY A 1 -18.87 4.15 -18.05
CA GLY A 1 -20.23 3.76 -18.38
C GLY A 1 -20.79 2.76 -17.36
N SER A 2 -20.13 1.61 -17.30
CA SER A 2 -20.56 0.56 -16.38
C SER A 2 -19.48 -0.51 -16.29
N SER A 3 -18.77 -0.51 -15.17
CA SER A 3 -17.71 -1.48 -14.95
C SER A 3 -17.38 -1.56 -13.46
N GLY A 4 -18.07 -2.46 -12.78
CA GLY A 4 -17.87 -2.64 -11.35
C GLY A 4 -16.56 -3.40 -11.08
N SER A 5 -16.71 -4.67 -10.73
CA SER A 5 -15.55 -5.51 -10.44
C SER A 5 -14.80 -4.96 -9.22
N SER A 6 -15.01 -5.64 -8.11
CA SER A 6 -14.36 -5.24 -6.87
C SER A 6 -12.88 -5.64 -6.89
N GLY A 7 -12.05 -4.75 -6.36
CA GLY A 7 -10.62 -5.00 -6.32
C GLY A 7 -9.86 -3.75 -5.86
N LEU A 8 -9.71 -3.64 -4.54
CA LEU A 8 -9.01 -2.51 -3.97
C LEU A 8 -9.67 -1.21 -4.42
N ASP A 9 -9.31 -0.13 -3.75
CA ASP A 9 -9.86 1.18 -4.08
C ASP A 9 -8.73 2.10 -4.51
N GLU A 10 -8.66 2.34 -5.81
CA GLU A 10 -7.63 3.21 -6.36
C GLU A 10 -7.93 4.67 -6.01
N SER A 11 -9.22 5.00 -6.06
CA SER A 11 -9.65 6.35 -5.75
C SER A 11 -8.87 6.89 -4.54
N VAL A 12 -8.66 6.00 -3.58
CA VAL A 12 -7.94 6.37 -2.37
C VAL A 12 -6.46 6.57 -2.70
N ILE A 13 -5.87 5.52 -3.28
CA ILE A 13 -4.47 5.57 -3.65
C ILE A 13 -4.19 6.86 -4.42
N ILE A 14 -5.06 7.15 -5.37
CA ILE A 14 -4.93 8.35 -6.18
C ILE A 14 -4.79 9.57 -5.27
N GLN A 15 -5.77 9.70 -4.37
CA GLN A 15 -5.77 10.81 -3.43
C GLN A 15 -4.42 10.92 -2.73
N LEU A 16 -4.07 9.85 -2.02
CA LEU A 16 -2.82 9.82 -1.29
C LEU A 16 -1.69 10.26 -2.22
N VAL A 17 -1.68 9.69 -3.41
CA VAL A 17 -0.67 10.02 -4.39
C VAL A 17 -0.77 11.51 -4.75
N GLU A 18 -2.00 11.97 -4.85
CA GLU A 18 -2.25 13.36 -5.18
C GLU A 18 -1.71 14.28 -4.08
N MET A 19 -1.77 13.78 -2.86
CA MET A 19 -1.29 14.54 -1.71
C MET A 19 0.23 14.70 -1.75
N GLY A 20 0.88 13.69 -2.32
CA GLY A 20 2.33 13.71 -2.44
C GLY A 20 2.95 12.48 -1.76
N PHE A 21 2.58 11.32 -2.27
CA PHE A 21 3.09 10.07 -1.73
C PHE A 21 3.35 9.05 -2.85
N PRO A 22 4.17 8.02 -2.51
CA PRO A 22 4.50 6.99 -3.46
C PRO A 22 3.33 6.03 -3.67
N MET A 23 2.87 5.95 -4.91
CA MET A 23 1.76 5.09 -5.25
C MET A 23 1.93 3.70 -4.63
N ASP A 24 2.99 3.02 -5.06
CA ASP A 24 3.27 1.69 -4.55
C ASP A 24 2.99 1.64 -3.05
N ALA A 25 3.64 2.55 -2.33
CA ALA A 25 3.47 2.63 -0.90
C ALA A 25 1.98 2.84 -0.57
N CYS A 26 1.36 3.72 -1.33
CA CYS A 26 -0.04 4.02 -1.14
C CYS A 26 -0.84 2.73 -1.32
N ARG A 27 -0.44 1.95 -2.33
CA ARG A 27 -1.10 0.70 -2.61
C ARG A 27 -0.83 -0.31 -1.49
N LYS A 28 0.34 -0.18 -0.90
CA LYS A 28 0.73 -1.07 0.18
C LYS A 28 -0.25 -0.92 1.34
N ALA A 29 -0.45 0.32 1.76
CA ALA A 29 -1.36 0.61 2.85
C ALA A 29 -2.73 0.00 2.53
N VAL A 30 -3.37 0.54 1.52
CA VAL A 30 -4.68 0.07 1.11
C VAL A 30 -4.71 -1.46 1.21
N TYR A 31 -3.77 -2.09 0.52
CA TYR A 31 -3.68 -3.54 0.51
C TYR A 31 -3.66 -4.09 1.94
N TYR A 32 -2.60 -3.74 2.66
CA TYR A 32 -2.45 -4.20 4.03
C TYR A 32 -3.71 -3.89 4.85
N THR A 33 -4.31 -2.76 4.55
CA THR A 33 -5.52 -2.35 5.25
C THR A 33 -6.76 -2.87 4.52
N GLY A 34 -6.54 -3.90 3.72
CA GLY A 34 -7.63 -4.50 2.96
C GLY A 34 -8.61 -3.42 2.46
N ASN A 35 -8.04 -2.31 2.04
CA ASN A 35 -8.85 -1.21 1.55
C ASN A 35 -10.02 -0.97 2.50
N SER A 36 -9.76 -0.18 3.52
CA SER A 36 -10.78 0.14 4.50
C SER A 36 -11.27 1.58 4.32
N GLY A 37 -10.34 2.43 3.91
CA GLY A 37 -10.66 3.83 3.69
C GLY A 37 -9.39 4.69 3.66
N ALA A 38 -9.53 5.86 3.07
CA ALA A 38 -8.40 6.78 2.96
C ALA A 38 -7.80 6.99 4.35
N GLU A 39 -8.62 7.51 5.25
CA GLU A 39 -8.19 7.76 6.61
C GLU A 39 -7.51 6.52 7.20
N ALA A 40 -8.26 5.43 7.23
CA ALA A 40 -7.74 4.18 7.76
C ALA A 40 -6.38 3.89 7.13
N ALA A 41 -6.39 3.80 5.80
CA ALA A 41 -5.17 3.53 5.06
C ALA A 41 -4.09 4.52 5.49
N MET A 42 -4.42 5.79 5.37
CA MET A 42 -3.49 6.85 5.74
C MET A 42 -2.68 6.45 6.99
N ASN A 43 -3.41 6.15 8.05
CA ASN A 43 -2.78 5.76 9.30
C ASN A 43 -1.61 4.82 9.01
N TRP A 44 -1.94 3.70 8.38
CA TRP A 44 -0.93 2.71 8.04
C TRP A 44 0.26 3.45 7.42
N VAL A 45 -0.05 4.41 6.57
CA VAL A 45 0.97 5.20 5.91
C VAL A 45 1.70 6.06 6.95
N MET A 46 0.90 6.76 7.74
CA MET A 46 1.46 7.62 8.78
C MET A 46 2.37 6.83 9.72
N SER A 47 2.17 5.52 9.73
CA SER A 47 2.96 4.65 10.58
C SER A 47 4.20 4.15 9.81
N HIS A 48 3.97 3.78 8.56
CA HIS A 48 5.04 3.28 7.71
C HIS A 48 5.99 4.43 7.37
N MET A 49 5.40 5.52 6.88
CA MET A 49 6.19 6.69 6.51
C MET A 49 7.28 6.95 7.55
N ASP A 50 7.01 6.54 8.77
CA ASP A 50 7.97 6.73 9.86
C ASP A 50 9.34 6.19 9.43
N ASP A 51 9.30 5.10 8.68
CA ASP A 51 10.51 4.48 8.20
C ASP A 51 10.74 4.85 6.73
N PRO A 52 12.04 4.90 6.35
CA PRO A 52 12.40 5.25 4.99
C PRO A 52 12.13 4.09 4.03
N ASP A 53 11.72 2.97 4.61
CA ASP A 53 11.42 1.79 3.83
C ASP A 53 9.94 1.78 3.47
N PHE A 54 9.34 2.97 3.50
CA PHE A 54 7.94 3.11 3.18
C PHE A 54 7.73 3.35 1.68
N ALA A 55 8.60 4.18 1.12
CA ALA A 55 8.53 4.49 -0.29
C ALA A 55 8.82 3.24 -1.11
N ASN A 56 9.73 2.42 -0.57
CA ASN A 56 10.11 1.18 -1.24
C ASN A 56 8.86 0.52 -1.82
N PRO A 57 9.08 -0.34 -2.85
CA PRO A 57 7.99 -1.04 -3.50
C PRO A 57 7.47 -2.18 -2.63
N LEU A 58 6.43 -2.83 -3.11
CA LEU A 58 5.83 -3.94 -2.38
C LEU A 58 6.51 -5.25 -2.80
N ILE A 59 7.17 -5.86 -1.82
CA ILE A 59 7.86 -7.12 -2.08
C ILE A 59 6.94 -8.06 -2.85
N LEU A 60 7.24 -8.23 -4.12
CA LEU A 60 6.46 -9.10 -4.98
C LEU A 60 6.88 -10.55 -4.75
N PRO A 61 5.89 -11.47 -4.87
CA PRO A 61 6.16 -12.88 -4.69
C PRO A 61 6.90 -13.47 -5.90
N GLY A 62 8.20 -13.57 -5.76
CA GLY A 62 9.03 -14.11 -6.82
C GLY A 62 9.72 -12.99 -7.60
N SER A 63 9.46 -12.97 -8.89
CA SER A 63 10.05 -11.96 -9.76
C SER A 63 9.51 -12.13 -11.19
N SER A 64 8.74 -11.14 -11.62
CA SER A 64 8.16 -11.16 -12.95
C SER A 64 7.89 -9.74 -13.42
N GLY A 65 8.42 -9.42 -14.59
CA GLY A 65 8.24 -8.10 -15.17
C GLY A 65 9.58 -7.49 -15.59
N PRO A 66 9.50 -6.51 -16.52
CA PRO A 66 10.70 -5.84 -17.01
C PRO A 66 11.24 -4.86 -15.97
N GLY A 67 12.03 -5.39 -15.05
CA GLY A 67 12.61 -4.58 -13.99
C GLY A 67 14.04 -4.17 -14.36
N SER A 68 14.22 -2.87 -14.56
CA SER A 68 15.53 -2.34 -14.91
C SER A 68 16.43 -2.31 -13.67
N SER A 69 17.26 -3.34 -13.56
CA SER A 69 18.17 -3.44 -12.43
C SER A 69 18.91 -2.11 -12.22
N GLY A 70 19.03 -1.73 -10.96
CA GLY A 70 19.70 -0.49 -10.61
C GLY A 70 18.71 0.66 -10.52
N PRO A 71 18.05 0.76 -9.34
CA PRO A 71 17.07 1.81 -9.11
C PRO A 71 17.75 3.16 -8.88
N SER A 72 18.15 3.78 -9.98
CA SER A 72 18.82 5.07 -9.91
C SER A 72 18.39 5.94 -11.09
N SER A 73 17.86 7.10 -10.77
CA SER A 73 17.41 8.03 -11.79
C SER A 73 17.47 9.48 -11.25
N GLY A 74 18.41 10.23 -11.78
CA GLY A 74 18.59 11.61 -11.37
C GLY A 74 19.35 11.70 -10.04
N GLY A 1 -22.23 -0.37 8.01
CA GLY A 1 -21.86 0.94 7.49
C GLY A 1 -20.61 0.86 6.62
N SER A 2 -20.50 1.80 5.69
CA SER A 2 -19.35 1.84 4.80
C SER A 2 -19.01 0.44 4.32
N SER A 3 -19.64 0.04 3.22
CA SER A 3 -19.40 -1.27 2.65
C SER A 3 -18.11 -1.26 1.83
N GLY A 4 -18.08 -0.38 0.84
CA GLY A 4 -16.92 -0.27 -0.03
C GLY A 4 -16.84 -1.44 -1.02
N SER A 5 -15.75 -1.48 -1.76
CA SER A 5 -15.55 -2.52 -2.74
C SER A 5 -14.48 -3.51 -2.25
N SER A 6 -14.85 -4.77 -2.21
CA SER A 6 -13.94 -5.81 -1.77
C SER A 6 -12.72 -5.87 -2.69
N GLY A 7 -11.58 -5.49 -2.14
CA GLY A 7 -10.34 -5.49 -2.90
C GLY A 7 -9.53 -4.22 -2.64
N LEU A 8 -9.27 -3.48 -3.71
CA LEU A 8 -8.52 -2.25 -3.61
C LEU A 8 -9.32 -1.11 -4.23
N ASP A 9 -8.93 0.11 -3.90
CA ASP A 9 -9.60 1.29 -4.41
C ASP A 9 -8.55 2.31 -4.88
N GLU A 10 -8.40 2.39 -6.20
CA GLU A 10 -7.46 3.31 -6.78
C GLU A 10 -7.77 4.74 -6.35
N SER A 11 -9.04 5.08 -6.42
CA SER A 11 -9.49 6.41 -6.03
C SER A 11 -8.82 6.83 -4.73
N VAL A 12 -8.73 5.88 -3.81
CA VAL A 12 -8.12 6.14 -2.51
C VAL A 12 -6.61 6.34 -2.70
N ILE A 13 -6.03 5.47 -3.50
CA ILE A 13 -4.60 5.54 -3.77
C ILE A 13 -4.27 6.91 -4.39
N ILE A 14 -5.02 7.24 -5.43
CA ILE A 14 -4.82 8.51 -6.11
C ILE A 14 -4.73 9.63 -5.08
N GLN A 15 -5.72 9.66 -4.20
CA GLN A 15 -5.78 10.67 -3.15
C GLN A 15 -4.43 10.76 -2.43
N LEU A 16 -4.04 9.63 -1.83
CA LEU A 16 -2.77 9.57 -1.12
C LEU A 16 -1.67 10.16 -1.99
N VAL A 17 -1.59 9.66 -3.21
CA VAL A 17 -0.58 10.12 -4.15
C VAL A 17 -0.74 11.62 -4.36
N GLU A 18 -1.99 12.06 -4.41
CA GLU A 18 -2.28 13.47 -4.59
C GLU A 18 -1.58 14.30 -3.53
N MET A 19 -1.55 13.77 -2.33
CA MET A 19 -0.92 14.46 -1.21
C MET A 19 0.60 14.52 -1.40
N GLY A 20 1.09 13.68 -2.30
CA GLY A 20 2.51 13.64 -2.58
C GLY A 20 3.14 12.37 -2.01
N PHE A 21 2.59 11.23 -2.42
CA PHE A 21 3.08 9.94 -1.95
C PHE A 21 3.23 8.97 -3.12
N PRO A 22 4.09 7.93 -2.89
CA PRO A 22 4.33 6.92 -3.91
C PRO A 22 3.15 5.96 -4.02
N MET A 23 2.74 5.72 -5.26
CA MET A 23 1.61 4.83 -5.51
C MET A 23 1.80 3.49 -4.79
N ASP A 24 2.86 2.79 -5.16
CA ASP A 24 3.16 1.50 -4.56
C ASP A 24 2.89 1.57 -3.05
N ALA A 25 3.57 2.51 -2.41
CA ALA A 25 3.42 2.70 -0.97
C ALA A 25 1.94 2.89 -0.65
N CYS A 26 1.28 3.70 -1.45
CA CYS A 26 -0.13 3.98 -1.26
C CYS A 26 -0.89 2.66 -1.37
N ARG A 27 -0.58 1.92 -2.42
CA ARG A 27 -1.22 0.64 -2.65
C ARG A 27 -0.90 -0.34 -1.51
N LYS A 28 0.28 -0.17 -0.94
CA LYS A 28 0.71 -1.02 0.15
C LYS A 28 -0.21 -0.80 1.36
N ALA A 29 -0.40 0.46 1.69
CA ALA A 29 -1.25 0.82 2.81
C ALA A 29 -2.64 0.18 2.62
N VAL A 30 -3.34 0.68 1.60
CA VAL A 30 -4.67 0.19 1.29
C VAL A 30 -4.68 -1.34 1.43
N TYR A 31 -3.77 -1.98 0.69
CA TYR A 31 -3.68 -3.43 0.73
C TYR A 31 -3.61 -3.94 2.17
N TYR A 32 -2.53 -3.60 2.83
CA TYR A 32 -2.34 -4.02 4.22
C TYR A 32 -3.54 -3.64 5.08
N THR A 33 -4.19 -2.55 4.69
CA THR A 33 -5.35 -2.07 5.41
C THR A 33 -6.63 -2.61 4.77
N GLY A 34 -6.49 -3.74 4.10
CA GLY A 34 -7.62 -4.37 3.43
C GLY A 34 -8.55 -3.32 2.83
N ASN A 35 -7.95 -2.25 2.34
CA ASN A 35 -8.71 -1.17 1.74
C ASN A 35 -9.94 -0.87 2.60
N SER A 36 -9.67 -0.48 3.83
CA SER A 36 -10.74 -0.16 4.77
C SER A 36 -10.85 1.35 4.94
N GLY A 37 -11.05 2.04 3.81
CA GLY A 37 -11.17 3.48 3.82
C GLY A 37 -9.81 4.15 3.70
N ALA A 38 -9.84 5.42 3.31
CA ALA A 38 -8.61 6.18 3.14
C ALA A 38 -8.05 6.53 4.52
N GLU A 39 -8.88 7.19 5.31
CA GLU A 39 -8.48 7.59 6.65
C GLU A 39 -7.64 6.49 7.31
N ALA A 40 -8.22 5.30 7.35
CA ALA A 40 -7.54 4.15 7.95
C ALA A 40 -6.24 3.89 7.18
N ALA A 41 -6.38 3.76 5.87
CA ALA A 41 -5.24 3.50 5.01
C ALA A 41 -4.13 4.50 5.35
N MET A 42 -4.49 5.77 5.34
CA MET A 42 -3.54 6.82 5.63
C MET A 42 -2.74 6.50 6.90
N ASN A 43 -3.46 6.22 7.97
CA ASN A 43 -2.84 5.90 9.24
C ASN A 43 -1.65 4.96 8.99
N TRP A 44 -1.93 3.91 8.22
CA TRP A 44 -0.90 2.93 7.90
C TRP A 44 0.28 3.68 7.27
N VAL A 45 -0.04 4.57 6.35
CA VAL A 45 0.98 5.35 5.66
C VAL A 45 1.79 6.14 6.70
N MET A 46 1.13 7.15 7.26
CA MET A 46 1.79 7.99 8.25
C MET A 46 2.56 7.14 9.26
N SER A 47 2.13 5.91 9.41
CA SER A 47 2.77 4.99 10.33
C SER A 47 3.99 4.35 9.67
N HIS A 48 3.73 3.65 8.57
CA HIS A 48 4.80 3.00 7.83
C HIS A 48 5.89 4.01 7.49
N MET A 49 5.45 5.18 7.03
CA MET A 49 6.37 6.23 6.66
C MET A 49 7.52 6.33 7.66
N ASP A 50 7.23 5.93 8.89
CA ASP A 50 8.22 5.96 9.95
C ASP A 50 9.54 5.39 9.42
N ASP A 51 9.45 4.21 8.84
CA ASP A 51 10.62 3.54 8.30
C ASP A 51 10.84 4.02 6.85
N PRO A 52 12.13 3.94 6.42
CA PRO A 52 12.49 4.36 5.09
C PRO A 52 12.05 3.33 4.04
N ASP A 53 11.52 2.22 4.55
CA ASP A 53 11.05 1.16 3.67
C ASP A 53 9.56 1.36 3.39
N PHE A 54 9.14 2.62 3.49
CA PHE A 54 7.74 2.96 3.25
C PHE A 54 7.50 3.22 1.75
N ALA A 55 8.57 3.59 1.07
CA ALA A 55 8.49 3.88 -0.35
C ALA A 55 9.01 2.68 -1.14
N ASN A 56 9.02 1.53 -0.48
CA ASN A 56 9.49 0.31 -1.10
C ASN A 56 8.30 -0.41 -1.76
N PRO A 57 8.65 -1.27 -2.76
CA PRO A 57 7.63 -2.02 -3.48
C PRO A 57 7.08 -3.16 -2.63
N LEU A 58 6.04 -3.79 -3.14
CA LEU A 58 5.41 -4.90 -2.44
C LEU A 58 5.87 -6.21 -3.06
N ILE A 59 6.03 -7.21 -2.21
CA ILE A 59 6.46 -8.53 -2.66
C ILE A 59 5.66 -8.93 -3.90
N LEU A 60 6.29 -9.73 -4.74
CA LEU A 60 5.65 -10.19 -5.96
C LEU A 60 4.79 -11.41 -5.65
N PRO A 61 3.76 -11.62 -6.51
CA PRO A 61 2.85 -12.74 -6.33
C PRO A 61 3.52 -14.06 -6.76
N GLY A 62 2.88 -15.16 -6.39
CA GLY A 62 3.41 -16.47 -6.72
C GLY A 62 3.41 -16.69 -8.24
N SER A 63 4.62 -16.71 -8.78
CA SER A 63 4.78 -16.91 -10.22
C SER A 63 6.24 -17.26 -10.54
N SER A 64 7.13 -16.44 -10.02
CA SER A 64 8.55 -16.64 -10.24
C SER A 64 8.87 -16.54 -11.74
N GLY A 65 9.64 -15.51 -12.07
CA GLY A 65 10.03 -15.29 -13.46
C GLY A 65 10.73 -13.94 -13.62
N PRO A 66 11.53 -13.83 -14.72
CA PRO A 66 12.25 -12.61 -14.99
C PRO A 66 11.32 -11.52 -15.52
N GLY A 67 10.43 -11.07 -14.66
CA GLY A 67 9.47 -10.05 -15.03
C GLY A 67 9.66 -8.79 -14.19
N SER A 68 9.08 -7.70 -14.66
CA SER A 68 9.19 -6.43 -13.97
C SER A 68 7.83 -5.72 -13.96
N SER A 69 7.66 -4.84 -12.98
CA SER A 69 6.42 -4.09 -12.85
C SER A 69 6.50 -2.80 -13.65
N GLY A 70 7.50 -1.99 -13.31
CA GLY A 70 7.70 -0.72 -13.98
C GLY A 70 8.82 0.08 -13.31
N PRO A 71 8.92 1.38 -13.72
CA PRO A 71 9.93 2.26 -13.17
C PRO A 71 9.56 2.70 -11.75
N SER A 72 10.53 3.31 -11.08
CA SER A 72 10.31 3.78 -9.72
C SER A 72 10.71 5.25 -9.61
N SER A 73 9.75 6.05 -9.15
CA SER A 73 9.98 7.47 -8.99
C SER A 73 9.62 7.92 -7.58
N GLY A 74 10.48 8.74 -7.01
CA GLY A 74 10.26 9.24 -5.66
C GLY A 74 9.12 10.25 -5.62
N GLY A 1 -16.37 9.35 -9.45
CA GLY A 1 -17.05 8.07 -9.44
C GLY A 1 -16.40 7.10 -8.46
N SER A 2 -17.00 7.00 -7.28
CA SER A 2 -16.49 6.11 -6.25
C SER A 2 -16.22 4.72 -6.84
N SER A 3 -17.27 4.14 -7.38
CA SER A 3 -17.17 2.82 -7.97
C SER A 3 -16.75 1.79 -6.91
N GLY A 4 -17.73 1.04 -6.44
CA GLY A 4 -17.48 0.03 -5.43
C GLY A 4 -16.42 -0.96 -5.90
N SER A 5 -16.90 -2.08 -6.43
CA SER A 5 -16.00 -3.12 -6.92
C SER A 5 -15.10 -3.60 -5.79
N SER A 6 -15.54 -4.68 -5.14
CA SER A 6 -14.78 -5.25 -4.04
C SER A 6 -13.32 -5.44 -4.45
N GLY A 7 -12.44 -5.25 -3.48
CA GLY A 7 -11.01 -5.38 -3.72
C GLY A 7 -10.25 -4.17 -3.22
N LEU A 8 -9.47 -3.57 -4.13
CA LEU A 8 -8.69 -2.39 -3.78
C LEU A 8 -9.39 -1.15 -4.33
N ASP A 9 -9.10 -0.02 -3.70
CA ASP A 9 -9.69 1.24 -4.10
C ASP A 9 -8.58 2.18 -4.58
N GLU A 10 -8.54 2.39 -5.88
CA GLU A 10 -7.54 3.26 -6.47
C GLU A 10 -7.82 4.72 -6.10
N SER A 11 -9.09 5.07 -6.13
CA SER A 11 -9.50 6.42 -5.79
C SER A 11 -8.80 6.87 -4.51
N VAL A 12 -8.66 5.94 -3.58
CA VAL A 12 -8.01 6.23 -2.31
C VAL A 12 -6.51 6.44 -2.55
N ILE A 13 -5.95 5.57 -3.36
CA ILE A 13 -4.53 5.65 -3.67
C ILE A 13 -4.24 6.98 -4.36
N ILE A 14 -5.05 7.28 -5.36
CA ILE A 14 -4.89 8.51 -6.10
C ILE A 14 -4.81 9.69 -5.13
N GLN A 15 -5.76 9.72 -4.20
CA GLN A 15 -5.81 10.77 -3.21
C GLN A 15 -4.48 10.84 -2.45
N LEU A 16 -4.10 9.71 -1.88
CA LEU A 16 -2.86 9.64 -1.13
C LEU A 16 -1.71 10.19 -1.98
N VAL A 17 -1.62 9.68 -3.20
CA VAL A 17 -0.58 10.11 -4.12
C VAL A 17 -0.76 11.60 -4.43
N GLU A 18 -2.02 12.03 -4.38
CA GLU A 18 -2.35 13.42 -4.65
C GLU A 18 -1.67 14.33 -3.63
N MET A 19 -1.52 13.79 -2.42
CA MET A 19 -0.90 14.55 -1.34
C MET A 19 0.62 14.63 -1.54
N GLY A 20 1.16 13.62 -2.21
CA GLY A 20 2.59 13.57 -2.47
C GLY A 20 3.21 12.30 -1.89
N PHE A 21 2.57 11.18 -2.19
CA PHE A 21 3.05 9.89 -1.70
C PHE A 21 3.26 8.91 -2.87
N PRO A 22 4.13 7.89 -2.60
CA PRO A 22 4.43 6.89 -3.60
C PRO A 22 3.26 5.91 -3.77
N MET A 23 2.72 5.88 -4.98
CA MET A 23 1.61 4.99 -5.28
C MET A 23 1.83 3.61 -4.66
N ASP A 24 2.90 2.96 -5.11
CA ASP A 24 3.24 1.64 -4.62
C ASP A 24 2.98 1.59 -3.11
N ALA A 25 3.59 2.52 -2.40
CA ALA A 25 3.44 2.60 -0.95
C ALA A 25 1.96 2.77 -0.61
N CYS A 26 1.31 3.65 -1.36
CA CYS A 26 -0.11 3.92 -1.15
C CYS A 26 -0.87 2.61 -1.35
N ARG A 27 -0.40 1.83 -2.30
CA ARG A 27 -1.05 0.56 -2.61
C ARG A 27 -0.73 -0.47 -1.52
N LYS A 28 0.38 -0.23 -0.83
CA LYS A 28 0.80 -1.12 0.24
C LYS A 28 -0.16 -0.98 1.42
N ALA A 29 -0.39 0.27 1.81
CA ALA A 29 -1.27 0.56 2.93
C ALA A 29 -2.62 -0.11 2.67
N VAL A 30 -3.35 0.44 1.72
CA VAL A 30 -4.66 -0.08 1.37
C VAL A 30 -4.62 -1.61 1.40
N TYR A 31 -3.69 -2.15 0.62
CA TYR A 31 -3.53 -3.60 0.56
C TYR A 31 -3.48 -4.22 1.96
N TYR A 32 -2.44 -3.84 2.68
CA TYR A 32 -2.26 -4.35 4.03
C TYR A 32 -3.51 -4.12 4.88
N THR A 33 -3.93 -2.86 4.93
CA THR A 33 -5.11 -2.49 5.69
C THR A 33 -6.33 -3.28 5.21
N GLY A 34 -6.26 -3.68 3.95
CA GLY A 34 -7.35 -4.44 3.35
C GLY A 34 -8.50 -3.52 2.92
N ASN A 35 -8.12 -2.42 2.28
CA ASN A 35 -9.10 -1.46 1.83
C ASN A 35 -10.11 -1.19 2.95
N SER A 36 -9.81 -0.17 3.74
CA SER A 36 -10.67 0.20 4.84
C SER A 36 -11.22 1.60 4.63
N GLY A 37 -10.37 2.46 4.08
CA GLY A 37 -10.76 3.83 3.82
C GLY A 37 -9.52 4.74 3.76
N ALA A 38 -9.65 5.81 2.98
CA ALA A 38 -8.57 6.76 2.83
C ALA A 38 -7.92 7.02 4.19
N GLU A 39 -8.72 7.56 5.09
CA GLU A 39 -8.24 7.86 6.43
C GLU A 39 -7.57 6.63 7.04
N ALA A 40 -8.37 5.61 7.27
CA ALA A 40 -7.87 4.37 7.85
C ALA A 40 -6.54 4.00 7.18
N ALA A 41 -6.61 3.80 5.87
CA ALA A 41 -5.43 3.45 5.11
C ALA A 41 -4.30 4.43 5.44
N MET A 42 -4.61 5.71 5.29
CA MET A 42 -3.64 6.75 5.57
C MET A 42 -2.82 6.43 6.82
N ASN A 43 -3.54 6.19 7.91
CA ASN A 43 -2.90 5.86 9.17
C ASN A 43 -1.71 4.94 8.91
N TRP A 44 -2.01 3.78 8.32
CA TRP A 44 -0.99 2.81 8.01
C TRP A 44 0.19 3.54 7.38
N VAL A 45 -0.13 4.40 6.42
CA VAL A 45 0.89 5.17 5.73
C VAL A 45 1.57 6.12 6.73
N MET A 46 0.74 6.86 7.44
CA MET A 46 1.25 7.80 8.44
C MET A 46 2.34 7.16 9.29
N SER A 47 2.26 5.85 9.42
CA SER A 47 3.23 5.12 10.20
C SER A 47 4.38 4.64 9.30
N HIS A 48 4.03 3.79 8.35
CA HIS A 48 5.02 3.25 7.42
C HIS A 48 5.87 4.40 6.88
N MET A 49 5.23 5.54 6.66
CA MET A 49 5.92 6.70 6.15
C MET A 49 7.11 7.07 7.03
N ASP A 50 7.10 6.54 8.24
CA ASP A 50 8.17 6.79 9.19
C ASP A 50 9.23 5.70 9.07
N ASP A 51 9.49 5.30 7.83
CA ASP A 51 10.46 4.27 7.56
C ASP A 51 10.97 4.40 6.13
N PRO A 52 12.24 3.96 5.91
CA PRO A 52 12.84 4.02 4.59
C PRO A 52 12.27 2.94 3.67
N ASP A 53 11.59 1.99 4.27
CA ASP A 53 10.98 0.90 3.52
C ASP A 53 9.53 1.26 3.19
N PHE A 54 9.29 2.56 3.09
CA PHE A 54 7.96 3.05 2.79
C PHE A 54 7.79 3.28 1.28
N ALA A 55 8.92 3.46 0.61
CA ALA A 55 8.91 3.68 -0.82
C ALA A 55 9.35 2.40 -1.53
N ASN A 56 9.22 1.30 -0.83
CA ASN A 56 9.59 -0.01 -1.39
C ASN A 56 8.37 -0.63 -2.08
N PRO A 57 8.67 -1.56 -3.02
CA PRO A 57 7.62 -2.23 -3.77
C PRO A 57 6.93 -3.28 -2.90
N LEU A 58 5.75 -3.70 -3.35
CA LEU A 58 4.98 -4.69 -2.61
C LEU A 58 5.42 -6.09 -3.05
N ILE A 59 5.62 -6.94 -2.05
CA ILE A 59 6.04 -8.31 -2.32
C ILE A 59 5.05 -8.98 -3.26
N LEU A 60 5.56 -9.43 -4.40
CA LEU A 60 4.72 -10.09 -5.39
C LEU A 60 4.43 -11.51 -4.93
N PRO A 61 3.28 -12.05 -5.43
CA PRO A 61 2.87 -13.41 -5.08
C PRO A 61 3.72 -14.45 -5.81
N GLY A 62 3.54 -15.70 -5.43
CA GLY A 62 4.27 -16.79 -6.04
C GLY A 62 3.95 -16.91 -7.53
N SER A 63 4.99 -16.85 -8.34
CA SER A 63 4.83 -16.95 -9.78
C SER A 63 6.20 -17.01 -10.46
N SER A 64 6.98 -15.95 -10.23
CA SER A 64 8.30 -15.87 -10.81
C SER A 64 8.21 -15.76 -12.33
N GLY A 65 9.33 -15.43 -12.94
CA GLY A 65 9.39 -15.29 -14.39
C GLY A 65 9.55 -13.82 -14.79
N PRO A 66 10.82 -13.35 -14.73
CA PRO A 66 11.12 -11.97 -15.08
C PRO A 66 11.08 -11.77 -16.60
N GLY A 67 9.87 -11.67 -17.12
CA GLY A 67 9.68 -11.49 -18.55
C GLY A 67 9.19 -10.07 -18.85
N SER A 68 9.92 -9.40 -19.74
CA SER A 68 9.57 -8.04 -20.12
C SER A 68 10.54 -7.54 -21.19
N SER A 69 10.13 -6.46 -21.86
CA SER A 69 10.95 -5.87 -22.90
C SER A 69 11.57 -4.57 -22.40
N GLY A 70 12.89 -4.51 -22.50
CA GLY A 70 13.61 -3.32 -22.07
C GLY A 70 14.63 -3.68 -20.98
N PRO A 71 15.91 -3.86 -21.43
CA PRO A 71 16.97 -4.20 -20.50
C PRO A 71 17.40 -2.98 -19.69
N SER A 72 17.38 -3.15 -18.38
CA SER A 72 17.75 -2.07 -17.47
C SER A 72 19.04 -2.44 -16.73
N SER A 73 19.61 -1.46 -16.06
CA SER A 73 20.83 -1.66 -15.30
C SER A 73 20.79 -0.85 -14.01
N GLY A 74 21.41 -1.40 -12.97
CA GLY A 74 21.45 -0.73 -11.68
C GLY A 74 22.71 0.13 -11.55
N GLY A 1 -26.44 -4.37 -2.44
CA GLY A 1 -26.55 -4.01 -1.03
C GLY A 1 -25.17 -4.05 -0.37
N SER A 2 -25.08 -4.85 0.69
CA SER A 2 -23.84 -4.99 1.42
C SER A 2 -22.66 -5.03 0.44
N SER A 3 -22.71 -6.01 -0.45
CA SER A 3 -21.64 -6.17 -1.44
C SER A 3 -21.35 -4.83 -2.10
N GLY A 4 -20.07 -4.62 -2.39
CA GLY A 4 -19.63 -3.38 -3.03
C GLY A 4 -18.40 -3.61 -3.88
N SER A 5 -17.40 -2.77 -3.68
CA SER A 5 -16.16 -2.87 -4.42
C SER A 5 -15.25 -3.92 -3.79
N SER A 6 -15.25 -5.10 -4.38
CA SER A 6 -14.44 -6.20 -3.89
C SER A 6 -13.06 -6.17 -4.54
N GLY A 7 -12.11 -5.57 -3.83
CA GLY A 7 -10.76 -5.47 -4.34
C GLY A 7 -10.03 -4.28 -3.73
N LEU A 8 -9.27 -3.59 -4.56
CA LEU A 8 -8.51 -2.43 -4.11
C LEU A 8 -9.17 -1.16 -4.66
N ASP A 9 -9.14 -0.12 -3.85
CA ASP A 9 -9.72 1.15 -4.24
C ASP A 9 -8.61 2.11 -4.69
N GLU A 10 -8.62 2.40 -5.98
CA GLU A 10 -7.62 3.30 -6.54
C GLU A 10 -7.91 4.75 -6.15
N SER A 11 -9.19 5.07 -6.14
CA SER A 11 -9.63 6.42 -5.78
C SER A 11 -8.90 6.87 -4.50
N VAL A 12 -8.73 5.92 -3.60
CA VAL A 12 -8.06 6.21 -2.34
C VAL A 12 -6.57 6.42 -2.60
N ILE A 13 -5.99 5.51 -3.37
CA ILE A 13 -4.58 5.60 -3.69
C ILE A 13 -4.28 6.95 -4.34
N ILE A 14 -5.06 7.26 -5.37
CA ILE A 14 -4.89 8.51 -6.08
C ILE A 14 -4.75 9.65 -5.06
N GLN A 15 -5.73 9.75 -4.19
CA GLN A 15 -5.72 10.79 -3.17
C GLN A 15 -4.37 10.81 -2.46
N LEU A 16 -4.05 9.70 -1.82
CA LEU A 16 -2.80 9.58 -1.10
C LEU A 16 -1.66 10.09 -1.98
N VAL A 17 -1.62 9.57 -3.20
CA VAL A 17 -0.58 9.95 -4.14
C VAL A 17 -0.69 11.46 -4.42
N GLU A 18 -1.92 11.93 -4.41
CA GLU A 18 -2.18 13.34 -4.66
C GLU A 18 -1.50 14.21 -3.60
N MET A 19 -1.51 13.69 -2.37
CA MET A 19 -0.91 14.40 -1.26
C MET A 19 0.61 14.49 -1.43
N GLY A 20 1.13 13.56 -2.22
CA GLY A 20 2.57 13.52 -2.48
C GLY A 20 3.18 12.22 -1.94
N PHE A 21 2.53 11.12 -2.27
CA PHE A 21 2.99 9.82 -1.84
C PHE A 21 3.19 8.88 -3.02
N PRO A 22 4.08 7.88 -2.83
CA PRO A 22 4.36 6.90 -3.88
C PRO A 22 3.22 5.90 -4.02
N MET A 23 2.70 5.81 -5.23
CA MET A 23 1.61 4.89 -5.51
C MET A 23 1.85 3.53 -4.85
N ASP A 24 2.92 2.88 -5.28
CA ASP A 24 3.28 1.58 -4.75
C ASP A 24 3.03 1.57 -3.24
N ALA A 25 3.66 2.52 -2.56
CA ALA A 25 3.52 2.62 -1.12
C ALA A 25 2.05 2.84 -0.77
N CYS A 26 1.40 3.68 -1.56
CA CYS A 26 -0.01 3.98 -1.36
C CYS A 26 -0.79 2.68 -1.44
N ARG A 27 -0.42 1.87 -2.43
CA ARG A 27 -1.08 0.59 -2.63
C ARG A 27 -0.83 -0.34 -1.44
N LYS A 28 0.37 -0.24 -0.89
CA LYS A 28 0.76 -1.06 0.24
C LYS A 28 -0.24 -0.84 1.38
N ALA A 29 -0.47 0.43 1.70
CA ALA A 29 -1.40 0.78 2.76
C ALA A 29 -2.73 0.10 2.51
N VAL A 30 -3.41 0.54 1.46
CA VAL A 30 -4.70 -0.02 1.11
C VAL A 30 -4.65 -1.54 1.25
N TYR A 31 -3.72 -2.14 0.52
CA TYR A 31 -3.55 -3.58 0.57
C TYR A 31 -3.54 -4.09 2.01
N TYR A 32 -2.46 -3.79 2.71
CA TYR A 32 -2.32 -4.21 4.10
C TYR A 32 -3.61 -3.94 4.88
N THR A 33 -4.03 -2.69 4.86
CA THR A 33 -5.23 -2.29 5.57
C THR A 33 -6.43 -3.09 5.06
N GLY A 34 -6.29 -3.60 3.85
CA GLY A 34 -7.35 -4.38 3.24
C GLY A 34 -8.49 -3.47 2.75
N ASN A 35 -8.10 -2.34 2.19
CA ASN A 35 -9.07 -1.38 1.69
C ASN A 35 -10.14 -1.14 2.75
N SER A 36 -9.88 -0.16 3.59
CA SER A 36 -10.81 0.19 4.65
C SER A 36 -11.32 1.62 4.47
N GLY A 37 -10.41 2.48 4.03
CA GLY A 37 -10.75 3.88 3.80
C GLY A 37 -9.49 4.74 3.73
N ALA A 38 -9.63 5.88 3.07
CA ALA A 38 -8.51 6.80 2.91
C ALA A 38 -7.83 7.01 4.26
N GLU A 39 -8.61 7.51 5.21
CA GLU A 39 -8.10 7.75 6.55
C GLU A 39 -7.51 6.47 7.13
N ALA A 40 -8.35 5.45 7.21
CA ALA A 40 -7.92 4.17 7.75
C ALA A 40 -6.55 3.82 7.19
N ALA A 41 -6.51 3.66 5.87
CA ALA A 41 -5.26 3.33 5.19
C ALA A 41 -4.20 4.35 5.55
N MET A 42 -4.55 5.62 5.38
CA MET A 42 -3.63 6.70 5.70
C MET A 42 -2.81 6.39 6.94
N ASN A 43 -3.52 6.10 8.02
CA ASN A 43 -2.88 5.78 9.29
C ASN A 43 -1.68 4.88 9.02
N TRP A 44 -1.95 3.75 8.39
CA TRP A 44 -0.91 2.78 8.08
C TRP A 44 0.27 3.55 7.45
N VAL A 45 -0.08 4.45 6.53
CA VAL A 45 0.93 5.26 5.87
C VAL A 45 1.58 6.20 6.87
N MET A 46 0.74 7.01 7.50
CA MET A 46 1.23 7.96 8.50
C MET A 46 2.29 7.32 9.39
N SER A 47 2.16 6.02 9.58
CA SER A 47 3.10 5.29 10.41
C SER A 47 4.25 4.75 9.55
N HIS A 48 3.87 4.02 8.50
CA HIS A 48 4.85 3.44 7.60
C HIS A 48 5.81 4.53 7.11
N MET A 49 5.23 5.67 6.75
CA MET A 49 6.01 6.78 6.28
C MET A 49 7.10 7.17 7.28
N ASP A 50 6.91 6.71 8.51
CA ASP A 50 7.86 7.00 9.57
C ASP A 50 9.27 6.60 9.11
N ASP A 51 9.37 5.37 8.61
CA ASP A 51 10.64 4.87 8.13
C ASP A 51 10.79 5.20 6.64
N PRO A 52 12.07 5.33 6.21
CA PRO A 52 12.37 5.64 4.82
C PRO A 52 12.16 4.41 3.93
N ASP A 53 11.85 3.30 4.58
CA ASP A 53 11.62 2.06 3.85
C ASP A 53 10.12 1.92 3.54
N PHE A 54 9.48 3.07 3.41
CA PHE A 54 8.05 3.09 3.11
C PHE A 54 7.81 3.20 1.61
N ALA A 55 8.59 4.06 0.98
CA ALA A 55 8.47 4.27 -0.46
C ALA A 55 8.73 2.95 -1.18
N ASN A 56 9.64 2.17 -0.61
CA ASN A 56 9.99 0.88 -1.19
C ASN A 56 8.72 0.19 -1.68
N PRO A 57 8.92 -0.73 -2.66
CA PRO A 57 7.81 -1.47 -3.22
C PRO A 57 7.32 -2.55 -2.25
N LEU A 58 6.34 -3.32 -2.71
CA LEU A 58 5.78 -4.39 -1.89
C LEU A 58 6.59 -5.66 -2.10
N ILE A 59 7.19 -6.13 -1.03
CA ILE A 59 8.00 -7.34 -1.08
C ILE A 59 8.80 -7.35 -2.37
N LEU A 60 9.99 -6.76 -2.31
CA LEU A 60 10.86 -6.70 -3.47
C LEU A 60 10.82 -8.04 -4.21
N PRO A 61 11.24 -8.00 -5.50
CA PRO A 61 11.26 -9.19 -6.32
C PRO A 61 12.42 -10.10 -5.94
N GLY A 62 12.10 -11.35 -5.66
CA GLY A 62 13.10 -12.33 -5.28
C GLY A 62 12.46 -13.68 -4.97
N SER A 63 11.52 -13.66 -4.04
CA SER A 63 10.83 -14.87 -3.65
C SER A 63 9.34 -14.59 -3.42
N SER A 64 8.57 -14.80 -4.48
CA SER A 64 7.14 -14.57 -4.42
C SER A 64 6.43 -15.79 -3.82
N GLY A 65 5.17 -15.60 -3.49
CA GLY A 65 4.37 -16.67 -2.91
C GLY A 65 4.78 -16.94 -1.45
N PRO A 66 4.00 -16.34 -0.52
CA PRO A 66 4.28 -16.50 0.90
C PRO A 66 3.85 -17.88 1.38
N GLY A 67 2.61 -18.23 1.06
CA GLY A 67 2.07 -19.52 1.45
C GLY A 67 1.60 -19.49 2.91
N SER A 68 0.31 -19.70 3.09
CA SER A 68 -0.27 -19.71 4.42
C SER A 68 -1.68 -20.32 4.39
N SER A 69 -1.99 -21.04 5.44
CA SER A 69 -3.29 -21.69 5.54
C SER A 69 -4.39 -20.63 5.61
N GLY A 70 -5.39 -20.80 4.75
CA GLY A 70 -6.51 -19.87 4.70
C GLY A 70 -6.14 -18.61 3.90
N PRO A 71 -6.51 -18.64 2.60
CA PRO A 71 -6.23 -17.50 1.72
C PRO A 71 -7.18 -16.35 2.01
N SER A 72 -6.60 -15.24 2.46
CA SER A 72 -7.37 -14.05 2.77
C SER A 72 -8.35 -13.77 1.63
N SER A 73 -9.47 -13.15 2.00
CA SER A 73 -10.49 -12.81 1.02
C SER A 73 -11.25 -14.07 0.60
N GLY A 74 -10.55 -14.91 -0.16
CA GLY A 74 -11.14 -16.14 -0.64
C GLY A 74 -11.13 -17.22 0.45
N GLY A 1 -22.28 7.40 2.58
CA GLY A 1 -21.10 6.66 2.18
C GLY A 1 -21.40 5.77 0.98
N SER A 2 -20.61 4.70 0.86
CA SER A 2 -20.77 3.76 -0.24
C SER A 2 -20.56 2.34 0.26
N SER A 3 -21.10 1.40 -0.49
CA SER A 3 -20.98 -0.01 -0.14
C SER A 3 -19.92 -0.68 -1.02
N GLY A 4 -19.35 -1.75 -0.49
CA GLY A 4 -18.32 -2.49 -1.22
C GLY A 4 -17.27 -3.03 -0.26
N SER A 5 -16.68 -4.16 -0.65
CA SER A 5 -15.66 -4.79 0.15
C SER A 5 -14.81 -5.73 -0.70
N SER A 6 -13.68 -6.13 -0.15
CA SER A 6 -12.78 -7.02 -0.86
C SER A 6 -12.36 -6.41 -2.19
N GLY A 7 -11.27 -5.66 -2.15
CA GLY A 7 -10.77 -5.00 -3.34
C GLY A 7 -10.10 -3.67 -3.00
N LEU A 8 -9.07 -3.35 -3.76
CA LEU A 8 -8.34 -2.10 -3.55
C LEU A 8 -9.18 -0.93 -4.07
N ASP A 9 -8.80 0.26 -3.65
CA ASP A 9 -9.51 1.47 -4.07
C ASP A 9 -8.49 2.47 -4.64
N GLU A 10 -8.36 2.44 -5.96
CA GLU A 10 -7.44 3.33 -6.64
C GLU A 10 -7.75 4.78 -6.28
N SER A 11 -9.02 5.14 -6.46
CA SER A 11 -9.46 6.49 -6.16
C SER A 11 -8.82 6.98 -4.86
N VAL A 12 -8.77 6.08 -3.89
CA VAL A 12 -8.18 6.40 -2.60
C VAL A 12 -6.67 6.57 -2.76
N ILE A 13 -6.07 5.61 -3.44
CA ILE A 13 -4.63 5.65 -3.67
C ILE A 13 -4.26 6.96 -4.34
N ILE A 14 -4.99 7.27 -5.41
CA ILE A 14 -4.75 8.49 -6.16
C ILE A 14 -4.69 9.68 -5.19
N GLN A 15 -5.71 9.76 -4.34
CA GLN A 15 -5.79 10.82 -3.36
C GLN A 15 -4.49 10.92 -2.56
N LEU A 16 -4.11 9.79 -1.98
CA LEU A 16 -2.89 9.73 -1.19
C LEU A 16 -1.71 10.18 -2.04
N VAL A 17 -1.65 9.63 -3.24
CA VAL A 17 -0.57 9.97 -4.16
C VAL A 17 -0.65 11.45 -4.50
N GLU A 18 -1.87 11.98 -4.47
CA GLU A 18 -2.09 13.37 -4.77
C GLU A 18 -1.44 14.26 -3.70
N MET A 19 -1.44 13.77 -2.47
CA MET A 19 -0.86 14.49 -1.37
C MET A 19 0.66 14.56 -1.51
N GLY A 20 1.20 13.66 -2.31
CA GLY A 20 2.63 13.61 -2.53
C GLY A 20 3.23 12.32 -1.96
N PHE A 21 2.60 11.21 -2.31
CA PHE A 21 3.07 9.91 -1.84
C PHE A 21 3.24 8.94 -3.01
N PRO A 22 4.11 7.91 -2.78
CA PRO A 22 4.37 6.91 -3.80
C PRO A 22 3.20 5.94 -3.92
N MET A 23 2.70 5.79 -5.15
CA MET A 23 1.60 4.89 -5.41
C MET A 23 1.79 3.55 -4.69
N ASP A 24 2.85 2.87 -5.07
CA ASP A 24 3.16 1.58 -4.47
C ASP A 24 2.89 1.64 -2.96
N ALA A 25 3.57 2.56 -2.30
CA ALA A 25 3.41 2.74 -0.87
C ALA A 25 1.93 2.89 -0.55
N CYS A 26 1.26 3.71 -1.34
CA CYS A 26 -0.16 3.97 -1.14
C CYS A 26 -0.90 2.63 -1.28
N ARG A 27 -0.54 1.90 -2.34
CA ARG A 27 -1.17 0.62 -2.59
C ARG A 27 -0.84 -0.37 -1.46
N LYS A 28 0.33 -0.19 -0.88
CA LYS A 28 0.77 -1.04 0.21
C LYS A 28 -0.19 -0.89 1.39
N ALA A 29 -0.38 0.36 1.79
CA ALA A 29 -1.27 0.66 2.91
C ALA A 29 -2.64 0.02 2.65
N VAL A 30 -3.32 0.54 1.64
CA VAL A 30 -4.63 0.04 1.28
C VAL A 30 -4.63 -1.48 1.37
N TYR A 31 -3.72 -2.10 0.63
CA TYR A 31 -3.60 -3.55 0.63
C TYR A 31 -3.56 -4.10 2.06
N TYR A 32 -2.48 -3.76 2.75
CA TYR A 32 -2.30 -4.21 4.12
C TYR A 32 -3.55 -3.95 4.96
N THR A 33 -4.20 -2.84 4.65
CA THR A 33 -5.41 -2.45 5.35
C THR A 33 -6.64 -2.95 4.61
N GLY A 34 -6.44 -3.96 3.79
CA GLY A 34 -7.52 -4.54 3.01
C GLY A 34 -8.49 -3.45 2.53
N ASN A 35 -7.92 -2.33 2.12
CA ASN A 35 -8.72 -1.22 1.64
C ASN A 35 -9.88 -0.99 2.58
N SER A 36 -9.62 -0.24 3.65
CA SER A 36 -10.64 0.06 4.64
C SER A 36 -10.77 1.57 4.80
N GLY A 37 -11.05 2.24 3.69
CA GLY A 37 -11.20 3.69 3.72
C GLY A 37 -9.85 4.39 3.53
N ALA A 38 -9.92 5.69 3.29
CA ALA A 38 -8.72 6.48 3.10
C ALA A 38 -8.07 6.76 4.46
N GLU A 39 -8.88 7.32 5.35
CA GLU A 39 -8.39 7.64 6.69
C GLU A 39 -7.66 6.44 7.29
N ALA A 40 -8.38 5.33 7.41
CA ALA A 40 -7.81 4.12 7.96
C ALA A 40 -6.46 3.84 7.31
N ALA A 41 -6.51 3.57 6.01
CA ALA A 41 -5.30 3.29 5.26
C ALA A 41 -4.23 4.33 5.61
N MET A 42 -4.60 5.59 5.46
CA MET A 42 -3.70 6.68 5.76
C MET A 42 -2.84 6.37 6.99
N ASN A 43 -3.54 6.08 8.09
CA ASN A 43 -2.86 5.76 9.33
C ASN A 43 -1.66 4.86 9.04
N TRP A 44 -1.95 3.75 8.39
CA TRP A 44 -0.91 2.79 8.04
C TRP A 44 0.25 3.56 7.40
N VAL A 45 -0.12 4.43 6.47
CA VAL A 45 0.87 5.24 5.77
C VAL A 45 1.57 6.17 6.77
N MET A 46 0.75 6.92 7.50
CA MET A 46 1.27 7.86 8.49
C MET A 46 2.39 7.21 9.30
N SER A 47 2.33 5.89 9.40
CA SER A 47 3.33 5.15 10.15
C SER A 47 4.46 4.70 9.22
N HIS A 48 4.10 3.86 8.26
CA HIS A 48 5.07 3.35 7.31
C HIS A 48 5.88 4.51 6.74
N MET A 49 5.22 5.64 6.56
CA MET A 49 5.87 6.82 6.03
C MET A 49 7.07 7.21 6.88
N ASP A 50 7.10 6.66 8.09
CA ASP A 50 8.20 6.94 9.01
C ASP A 50 9.25 5.84 8.90
N ASP A 51 9.49 5.42 7.66
CA ASP A 51 10.46 4.37 7.41
C ASP A 51 10.97 4.50 5.96
N PRO A 52 12.21 4.01 5.75
CA PRO A 52 12.83 4.07 4.44
C PRO A 52 12.22 3.02 3.50
N ASP A 53 11.51 2.07 4.11
CA ASP A 53 10.88 1.01 3.35
C ASP A 53 9.44 1.42 3.03
N PHE A 54 9.23 2.72 2.94
CA PHE A 54 7.91 3.25 2.64
C PHE A 54 7.70 3.36 1.13
N ALA A 55 8.57 4.11 0.48
CA ALA A 55 8.49 4.30 -0.96
C ALA A 55 8.70 2.96 -1.66
N ASN A 56 9.59 2.16 -1.10
CA ASN A 56 9.88 0.85 -1.65
C ASN A 56 8.58 0.19 -2.11
N PRO A 57 8.72 -0.77 -3.06
CA PRO A 57 7.57 -1.48 -3.59
C PRO A 57 7.05 -2.50 -2.57
N LEU A 58 6.18 -3.38 -3.06
CA LEU A 58 5.60 -4.41 -2.21
C LEU A 58 6.35 -5.72 -2.43
N ILE A 59 6.52 -6.46 -1.34
CA ILE A 59 7.21 -7.74 -1.40
C ILE A 59 6.57 -8.62 -2.48
N LEU A 60 7.43 -9.20 -3.30
CA LEU A 60 6.96 -10.07 -4.37
C LEU A 60 7.51 -11.48 -4.16
N PRO A 61 6.78 -12.48 -4.72
CA PRO A 61 7.18 -13.87 -4.60
C PRO A 61 8.36 -14.18 -5.51
N GLY A 62 9.55 -14.04 -4.95
CA GLY A 62 10.77 -14.30 -5.70
C GLY A 62 10.95 -13.27 -6.82
N SER A 63 11.91 -12.38 -6.62
CA SER A 63 12.18 -11.35 -7.61
C SER A 63 12.58 -11.99 -8.93
N SER A 64 11.96 -11.50 -10.00
CA SER A 64 12.23 -12.02 -11.33
C SER A 64 13.06 -11.00 -12.13
N GLY A 65 14.36 -11.03 -11.88
CA GLY A 65 15.26 -10.12 -12.57
C GLY A 65 16.25 -9.48 -11.58
N PRO A 66 16.93 -8.40 -12.07
CA PRO A 66 17.88 -7.70 -11.25
C PRO A 66 17.19 -6.82 -10.20
N GLY A 67 17.98 -6.19 -9.36
CA GLY A 67 17.45 -5.32 -8.32
C GLY A 67 18.45 -5.18 -7.18
N SER A 68 18.56 -3.95 -6.68
CA SER A 68 19.47 -3.67 -5.58
C SER A 68 18.68 -3.17 -4.37
N SER A 69 19.27 -3.36 -3.20
CA SER A 69 18.64 -2.94 -1.97
C SER A 69 19.70 -2.63 -0.91
N GLY A 70 19.43 -1.60 -0.12
CA GLY A 70 20.35 -1.21 0.93
C GLY A 70 19.99 0.18 1.48
N PRO A 71 19.69 0.22 2.80
CA PRO A 71 19.33 1.46 3.45
C PRO A 71 20.56 2.34 3.68
N SER A 72 20.36 3.64 3.51
CA SER A 72 21.45 4.59 3.69
C SER A 72 21.09 5.57 4.80
N SER A 73 21.56 5.26 6.01
CA SER A 73 21.30 6.10 7.15
C SER A 73 22.62 6.48 7.83
N GLY A 74 22.56 7.53 8.64
CA GLY A 74 23.74 8.00 9.35
C GLY A 74 23.65 7.69 10.84
N GLY A 1 -14.77 -11.00 7.05
CA GLY A 1 -14.97 -11.66 5.76
C GLY A 1 -14.19 -10.96 4.65
N SER A 2 -14.83 -9.98 4.04
CA SER A 2 -14.21 -9.23 2.97
C SER A 2 -14.36 -7.72 3.22
N SER A 3 -13.32 -6.99 2.85
CA SER A 3 -13.32 -5.55 3.03
C SER A 3 -12.73 -4.86 1.80
N GLY A 4 -13.57 -4.65 0.80
CA GLY A 4 -13.15 -4.01 -0.43
C GLY A 4 -14.17 -4.22 -1.54
N SER A 5 -13.75 -3.91 -2.76
CA SER A 5 -14.61 -4.06 -3.91
C SER A 5 -13.87 -3.65 -5.18
N SER A 6 -13.72 -4.61 -6.08
CA SER A 6 -13.02 -4.37 -7.33
C SER A 6 -11.53 -4.11 -7.07
N GLY A 7 -10.75 -5.17 -7.24
CA GLY A 7 -9.32 -5.07 -7.02
C GLY A 7 -9.00 -4.16 -5.84
N LEU A 8 -8.22 -3.12 -6.11
CA LEU A 8 -7.84 -2.17 -5.08
C LEU A 8 -8.55 -0.85 -5.31
N ASP A 9 -8.86 -0.17 -4.22
CA ASP A 9 -9.54 1.11 -4.30
C ASP A 9 -8.56 2.18 -4.80
N GLU A 10 -8.59 2.38 -6.10
CA GLU A 10 -7.71 3.38 -6.72
C GLU A 10 -8.04 4.77 -6.21
N SER A 11 -9.33 5.09 -6.20
CA SER A 11 -9.79 6.38 -5.74
C SER A 11 -9.04 6.78 -4.47
N VAL A 12 -8.82 5.80 -3.61
CA VAL A 12 -8.10 6.03 -2.37
C VAL A 12 -6.62 6.24 -2.67
N ILE A 13 -6.05 5.30 -3.40
CA ILE A 13 -4.64 5.37 -3.76
C ILE A 13 -4.36 6.73 -4.40
N ILE A 14 -5.19 7.08 -5.38
CA ILE A 14 -5.03 8.34 -6.08
C ILE A 14 -4.86 9.47 -5.05
N GLN A 15 -5.82 9.55 -4.15
CA GLN A 15 -5.79 10.58 -3.11
C GLN A 15 -4.38 10.66 -2.50
N LEU A 16 -4.01 9.60 -1.82
CA LEU A 16 -2.70 9.55 -1.18
C LEU A 16 -1.64 10.06 -2.16
N VAL A 17 -1.66 9.50 -3.36
CA VAL A 17 -0.71 9.88 -4.39
C VAL A 17 -0.83 11.39 -4.64
N GLU A 18 -2.06 11.87 -4.65
CA GLU A 18 -2.32 13.27 -4.87
C GLU A 18 -1.69 14.11 -3.75
N MET A 19 -1.77 13.58 -2.54
CA MET A 19 -1.22 14.27 -1.39
C MET A 19 0.30 14.43 -1.52
N GLY A 20 0.89 13.55 -2.33
CA GLY A 20 2.32 13.59 -2.55
C GLY A 20 3.00 12.36 -1.93
N PHE A 21 2.57 11.19 -2.37
CA PHE A 21 3.12 9.95 -1.88
C PHE A 21 3.38 8.96 -3.01
N PRO A 22 4.23 7.94 -2.72
CA PRO A 22 4.56 6.93 -3.70
C PRO A 22 3.40 5.95 -3.89
N MET A 23 3.04 5.74 -5.15
CA MET A 23 1.95 4.83 -5.48
C MET A 23 2.14 3.49 -4.80
N ASP A 24 3.22 2.81 -5.16
CA ASP A 24 3.53 1.51 -4.58
C ASP A 24 3.20 1.52 -3.09
N ALA A 25 3.81 2.48 -2.40
CA ALA A 25 3.60 2.61 -0.97
C ALA A 25 2.12 2.86 -0.70
N CYS A 26 1.52 3.70 -1.54
CA CYS A 26 0.12 4.02 -1.40
C CYS A 26 -0.70 2.73 -1.51
N ARG A 27 -0.31 1.91 -2.48
CA ARG A 27 -0.98 0.64 -2.70
C ARG A 27 -0.81 -0.27 -1.48
N LYS A 28 0.37 -0.17 -0.87
CA LYS A 28 0.66 -0.98 0.30
C LYS A 28 -0.36 -0.70 1.39
N ALA A 29 -0.42 0.56 1.79
CA ALA A 29 -1.35 0.98 2.83
C ALA A 29 -2.75 0.45 2.49
N VAL A 30 -3.25 0.91 1.37
CA VAL A 30 -4.57 0.51 0.92
C VAL A 30 -4.68 -1.02 0.98
N TYR A 31 -3.74 -1.67 0.31
CA TYR A 31 -3.72 -3.12 0.29
C TYR A 31 -3.81 -3.70 1.70
N TYR A 32 -2.76 -3.44 2.48
CA TYR A 32 -2.70 -3.93 3.84
C TYR A 32 -4.01 -3.63 4.58
N THR A 33 -4.47 -2.40 4.43
CA THR A 33 -5.70 -1.98 5.07
C THR A 33 -6.92 -2.32 4.19
N GLY A 34 -6.66 -3.16 3.20
CA GLY A 34 -7.71 -3.57 2.28
C GLY A 34 -8.66 -2.41 1.98
N ASN A 35 -8.06 -1.31 1.54
CA ASN A 35 -8.83 -0.12 1.20
C ASN A 35 -9.96 0.05 2.22
N SER A 36 -9.56 0.08 3.48
CA SER A 36 -10.52 0.24 4.57
C SER A 36 -10.73 1.72 4.85
N GLY A 37 -10.81 2.51 3.79
CA GLY A 37 -11.00 3.94 3.92
C GLY A 37 -9.67 4.67 3.92
N ALA A 38 -9.63 5.77 3.16
CA ALA A 38 -8.42 6.57 3.07
C ALA A 38 -7.87 6.83 4.48
N GLU A 39 -8.71 7.45 5.30
CA GLU A 39 -8.33 7.76 6.66
C GLU A 39 -7.53 6.61 7.26
N ALA A 40 -8.16 5.44 7.28
CA ALA A 40 -7.52 4.26 7.83
C ALA A 40 -6.18 4.03 7.12
N ALA A 41 -6.27 3.74 5.83
CA ALA A 41 -5.08 3.50 5.03
C ALA A 41 -4.00 4.50 5.42
N MET A 42 -4.38 5.78 5.42
CA MET A 42 -3.45 6.84 5.78
C MET A 42 -2.70 6.50 7.06
N ASN A 43 -3.47 6.22 8.10
CA ASN A 43 -2.88 5.87 9.39
C ASN A 43 -1.73 4.90 9.18
N TRP A 44 -2.01 3.84 8.44
CA TRP A 44 -1.00 2.83 8.15
C TRP A 44 0.22 3.54 7.58
N VAL A 45 -0.04 4.44 6.65
CA VAL A 45 1.04 5.19 6.01
C VAL A 45 1.77 6.02 7.07
N MET A 46 1.00 6.87 7.74
CA MET A 46 1.56 7.72 8.77
C MET A 46 2.45 6.92 9.73
N SER A 47 2.18 5.62 9.78
CA SER A 47 2.94 4.74 10.65
C SER A 47 4.12 4.14 9.87
N HIS A 48 3.91 3.98 8.58
CA HIS A 48 4.94 3.42 7.71
C HIS A 48 5.90 4.52 7.28
N MET A 49 5.34 5.52 6.59
CA MET A 49 6.14 6.64 6.12
C MET A 49 7.09 7.14 7.20
N ASP A 50 6.71 6.88 8.45
CA ASP A 50 7.52 7.29 9.57
C ASP A 50 8.97 6.83 9.36
N ASP A 51 9.10 5.80 8.53
CA ASP A 51 10.42 5.24 8.24
C ASP A 51 10.74 5.48 6.76
N PRO A 52 12.06 5.50 6.47
CA PRO A 52 12.52 5.71 5.11
C PRO A 52 12.32 4.46 4.25
N ASP A 53 11.94 3.38 4.92
CA ASP A 53 11.72 2.11 4.25
C ASP A 53 10.23 2.01 3.88
N PHE A 54 9.61 3.16 3.68
CA PHE A 54 8.21 3.21 3.32
C PHE A 54 8.03 3.23 1.80
N ALA A 55 8.81 4.09 1.16
CA ALA A 55 8.74 4.20 -0.29
C ALA A 55 9.08 2.85 -0.93
N ASN A 56 9.91 2.10 -0.23
CA ASN A 56 10.31 0.78 -0.71
C ASN A 56 9.08 0.03 -1.20
N PRO A 57 9.33 -0.95 -2.12
CA PRO A 57 8.25 -1.75 -2.67
C PRO A 57 7.76 -2.78 -1.66
N LEU A 58 6.91 -3.68 -2.14
CA LEU A 58 6.36 -4.73 -1.30
C LEU A 58 7.42 -5.82 -1.10
N ILE A 59 7.26 -6.55 -0.02
CA ILE A 59 8.19 -7.63 0.31
C ILE A 59 8.28 -8.58 -0.89
N LEU A 60 9.52 -8.84 -1.30
CA LEU A 60 9.77 -9.72 -2.42
C LEU A 60 8.84 -10.94 -2.32
N PRO A 61 8.58 -11.57 -3.50
CA PRO A 61 7.72 -12.74 -3.54
C PRO A 61 8.46 -13.98 -3.01
N GLY A 62 8.82 -13.91 -1.74
CA GLY A 62 9.52 -15.01 -1.10
C GLY A 62 8.54 -16.04 -0.54
N SER A 63 9.09 -17.06 0.10
CA SER A 63 8.27 -18.11 0.68
C SER A 63 7.44 -17.55 1.83
N SER A 64 6.33 -16.93 1.46
CA SER A 64 5.43 -16.35 2.45
C SER A 64 4.33 -17.34 2.81
N GLY A 65 3.95 -17.33 4.08
CA GLY A 65 2.92 -18.22 4.56
C GLY A 65 3.02 -18.41 6.08
N PRO A 66 2.59 -19.61 6.55
CA PRO A 66 2.63 -19.94 7.96
C PRO A 66 4.05 -20.24 8.41
N GLY A 67 4.91 -19.24 8.28
CA GLY A 67 6.30 -19.38 8.67
C GLY A 67 6.45 -19.36 10.19
N SER A 68 6.81 -18.19 10.70
CA SER A 68 6.99 -18.02 12.14
C SER A 68 5.75 -18.52 12.88
N SER A 69 4.62 -17.95 12.50
CA SER A 69 3.35 -18.32 13.13
C SER A 69 3.38 -17.97 14.62
N GLY A 70 2.28 -17.38 15.07
CA GLY A 70 2.17 -16.99 16.47
C GLY A 70 2.51 -15.51 16.65
N PRO A 71 3.11 -15.21 17.83
CA PRO A 71 3.51 -13.85 18.16
C PRO A 71 4.76 -13.45 17.37
N SER A 72 5.00 -12.14 17.33
CA SER A 72 6.16 -11.62 16.63
C SER A 72 6.50 -10.23 17.16
N SER A 73 7.57 -10.17 17.93
CA SER A 73 8.02 -8.90 18.50
C SER A 73 6.97 -8.38 19.47
N GLY A 74 7.44 -7.59 20.44
CA GLY A 74 6.55 -7.02 21.44
C GLY A 74 6.00 -8.09 22.36
N GLY A 1 -18.21 4.23 -1.09
CA GLY A 1 -17.18 3.51 -0.36
C GLY A 1 -17.47 3.52 1.14
N SER A 2 -18.44 2.72 1.54
CA SER A 2 -18.82 2.64 2.94
C SER A 2 -19.68 1.40 3.17
N SER A 3 -19.30 0.64 4.20
CA SER A 3 -20.04 -0.57 4.55
C SER A 3 -19.89 -1.60 3.42
N GLY A 4 -18.99 -2.54 3.65
CA GLY A 4 -18.74 -3.60 2.67
C GLY A 4 -17.37 -3.42 2.02
N SER A 5 -16.74 -4.54 1.74
CA SER A 5 -15.42 -4.54 1.12
C SER A 5 -15.33 -5.63 0.06
N SER A 6 -15.11 -5.20 -1.17
CA SER A 6 -15.00 -6.15 -2.28
C SER A 6 -13.52 -6.41 -2.60
N GLY A 7 -12.81 -5.32 -2.90
CA GLY A 7 -11.40 -5.42 -3.23
C GLY A 7 -10.66 -4.15 -2.82
N LEU A 8 -9.74 -3.74 -3.68
CA LEU A 8 -8.95 -2.55 -3.43
C LEU A 8 -9.65 -1.34 -4.05
N ASP A 9 -9.13 -0.16 -3.73
CA ASP A 9 -9.71 1.07 -4.24
C ASP A 9 -8.58 2.01 -4.68
N GLU A 10 -8.51 2.23 -5.98
CA GLU A 10 -7.48 3.10 -6.55
C GLU A 10 -7.77 4.56 -6.19
N SER A 11 -9.06 4.89 -6.23
CA SER A 11 -9.48 6.25 -5.93
C SER A 11 -8.83 6.72 -4.63
N VAL A 12 -8.66 5.77 -3.71
CA VAL A 12 -8.05 6.08 -2.42
C VAL A 12 -6.55 6.30 -2.61
N ILE A 13 -5.97 5.47 -3.46
CA ILE A 13 -4.54 5.54 -3.74
C ILE A 13 -4.24 6.90 -4.39
N ILE A 14 -5.00 7.19 -5.44
CA ILE A 14 -4.81 8.44 -6.17
C ILE A 14 -4.71 9.59 -5.17
N GLN A 15 -5.71 9.68 -4.31
CA GLN A 15 -5.74 10.73 -3.30
C GLN A 15 -4.41 10.78 -2.55
N LEU A 16 -4.10 9.69 -1.88
CA LEU A 16 -2.86 9.59 -1.13
C LEU A 16 -1.70 10.11 -1.98
N VAL A 17 -1.63 9.59 -3.21
CA VAL A 17 -0.58 9.99 -4.13
C VAL A 17 -0.65 11.50 -4.34
N GLU A 18 -1.88 12.00 -4.45
CA GLU A 18 -2.09 13.42 -4.66
C GLU A 18 -1.41 14.23 -3.56
N MET A 19 -1.51 13.71 -2.34
CA MET A 19 -0.91 14.37 -1.19
C MET A 19 0.61 14.46 -1.34
N GLY A 20 1.14 13.57 -2.16
CA GLY A 20 2.58 13.53 -2.40
C GLY A 20 3.19 12.23 -1.88
N PHE A 21 2.51 11.13 -2.20
CA PHE A 21 2.97 9.82 -1.77
C PHE A 21 3.16 8.89 -2.97
N PRO A 22 4.06 7.89 -2.78
CA PRO A 22 4.33 6.93 -3.84
C PRO A 22 3.19 5.93 -3.98
N MET A 23 2.61 5.90 -5.17
CA MET A 23 1.51 4.99 -5.45
C MET A 23 1.77 3.61 -4.84
N ASP A 24 2.84 2.99 -5.31
CA ASP A 24 3.20 1.66 -4.81
C ASP A 24 2.98 1.62 -3.30
N ALA A 25 3.61 2.56 -2.61
CA ALA A 25 3.50 2.63 -1.17
C ALA A 25 2.03 2.84 -0.79
N CYS A 26 1.37 3.69 -1.56
CA CYS A 26 -0.03 3.99 -1.32
C CYS A 26 -0.83 2.69 -1.43
N ARG A 27 -0.47 1.89 -2.42
CA ARG A 27 -1.14 0.62 -2.65
C ARG A 27 -0.85 -0.34 -1.49
N LYS A 28 0.35 -0.20 -0.94
CA LYS A 28 0.75 -1.05 0.17
C LYS A 28 -0.20 -0.85 1.35
N ALA A 29 -0.42 0.41 1.69
CA ALA A 29 -1.30 0.75 2.78
C ALA A 29 -2.66 0.11 2.55
N VAL A 30 -3.36 0.61 1.54
CA VAL A 30 -4.67 0.10 1.19
C VAL A 30 -4.66 -1.43 1.32
N TYR A 31 -3.75 -2.04 0.57
CA TYR A 31 -3.63 -3.49 0.60
C TYR A 31 -3.61 -4.02 2.03
N TYR A 32 -2.53 -3.70 2.73
CA TYR A 32 -2.36 -4.14 4.10
C TYR A 32 -3.63 -3.85 4.92
N THR A 33 -4.23 -2.70 4.64
CA THR A 33 -5.44 -2.30 5.34
C THR A 33 -6.67 -2.81 4.60
N GLY A 34 -6.46 -3.83 3.78
CA GLY A 34 -7.55 -4.42 3.01
C GLY A 34 -8.51 -3.34 2.53
N ASN A 35 -7.95 -2.20 2.14
CA ASN A 35 -8.74 -1.09 1.65
C ASN A 35 -9.93 -0.86 2.59
N SER A 36 -9.68 -0.04 3.61
CA SER A 36 -10.72 0.26 4.58
C SER A 36 -10.83 1.78 4.76
N GLY A 37 -11.05 2.46 3.65
CA GLY A 37 -11.19 3.90 3.67
C GLY A 37 -9.82 4.58 3.54
N ALA A 38 -9.86 5.88 3.29
CA ALA A 38 -8.64 6.65 3.14
C ALA A 38 -8.03 6.89 4.52
N GLU A 39 -8.81 7.52 5.38
CA GLU A 39 -8.37 7.81 6.73
C GLU A 39 -7.62 6.61 7.32
N ALA A 40 -8.32 5.48 7.36
CA ALA A 40 -7.73 4.27 7.90
C ALA A 40 -6.39 4.00 7.21
N ALA A 41 -6.46 3.76 5.92
CA ALA A 41 -5.26 3.50 5.13
C ALA A 41 -4.19 4.51 5.51
N MET A 42 -4.53 5.78 5.38
CA MET A 42 -3.61 6.85 5.70
C MET A 42 -2.78 6.50 6.94
N ASN A 43 -3.50 6.21 8.02
CA ASN A 43 -2.85 5.87 9.27
C ASN A 43 -1.67 4.93 9.00
N TRP A 44 -1.97 3.85 8.29
CA TRP A 44 -0.96 2.87 7.95
C TRP A 44 0.22 3.62 7.31
N VAL A 45 -0.11 4.53 6.42
CA VAL A 45 0.91 5.32 5.73
C VAL A 45 1.64 6.18 6.76
N MET A 46 0.87 6.87 7.58
CA MET A 46 1.45 7.73 8.61
C MET A 46 2.36 6.93 9.54
N SER A 47 2.12 5.63 9.60
CA SER A 47 2.91 4.75 10.44
C SER A 47 4.08 4.18 9.65
N HIS A 48 3.92 4.18 8.34
CA HIS A 48 4.95 3.66 7.45
C HIS A 48 5.88 4.81 7.03
N MET A 49 5.29 5.76 6.32
CA MET A 49 6.05 6.91 5.84
C MET A 49 7.05 7.38 6.90
N ASP A 50 6.69 7.14 8.15
CA ASP A 50 7.54 7.54 9.25
C ASP A 50 8.99 7.15 8.94
N ASP A 51 9.13 6.01 8.28
CA ASP A 51 10.45 5.52 7.91
C ASP A 51 10.71 5.82 6.44
N PRO A 52 12.02 5.97 6.10
CA PRO A 52 12.42 6.26 4.73
C PRO A 52 12.30 5.00 3.85
N ASP A 53 11.87 3.92 4.48
CA ASP A 53 11.70 2.66 3.77
C ASP A 53 10.23 2.46 3.44
N PHE A 54 9.53 3.58 3.29
CA PHE A 54 8.11 3.53 2.97
C PHE A 54 7.89 3.61 1.45
N ALA A 55 8.71 4.41 0.81
CA ALA A 55 8.61 4.58 -0.63
C ALA A 55 9.03 3.28 -1.32
N ASN A 56 9.69 2.42 -0.56
CA ASN A 56 10.14 1.15 -1.07
C ASN A 56 8.96 0.41 -1.73
N PRO A 57 9.31 -0.52 -2.65
CA PRO A 57 8.29 -1.29 -3.35
C PRO A 57 7.68 -2.36 -2.43
N LEU A 58 6.64 -3.00 -2.94
CA LEU A 58 5.97 -4.04 -2.18
C LEU A 58 6.65 -5.38 -2.44
N ILE A 59 7.15 -5.98 -1.36
CA ILE A 59 7.83 -7.25 -1.46
C ILE A 59 7.06 -8.16 -2.42
N LEU A 60 7.64 -8.35 -3.60
CA LEU A 60 7.03 -9.20 -4.60
C LEU A 60 6.81 -10.60 -4.04
N PRO A 61 5.85 -11.33 -4.65
CA PRO A 61 5.54 -12.68 -4.22
C PRO A 61 6.61 -13.67 -4.67
N GLY A 62 6.78 -14.72 -3.87
CA GLY A 62 7.76 -15.73 -4.18
C GLY A 62 8.96 -15.63 -3.23
N SER A 63 8.78 -16.16 -2.03
CA SER A 63 9.84 -16.13 -1.04
C SER A 63 10.20 -14.68 -0.69
N SER A 64 10.73 -14.50 0.50
CA SER A 64 11.11 -13.17 0.97
C SER A 64 12.22 -12.61 0.07
N GLY A 65 11.87 -11.60 -0.70
CA GLY A 65 12.82 -10.97 -1.59
C GLY A 65 13.52 -9.79 -0.92
N PRO A 66 14.84 -9.97 -0.68
CA PRO A 66 15.64 -8.94 -0.04
C PRO A 66 15.93 -7.79 -1.01
N GLY A 67 15.95 -6.59 -0.47
CA GLY A 67 16.21 -5.40 -1.27
C GLY A 67 15.50 -4.18 -0.70
N SER A 68 16.11 -3.61 0.33
CA SER A 68 15.55 -2.43 0.98
C SER A 68 16.39 -1.20 0.66
N SER A 69 17.66 -1.28 1.01
CA SER A 69 18.58 -0.18 0.77
C SER A 69 20.03 -0.65 0.96
N GLY A 70 20.30 -1.14 2.16
CA GLY A 70 21.63 -1.63 2.48
C GLY A 70 21.98 -1.32 3.94
N PRO A 71 23.31 -1.31 4.23
CA PRO A 71 23.79 -1.04 5.56
C PRO A 71 23.68 0.45 5.90
N SER A 72 23.61 0.73 7.19
CA SER A 72 23.51 2.11 7.65
C SER A 72 24.40 2.32 8.88
N SER A 73 24.14 1.53 9.90
CA SER A 73 24.90 1.62 11.14
C SER A 73 25.44 0.25 11.52
N GLY A 74 26.62 0.26 12.13
CA GLY A 74 27.27 -0.97 12.55
C GLY A 74 28.63 -0.69 13.17
N GLY A 1 -9.16 -17.91 -5.35
CA GLY A 1 -7.99 -18.51 -5.93
C GLY A 1 -6.75 -18.26 -5.06
N SER A 2 -6.04 -17.19 -5.40
CA SER A 2 -4.84 -16.83 -4.67
C SER A 2 -5.05 -15.50 -3.95
N SER A 3 -5.60 -15.59 -2.75
CA SER A 3 -5.86 -14.40 -1.96
C SER A 3 -6.94 -13.55 -2.63
N GLY A 4 -6.57 -12.95 -3.76
CA GLY A 4 -7.50 -12.12 -4.49
C GLY A 4 -6.85 -11.59 -5.78
N SER A 5 -7.58 -10.71 -6.45
CA SER A 5 -7.09 -10.13 -7.69
C SER A 5 -8.05 -9.05 -8.17
N SER A 6 -7.49 -8.01 -8.78
CA SER A 6 -8.28 -6.91 -9.29
C SER A 6 -9.26 -6.43 -8.23
N GLY A 7 -8.83 -5.42 -7.48
CA GLY A 7 -9.66 -4.87 -6.43
C GLY A 7 -9.10 -3.54 -5.93
N LEU A 8 -8.99 -3.43 -4.61
CA LEU A 8 -8.46 -2.23 -3.99
C LEU A 8 -9.25 -1.02 -4.51
N ASP A 9 -8.96 0.14 -3.91
CA ASP A 9 -9.62 1.36 -4.29
C ASP A 9 -8.58 2.37 -4.79
N GLU A 10 -8.47 2.47 -6.10
CA GLU A 10 -7.51 3.38 -6.71
C GLU A 10 -7.83 4.82 -6.30
N SER A 11 -9.08 5.20 -6.47
CA SER A 11 -9.52 6.54 -6.12
C SER A 11 -8.85 6.98 -4.80
N VAL A 12 -8.76 6.03 -3.88
CA VAL A 12 -8.15 6.31 -2.59
C VAL A 12 -6.65 6.52 -2.78
N ILE A 13 -6.03 5.58 -3.47
CA ILE A 13 -4.60 5.66 -3.73
C ILE A 13 -4.27 7.01 -4.37
N ILE A 14 -5.05 7.35 -5.39
CA ILE A 14 -4.85 8.61 -6.09
C ILE A 14 -4.84 9.76 -5.08
N GLN A 15 -5.83 9.74 -4.21
CA GLN A 15 -5.94 10.77 -3.19
C GLN A 15 -4.61 10.92 -2.44
N LEU A 16 -4.14 9.80 -1.92
CA LEU A 16 -2.89 9.79 -1.18
C LEU A 16 -1.76 10.32 -2.08
N VAL A 17 -1.69 9.76 -3.27
CA VAL A 17 -0.68 10.16 -4.23
C VAL A 17 -0.79 11.66 -4.48
N GLU A 18 -2.03 12.13 -4.48
CA GLU A 18 -2.29 13.55 -4.72
C GLU A 18 -1.50 14.40 -3.72
N MET A 19 -1.43 13.92 -2.49
CA MET A 19 -0.71 14.62 -1.45
C MET A 19 0.79 14.62 -1.72
N GLY A 20 1.19 13.84 -2.71
CA GLY A 20 2.58 13.74 -3.09
C GLY A 20 3.23 12.49 -2.49
N PHE A 21 2.58 11.35 -2.73
CA PHE A 21 3.07 10.08 -2.22
C PHE A 21 3.18 9.06 -3.34
N PRO A 22 4.01 8.01 -3.09
CA PRO A 22 4.21 6.95 -4.06
C PRO A 22 3.01 6.02 -4.11
N MET A 23 2.68 5.59 -5.32
CA MET A 23 1.56 4.69 -5.52
C MET A 23 1.76 3.39 -4.74
N ASP A 24 2.78 2.64 -5.13
CA ASP A 24 3.08 1.38 -4.48
C ASP A 24 2.88 1.53 -2.97
N ALA A 25 3.65 2.42 -2.38
CA ALA A 25 3.56 2.67 -0.95
C ALA A 25 2.09 2.87 -0.56
N CYS A 26 1.41 3.68 -1.35
CA CYS A 26 0.01 3.97 -1.11
C CYS A 26 -0.76 2.65 -1.18
N ARG A 27 -0.54 1.91 -2.25
CA ARG A 27 -1.21 0.64 -2.45
C ARG A 27 -0.89 -0.30 -1.29
N LYS A 28 0.36 -0.25 -0.84
CA LYS A 28 0.80 -1.10 0.26
C LYS A 28 -0.14 -0.92 1.44
N ALA A 29 -0.35 0.35 1.82
CA ALA A 29 -1.22 0.66 2.93
C ALA A 29 -2.58 -0.02 2.72
N VAL A 30 -3.31 0.51 1.75
CA VAL A 30 -4.62 -0.04 1.44
C VAL A 30 -4.56 -1.57 1.45
N TYR A 31 -3.68 -2.09 0.61
CA TYR A 31 -3.50 -3.53 0.52
C TYR A 31 -3.46 -4.18 1.91
N TYR A 32 -2.43 -3.81 2.66
CA TYR A 32 -2.27 -4.34 4.00
C TYR A 32 -3.54 -4.14 4.84
N THR A 33 -3.97 -2.89 4.91
CA THR A 33 -5.16 -2.55 5.67
C THR A 33 -6.37 -3.32 5.13
N GLY A 34 -6.23 -3.79 3.90
CA GLY A 34 -7.29 -4.54 3.25
C GLY A 34 -8.48 -3.62 2.91
N ASN A 35 -8.17 -2.56 2.19
CA ASN A 35 -9.19 -1.60 1.79
C ASN A 35 -10.10 -1.31 2.98
N SER A 36 -9.74 -0.28 3.72
CA SER A 36 -10.52 0.12 4.89
C SER A 36 -10.65 1.64 4.95
N GLY A 37 -10.94 2.22 3.79
CA GLY A 37 -11.09 3.66 3.70
C GLY A 37 -9.73 4.35 3.58
N ALA A 38 -9.78 5.63 3.21
CA ALA A 38 -8.56 6.40 3.08
C ALA A 38 -7.99 6.71 4.45
N GLU A 39 -8.84 7.29 5.29
CA GLU A 39 -8.44 7.64 6.64
C GLU A 39 -7.67 6.49 7.29
N ALA A 40 -8.32 5.34 7.34
CA ALA A 40 -7.71 4.16 7.92
C ALA A 40 -6.38 3.88 7.22
N ALA A 41 -6.46 3.73 5.90
CA ALA A 41 -5.28 3.46 5.10
C ALA A 41 -4.18 4.45 5.48
N MET A 42 -4.51 5.73 5.38
CA MET A 42 -3.57 6.78 5.70
C MET A 42 -2.77 6.42 6.95
N ASN A 43 -3.49 6.16 8.03
CA ASN A 43 -2.87 5.82 9.29
C ASN A 43 -1.67 4.90 9.03
N TRP A 44 -1.97 3.76 8.39
CA TRP A 44 -0.94 2.79 8.08
C TRP A 44 0.23 3.54 7.46
N VAL A 45 -0.08 4.42 6.52
CA VAL A 45 0.95 5.20 5.85
C VAL A 45 1.62 6.12 6.86
N MET A 46 0.81 6.81 7.64
CA MET A 46 1.32 7.72 8.65
C MET A 46 2.32 7.01 9.57
N SER A 47 2.19 5.70 9.63
CA SER A 47 3.07 4.89 10.46
C SER A 47 4.28 4.42 9.64
N HIS A 48 3.98 3.89 8.46
CA HIS A 48 5.02 3.40 7.57
C HIS A 48 5.92 4.56 7.15
N MET A 49 5.28 5.61 6.64
CA MET A 49 6.01 6.78 6.20
C MET A 49 7.05 7.22 7.24
N ASP A 50 6.78 6.83 8.47
CA ASP A 50 7.68 7.17 9.57
C ASP A 50 9.11 6.77 9.19
N ASP A 51 9.22 5.59 8.61
CA ASP A 51 10.53 5.08 8.20
C ASP A 51 10.69 5.28 6.70
N PRO A 52 11.98 5.32 6.26
CA PRO A 52 12.28 5.49 4.84
C PRO A 52 12.03 4.20 4.07
N ASP A 53 11.59 3.18 4.79
CA ASP A 53 11.31 1.90 4.19
C ASP A 53 9.81 1.82 3.85
N PHE A 54 9.23 2.98 3.60
CA PHE A 54 7.82 3.06 3.26
C PHE A 54 7.63 3.10 1.75
N ALA A 55 8.34 4.02 1.10
CA ALA A 55 8.25 4.16 -0.33
C ALA A 55 8.65 2.84 -1.01
N ASN A 56 9.51 2.11 -0.31
CA ASN A 56 9.98 0.83 -0.83
C ASN A 56 8.81 0.10 -1.48
N PRO A 57 9.17 -0.85 -2.40
CA PRO A 57 8.17 -1.63 -3.10
C PRO A 57 7.57 -2.70 -2.19
N LEU A 58 6.49 -3.31 -2.66
CA LEU A 58 5.82 -4.35 -1.90
C LEU A 58 6.61 -5.65 -2.03
N ILE A 59 6.67 -6.38 -0.92
CA ILE A 59 7.37 -7.64 -0.90
C ILE A 59 6.37 -8.79 -0.94
N LEU A 60 6.72 -9.84 -1.66
CA LEU A 60 5.87 -11.00 -1.79
C LEU A 60 5.66 -11.63 -0.41
N PRO A 61 4.53 -12.37 -0.28
CA PRO A 61 4.20 -13.02 0.98
C PRO A 61 5.08 -14.25 1.20
N GLY A 62 6.35 -13.99 1.45
CA GLY A 62 7.30 -15.07 1.69
C GLY A 62 7.76 -15.08 3.14
N SER A 63 6.83 -15.44 4.02
CA SER A 63 7.13 -15.50 5.44
C SER A 63 5.91 -16.03 6.21
N SER A 64 6.02 -17.27 6.63
CA SER A 64 4.94 -17.91 7.37
C SER A 64 4.33 -16.91 8.35
N GLY A 65 3.00 -16.87 8.36
CA GLY A 65 2.28 -15.98 9.24
C GLY A 65 1.17 -16.71 9.99
N PRO A 66 0.13 -15.94 10.40
CA PRO A 66 -0.99 -16.50 11.12
C PRO A 66 -1.91 -17.29 10.18
N GLY A 67 -1.43 -18.47 9.81
CA GLY A 67 -2.20 -19.33 8.91
C GLY A 67 -2.70 -18.55 7.69
N SER A 68 -3.78 -19.05 7.12
CA SER A 68 -4.37 -18.42 5.96
C SER A 68 -5.88 -18.70 5.90
N SER A 69 -6.55 -17.97 5.03
CA SER A 69 -7.99 -18.14 4.88
C SER A 69 -8.28 -19.21 3.82
N GLY A 70 -9.32 -19.98 4.08
CA GLY A 70 -9.72 -21.04 3.16
C GLY A 70 -11.24 -21.19 3.13
N PRO A 71 -11.88 -20.35 2.28
CA PRO A 71 -13.34 -20.38 2.14
C PRO A 71 -13.77 -21.61 1.33
N SER A 72 -15.09 -21.78 1.24
CA SER A 72 -15.65 -22.89 0.50
C SER A 72 -16.04 -22.44 -0.90
N SER A 73 -15.65 -23.25 -1.88
CA SER A 73 -15.95 -22.95 -3.26
C SER A 73 -17.19 -23.73 -3.71
N GLY A 74 -17.89 -23.16 -4.69
CA GLY A 74 -19.09 -23.77 -5.21
C GLY A 74 -20.03 -24.19 -4.07
N GLY A 1 -17.69 10.28 -0.97
CA GLY A 1 -17.60 9.06 -0.18
C GLY A 1 -18.69 8.07 -0.60
N SER A 2 -18.28 6.81 -0.73
CA SER A 2 -19.21 5.77 -1.12
C SER A 2 -18.53 4.40 -1.03
N SER A 3 -19.20 3.48 -0.38
CA SER A 3 -18.67 2.13 -0.22
C SER A 3 -19.46 1.15 -1.09
N GLY A 4 -18.73 0.38 -1.89
CA GLY A 4 -19.34 -0.59 -2.76
C GLY A 4 -18.35 -1.09 -3.81
N SER A 5 -17.41 -1.91 -3.36
CA SER A 5 -16.40 -2.46 -4.25
C SER A 5 -15.57 -3.51 -3.50
N SER A 6 -15.00 -4.42 -4.28
CA SER A 6 -14.17 -5.47 -3.71
C SER A 6 -12.79 -5.46 -4.35
N GLY A 7 -11.79 -5.80 -3.55
CA GLY A 7 -10.41 -5.83 -4.03
C GLY A 7 -9.62 -4.64 -3.50
N LEU A 8 -9.22 -3.77 -4.41
CA LEU A 8 -8.45 -2.59 -4.04
C LEU A 8 -9.14 -1.35 -4.62
N ASP A 9 -9.03 -0.26 -3.86
CA ASP A 9 -9.64 0.99 -4.28
C ASP A 9 -8.54 1.99 -4.63
N GLU A 10 -8.39 2.23 -5.92
CA GLU A 10 -7.37 3.16 -6.40
C GLU A 10 -7.73 4.59 -6.00
N SER A 11 -9.02 4.88 -6.08
CA SER A 11 -9.51 6.20 -5.73
C SER A 11 -8.81 6.71 -4.47
N VAL A 12 -8.70 5.81 -3.50
CA VAL A 12 -8.05 6.15 -2.24
C VAL A 12 -6.56 6.38 -2.48
N ILE A 13 -5.95 5.45 -3.21
CA ILE A 13 -4.53 5.55 -3.52
C ILE A 13 -4.26 6.88 -4.22
N ILE A 14 -5.05 7.13 -5.25
CA ILE A 14 -4.91 8.37 -6.02
C ILE A 14 -4.84 9.56 -5.06
N GLN A 15 -5.85 9.65 -4.21
CA GLN A 15 -5.92 10.72 -3.23
C GLN A 15 -4.60 10.83 -2.47
N LEU A 16 -4.16 9.70 -1.95
CA LEU A 16 -2.92 9.65 -1.20
C LEU A 16 -1.77 10.14 -2.08
N VAL A 17 -1.69 9.57 -3.28
CA VAL A 17 -0.65 9.95 -4.22
C VAL A 17 -0.73 11.45 -4.49
N GLU A 18 -1.95 11.97 -4.42
CA GLU A 18 -2.17 13.39 -4.66
C GLU A 18 -1.43 14.21 -3.61
N MET A 19 -1.49 13.75 -2.38
CA MET A 19 -0.83 14.43 -1.28
C MET A 19 0.68 14.55 -1.52
N GLY A 20 1.20 13.57 -2.25
CA GLY A 20 2.62 13.55 -2.57
C GLY A 20 3.28 12.28 -2.01
N PHE A 21 2.70 11.15 -2.37
CA PHE A 21 3.22 9.86 -1.93
C PHE A 21 3.38 8.90 -3.10
N PRO A 22 4.26 7.89 -2.91
CA PRO A 22 4.51 6.90 -3.93
C PRO A 22 3.35 5.90 -4.04
N MET A 23 2.77 5.85 -5.23
CA MET A 23 1.65 4.96 -5.46
C MET A 23 1.86 3.62 -4.75
N ASP A 24 2.97 2.98 -5.06
CA ASP A 24 3.30 1.70 -4.45
C ASP A 24 2.93 1.74 -2.97
N ALA A 25 3.44 2.74 -2.28
CA ALA A 25 3.17 2.90 -0.87
C ALA A 25 1.67 3.00 -0.65
N CYS A 26 1.02 3.78 -1.50
CA CYS A 26 -0.42 3.96 -1.40
C CYS A 26 -1.09 2.60 -1.61
N ARG A 27 -0.57 1.86 -2.58
CA ARG A 27 -1.11 0.54 -2.88
C ARG A 27 -0.74 -0.45 -1.78
N LYS A 28 0.24 -0.06 -0.98
CA LYS A 28 0.71 -0.90 0.11
C LYS A 28 -0.26 -0.77 1.28
N ALA A 29 -0.44 0.46 1.74
CA ALA A 29 -1.33 0.73 2.85
C ALA A 29 -2.65 0.00 2.61
N VAL A 30 -3.37 0.44 1.59
CA VAL A 30 -4.65 -0.16 1.26
C VAL A 30 -4.52 -1.69 1.31
N TYR A 31 -3.65 -2.21 0.45
CA TYR A 31 -3.43 -3.64 0.40
C TYR A 31 -3.35 -4.25 1.80
N TYR A 32 -2.38 -3.75 2.56
CA TYR A 32 -2.17 -4.24 3.92
C TYR A 32 -3.44 -4.04 4.76
N THR A 33 -3.90 -2.81 4.80
CA THR A 33 -5.10 -2.49 5.55
C THR A 33 -6.29 -3.29 5.03
N GLY A 34 -6.12 -3.86 3.85
CA GLY A 34 -7.17 -4.65 3.23
C GLY A 34 -8.35 -3.76 2.82
N ASN A 35 -8.01 -2.58 2.33
CA ASN A 35 -9.03 -1.64 1.90
C ASN A 35 -9.99 -1.37 3.04
N SER A 36 -9.82 -0.22 3.66
CA SER A 36 -10.66 0.18 4.78
C SER A 36 -11.21 1.59 4.55
N GLY A 37 -10.32 2.48 4.13
CA GLY A 37 -10.70 3.85 3.88
C GLY A 37 -9.47 4.75 3.74
N ALA A 38 -9.66 5.89 3.10
CA ALA A 38 -8.58 6.83 2.90
C ALA A 38 -7.90 7.11 4.24
N GLU A 39 -8.68 7.60 5.18
CA GLU A 39 -8.17 7.91 6.51
C GLU A 39 -7.50 6.68 7.12
N ALA A 40 -8.28 5.63 7.24
CA ALA A 40 -7.79 4.38 7.81
C ALA A 40 -6.46 4.02 7.14
N ALA A 41 -6.49 3.97 5.82
CA ALA A 41 -5.30 3.65 5.05
C ALA A 41 -4.18 4.62 5.42
N MET A 42 -4.49 5.91 5.31
CA MET A 42 -3.53 6.95 5.63
C MET A 42 -2.71 6.57 6.87
N ASN A 43 -3.43 6.31 7.96
CA ASN A 43 -2.80 5.95 9.21
C ASN A 43 -1.64 4.99 8.93
N TRP A 44 -1.97 3.88 8.29
CA TRP A 44 -0.98 2.87 7.96
C TRP A 44 0.21 3.58 7.33
N VAL A 45 -0.09 4.52 6.43
CA VAL A 45 0.94 5.27 5.75
C VAL A 45 1.67 6.15 6.76
N MET A 46 0.88 6.84 7.58
CA MET A 46 1.43 7.72 8.59
C MET A 46 2.35 6.96 9.55
N SER A 47 2.11 5.66 9.62
CA SER A 47 2.91 4.81 10.50
C SER A 47 4.13 4.27 9.73
N HIS A 48 3.86 3.77 8.54
CA HIS A 48 4.91 3.23 7.69
C HIS A 48 5.92 4.33 7.35
N MET A 49 5.38 5.42 6.82
CA MET A 49 6.22 6.55 6.45
C MET A 49 7.31 6.80 7.51
N ASP A 50 6.99 6.43 8.73
CA ASP A 50 7.92 6.60 9.83
C ASP A 50 9.30 6.09 9.42
N ASP A 51 9.29 5.08 8.57
CA ASP A 51 10.53 4.48 8.09
C ASP A 51 10.81 5.00 6.66
N PRO A 52 12.13 5.09 6.35
CA PRO A 52 12.55 5.56 5.04
C PRO A 52 12.33 4.49 3.97
N ASP A 53 12.03 3.29 4.45
CA ASP A 53 11.79 2.18 3.54
C ASP A 53 10.30 2.08 3.22
N PHE A 54 9.63 3.23 3.34
CA PHE A 54 8.21 3.29 3.06
C PHE A 54 7.94 3.45 1.57
N ALA A 55 8.68 4.36 0.96
CA ALA A 55 8.53 4.62 -0.47
C ALA A 55 8.87 3.35 -1.24
N ASN A 56 9.86 2.63 -0.75
CA ASN A 56 10.29 1.39 -1.39
C ASN A 56 9.06 0.61 -1.84
N PRO A 57 9.27 -0.26 -2.87
CA PRO A 57 8.18 -1.06 -3.40
C PRO A 57 7.86 -2.22 -2.45
N LEU A 58 6.87 -3.01 -2.85
CA LEU A 58 6.44 -4.14 -2.05
C LEU A 58 7.62 -5.08 -1.82
N ILE A 59 7.59 -5.77 -0.70
CA ILE A 59 8.65 -6.70 -0.35
C ILE A 59 8.61 -7.89 -1.31
N LEU A 60 9.73 -8.10 -1.99
CA LEU A 60 9.84 -9.19 -2.94
C LEU A 60 9.45 -10.50 -2.25
N PRO A 61 8.85 -11.42 -3.05
CA PRO A 61 8.42 -12.71 -2.53
C PRO A 61 9.64 -13.63 -2.30
N GLY A 62 10.25 -13.45 -1.15
CA GLY A 62 11.42 -14.26 -0.79
C GLY A 62 10.98 -15.60 -0.20
N SER A 63 11.70 -16.00 0.84
CA SER A 63 11.40 -17.27 1.51
C SER A 63 11.74 -18.43 0.58
N SER A 64 10.94 -18.58 -0.47
CA SER A 64 11.13 -19.64 -1.43
C SER A 64 12.56 -19.58 -1.98
N GLY A 65 13.43 -20.37 -1.36
CA GLY A 65 14.83 -20.43 -1.78
C GLY A 65 15.63 -19.30 -1.13
N PRO A 66 16.62 -18.79 -1.90
CA PRO A 66 17.47 -17.72 -1.41
C PRO A 66 16.73 -16.38 -1.42
N GLY A 67 17.07 -15.54 -0.45
CA GLY A 67 16.45 -14.24 -0.33
C GLY A 67 16.80 -13.57 1.00
N SER A 68 15.87 -12.76 1.48
CA SER A 68 16.07 -12.06 2.74
C SER A 68 17.25 -11.08 2.62
N SER A 69 16.98 -9.84 2.96
CA SER A 69 18.01 -8.81 2.89
C SER A 69 18.43 -8.40 4.30
N GLY A 70 19.72 -8.10 4.43
CA GLY A 70 20.28 -7.71 5.71
C GLY A 70 20.11 -8.82 6.75
N PRO A 71 20.97 -8.76 7.80
CA PRO A 71 20.93 -9.76 8.86
C PRO A 71 19.73 -9.52 9.77
N SER A 72 18.55 -9.51 9.18
CA SER A 72 17.33 -9.29 9.93
C SER A 72 17.37 -7.93 10.61
N SER A 73 16.20 -7.50 11.09
CA SER A 73 16.10 -6.22 11.77
C SER A 73 15.53 -6.42 13.17
N GLY A 74 16.38 -6.23 14.16
CA GLY A 74 15.98 -6.39 15.54
C GLY A 74 17.08 -5.91 16.50
N GLY A 1 -23.27 -5.93 -2.53
CA GLY A 1 -23.28 -6.96 -1.50
C GLY A 1 -21.88 -7.54 -1.28
N SER A 2 -21.77 -8.84 -1.51
CA SER A 2 -20.50 -9.53 -1.35
C SER A 2 -19.54 -9.12 -2.47
N SER A 3 -18.30 -8.89 -2.09
CA SER A 3 -17.27 -8.50 -3.05
C SER A 3 -16.48 -9.73 -3.49
N GLY A 4 -15.89 -10.40 -2.52
CA GLY A 4 -15.11 -11.59 -2.79
C GLY A 4 -13.69 -11.44 -2.27
N SER A 5 -12.73 -11.72 -3.14
CA SER A 5 -11.33 -11.62 -2.78
C SER A 5 -10.67 -10.47 -3.55
N SER A 6 -9.65 -9.88 -2.93
CA SER A 6 -8.94 -8.78 -3.55
C SER A 6 -9.91 -7.67 -3.91
N GLY A 7 -9.97 -6.66 -3.04
CA GLY A 7 -10.86 -5.54 -3.26
C GLY A 7 -10.14 -4.22 -2.96
N LEU A 8 -9.50 -3.68 -3.98
CA LEU A 8 -8.77 -2.43 -3.83
C LEU A 8 -9.56 -1.31 -4.53
N ASP A 9 -9.13 -0.08 -4.28
CA ASP A 9 -9.78 1.07 -4.86
C ASP A 9 -8.72 2.12 -5.22
N GLU A 10 -8.54 2.31 -6.52
CA GLU A 10 -7.56 3.28 -7.01
C GLU A 10 -7.91 4.68 -6.51
N SER A 11 -9.20 4.97 -6.50
CA SER A 11 -9.67 6.27 -6.05
C SER A 11 -8.97 6.65 -4.74
N VAL A 12 -8.85 5.67 -3.86
CA VAL A 12 -8.20 5.89 -2.58
C VAL A 12 -6.71 6.16 -2.80
N ILE A 13 -6.07 5.24 -3.51
CA ILE A 13 -4.66 5.38 -3.80
C ILE A 13 -4.38 6.80 -4.30
N ILE A 14 -5.13 7.19 -5.31
CA ILE A 14 -4.97 8.52 -5.89
C ILE A 14 -4.87 9.55 -4.77
N GLN A 15 -5.88 9.53 -3.90
CA GLN A 15 -5.92 10.46 -2.79
C GLN A 15 -4.57 10.51 -2.09
N LEU A 16 -4.18 9.37 -1.55
CA LEU A 16 -2.91 9.28 -0.84
C LEU A 16 -1.79 9.83 -1.75
N VAL A 17 -1.76 9.32 -2.97
CA VAL A 17 -0.76 9.74 -3.93
C VAL A 17 -0.78 11.27 -4.05
N GLU A 18 -1.99 11.81 -4.12
CA GLU A 18 -2.17 13.24 -4.23
C GLU A 18 -1.35 13.97 -3.16
N MET A 19 -1.42 13.44 -1.94
CA MET A 19 -0.70 14.03 -0.83
C MET A 19 0.80 14.13 -1.15
N GLY A 20 1.21 13.37 -2.15
CA GLY A 20 2.60 13.38 -2.57
C GLY A 20 3.27 12.03 -2.24
N PHE A 21 2.44 11.06 -1.90
CA PHE A 21 2.94 9.74 -1.56
C PHE A 21 3.11 8.88 -2.81
N PRO A 22 4.06 7.90 -2.71
CA PRO A 22 4.32 7.00 -3.82
C PRO A 22 3.21 5.97 -3.98
N MET A 23 2.71 5.86 -5.21
CA MET A 23 1.65 4.93 -5.50
C MET A 23 1.84 3.62 -4.73
N ASP A 24 2.92 2.92 -5.07
CA ASP A 24 3.24 1.66 -4.41
C ASP A 24 2.93 1.78 -2.92
N ALA A 25 3.56 2.74 -2.28
CA ALA A 25 3.36 2.96 -0.86
C ALA A 25 1.86 3.09 -0.57
N CYS A 26 1.18 3.84 -1.44
CA CYS A 26 -0.25 4.04 -1.29
C CYS A 26 -0.94 2.69 -1.42
N ARG A 27 -0.59 1.97 -2.48
CA ARG A 27 -1.17 0.66 -2.72
C ARG A 27 -0.84 -0.28 -1.57
N LYS A 28 0.30 -0.04 -0.95
CA LYS A 28 0.74 -0.87 0.16
C LYS A 28 -0.25 -0.73 1.31
N ALA A 29 -0.54 0.51 1.66
CA ALA A 29 -1.46 0.80 2.75
C ALA A 29 -2.81 0.12 2.46
N VAL A 30 -3.50 0.64 1.45
CA VAL A 30 -4.78 0.09 1.07
C VAL A 30 -4.73 -1.43 1.16
N TYR A 31 -3.73 -2.01 0.51
CA TYR A 31 -3.56 -3.45 0.51
C TYR A 31 -3.52 -3.99 1.94
N TYR A 32 -2.42 -3.69 2.62
CA TYR A 32 -2.24 -4.14 3.99
C TYR A 32 -3.53 -3.99 4.79
N THR A 33 -3.95 -2.74 4.92
CA THR A 33 -5.17 -2.44 5.66
C THR A 33 -6.35 -3.20 5.08
N GLY A 34 -6.24 -3.51 3.79
CA GLY A 34 -7.29 -4.24 3.09
C GLY A 34 -8.43 -3.30 2.68
N ASN A 35 -8.03 -2.11 2.23
CA ASN A 35 -9.00 -1.11 1.80
C ASN A 35 -10.03 -0.89 2.91
N SER A 36 -9.83 0.21 3.63
CA SER A 36 -10.73 0.56 4.72
C SER A 36 -10.86 2.07 4.83
N GLY A 37 -11.04 2.71 3.68
CA GLY A 37 -11.17 4.15 3.63
C GLY A 37 -9.81 4.83 3.45
N ALA A 38 -9.86 6.11 3.16
CA ALA A 38 -8.65 6.88 2.96
C ALA A 38 -7.95 7.08 4.31
N GLU A 39 -8.69 7.65 5.24
CA GLU A 39 -8.16 7.90 6.58
C GLU A 39 -7.45 6.65 7.10
N ALA A 40 -8.15 5.54 7.05
CA ALA A 40 -7.60 4.28 7.52
C ALA A 40 -6.23 4.06 6.88
N ALA A 41 -6.25 3.81 5.57
CA ALA A 41 -5.02 3.58 4.85
C ALA A 41 -3.97 4.62 5.27
N MET A 42 -4.33 5.88 5.11
CA MET A 42 -3.45 6.97 5.48
C MET A 42 -2.67 6.64 6.75
N ASN A 43 -3.42 6.38 7.80
CA ASN A 43 -2.82 6.04 9.09
C ASN A 43 -1.63 5.11 8.86
N TRP A 44 -1.91 3.97 8.25
CA TRP A 44 -0.89 2.99 7.97
C TRP A 44 0.30 3.71 7.35
N VAL A 45 -0.01 4.61 6.43
CA VAL A 45 1.02 5.39 5.74
C VAL A 45 1.72 6.29 6.77
N MET A 46 0.91 7.03 7.50
CA MET A 46 1.43 7.94 8.51
C MET A 46 2.39 7.22 9.46
N SER A 47 2.23 5.90 9.53
CA SER A 47 3.06 5.09 10.39
C SER A 47 4.28 4.59 9.61
N HIS A 48 4.00 3.80 8.58
CA HIS A 48 5.05 3.24 7.75
C HIS A 48 5.98 4.37 7.29
N MET A 49 5.37 5.49 6.93
CA MET A 49 6.14 6.64 6.47
C MET A 49 7.40 6.82 7.31
N ASP A 50 7.32 6.38 8.55
CA ASP A 50 8.45 6.49 9.46
C ASP A 50 9.69 5.88 8.81
N ASP A 51 9.64 4.58 8.62
CA ASP A 51 10.75 3.86 8.01
C ASP A 51 11.08 4.49 6.65
N PRO A 52 12.39 4.48 6.31
CA PRO A 52 12.85 5.06 5.06
C PRO A 52 12.49 4.14 3.88
N ASP A 53 12.11 2.92 4.22
CA ASP A 53 11.75 1.94 3.21
C ASP A 53 10.24 1.99 2.97
N PHE A 54 9.67 3.16 3.21
CA PHE A 54 8.24 3.35 3.04
C PHE A 54 7.90 3.55 1.56
N ALA A 55 8.70 4.37 0.90
CA ALA A 55 8.49 4.65 -0.51
C ALA A 55 8.80 3.40 -1.33
N ASN A 56 9.67 2.56 -0.77
CA ASN A 56 10.05 1.33 -1.43
C ASN A 56 8.80 0.62 -1.96
N PRO A 57 9.03 -0.44 -2.76
CA PRO A 57 7.94 -1.20 -3.34
C PRO A 57 7.30 -2.11 -2.28
N LEU A 58 6.49 -3.04 -2.76
CA LEU A 58 5.81 -3.97 -1.87
C LEU A 58 6.59 -5.29 -1.83
N ILE A 59 6.65 -5.86 -0.63
CA ILE A 59 7.36 -7.11 -0.44
C ILE A 59 8.82 -6.94 -0.89
N LEU A 60 9.70 -6.89 0.09
CA LEU A 60 11.12 -6.73 -0.18
C LEU A 60 11.50 -7.60 -1.39
N PRO A 61 12.49 -7.10 -2.18
CA PRO A 61 12.95 -7.82 -3.35
C PRO A 61 13.82 -9.00 -2.95
N GLY A 62 13.20 -10.17 -2.89
CA GLY A 62 13.91 -11.38 -2.52
C GLY A 62 13.03 -12.61 -2.73
N SER A 63 13.01 -13.47 -1.71
CA SER A 63 12.22 -14.68 -1.78
C SER A 63 11.22 -14.71 -0.61
N SER A 64 10.16 -13.94 -0.76
CA SER A 64 9.13 -13.87 0.27
C SER A 64 8.00 -14.83 -0.07
N GLY A 65 7.64 -15.65 0.92
CA GLY A 65 6.58 -16.62 0.74
C GLY A 65 5.42 -16.02 -0.05
N PRO A 66 5.39 -16.37 -1.38
CA PRO A 66 4.34 -15.87 -2.25
C PRO A 66 3.02 -16.59 -2.00
N GLY A 67 1.94 -15.97 -2.45
CA GLY A 67 0.61 -16.55 -2.28
C GLY A 67 -0.23 -15.71 -1.32
N SER A 68 -1.34 -15.21 -1.85
CA SER A 68 -2.25 -14.40 -1.07
C SER A 68 -3.04 -15.27 -0.10
N SER A 69 -3.14 -14.81 1.14
CA SER A 69 -3.87 -15.54 2.16
C SER A 69 -4.00 -14.68 3.42
N GLY A 70 -5.23 -14.29 3.72
CA GLY A 70 -5.49 -13.48 4.89
C GLY A 70 -6.98 -13.14 4.99
N PRO A 71 -7.41 -12.81 6.24
CA PRO A 71 -8.80 -12.45 6.48
C PRO A 71 -9.12 -11.05 5.97
N SER A 72 -9.25 -10.95 4.65
CA SER A 72 -9.55 -9.67 4.03
C SER A 72 -10.34 -9.89 2.74
N SER A 73 -11.65 -10.03 2.90
CA SER A 73 -12.53 -10.24 1.76
C SER A 73 -13.35 -8.98 1.49
N GLY A 74 -14.11 -8.58 2.49
CA GLY A 74 -14.94 -7.39 2.37
C GLY A 74 -16.41 -7.70 2.71
N GLY A 1 -22.54 -4.38 7.15
CA GLY A 1 -22.34 -5.82 7.32
C GLY A 1 -22.24 -6.51 5.97
N SER A 2 -21.15 -7.23 5.78
CA SER A 2 -20.91 -7.95 4.54
C SER A 2 -19.60 -8.73 4.62
N SER A 3 -18.53 -8.00 4.87
CA SER A 3 -17.21 -8.60 4.97
C SER A 3 -17.04 -9.67 3.88
N GLY A 4 -16.67 -9.20 2.69
CA GLY A 4 -16.46 -10.09 1.57
C GLY A 4 -15.28 -9.63 0.71
N SER A 5 -15.22 -10.17 -0.50
CA SER A 5 -14.15 -9.82 -1.42
C SER A 5 -14.46 -8.48 -2.10
N SER A 6 -13.56 -7.53 -1.89
CA SER A 6 -13.71 -6.21 -2.48
C SER A 6 -12.58 -5.92 -3.45
N GLY A 7 -11.36 -5.96 -2.92
CA GLY A 7 -10.18 -5.71 -3.73
C GLY A 7 -9.42 -4.49 -3.23
N LEU A 8 -9.23 -3.53 -4.14
CA LEU A 8 -8.53 -2.32 -3.81
C LEU A 8 -9.31 -1.11 -4.34
N ASP A 9 -8.94 0.06 -3.85
CA ASP A 9 -9.61 1.28 -4.26
C ASP A 9 -8.57 2.27 -4.79
N GLU A 10 -8.51 2.39 -6.11
CA GLU A 10 -7.57 3.29 -6.75
C GLU A 10 -7.88 4.74 -6.37
N SER A 11 -9.15 5.09 -6.51
CA SER A 11 -9.58 6.44 -6.19
C SER A 11 -8.92 6.91 -4.90
N VAL A 12 -8.75 5.97 -3.98
CA VAL A 12 -8.12 6.28 -2.70
C VAL A 12 -6.63 6.51 -2.91
N ILE A 13 -6.01 5.54 -3.56
CA ILE A 13 -4.58 5.62 -3.83
C ILE A 13 -4.27 6.96 -4.50
N ILE A 14 -5.05 7.28 -5.52
CA ILE A 14 -4.86 8.52 -6.25
C ILE A 14 -4.80 9.68 -5.26
N GLN A 15 -5.77 9.70 -4.35
CA GLN A 15 -5.85 10.75 -3.35
C GLN A 15 -4.51 10.85 -2.59
N LEU A 16 -4.13 9.74 -1.98
CA LEU A 16 -2.89 9.70 -1.23
C LEU A 16 -1.75 10.22 -2.10
N VAL A 17 -1.65 9.66 -3.29
CA VAL A 17 -0.61 10.07 -4.22
C VAL A 17 -0.71 11.58 -4.46
N GLU A 18 -1.94 12.06 -4.55
CA GLU A 18 -2.18 13.48 -4.77
C GLU A 18 -1.48 14.31 -3.70
N MET A 19 -1.58 13.85 -2.47
CA MET A 19 -0.96 14.54 -1.35
C MET A 19 0.56 14.57 -1.51
N GLY A 20 1.06 13.67 -2.33
CA GLY A 20 2.49 13.58 -2.58
C GLY A 20 3.08 12.33 -1.94
N PHE A 21 2.54 11.19 -2.34
CA PHE A 21 3.01 9.91 -1.81
C PHE A 21 3.26 8.91 -2.94
N PRO A 22 4.13 7.91 -2.64
CA PRO A 22 4.46 6.89 -3.61
C PRO A 22 3.31 5.90 -3.79
N MET A 23 2.78 5.87 -5.00
CA MET A 23 1.68 4.98 -5.32
C MET A 23 1.88 3.60 -4.67
N ASP A 24 2.96 2.96 -5.07
CA ASP A 24 3.28 1.64 -4.54
C ASP A 24 2.99 1.62 -3.04
N ALA A 25 3.51 2.62 -2.35
CA ALA A 25 3.31 2.73 -0.91
C ALA A 25 1.83 2.94 -0.62
N CYS A 26 1.22 3.81 -1.40
CA CYS A 26 -0.19 4.11 -1.24
C CYS A 26 -0.99 2.81 -1.43
N ARG A 27 -0.44 1.94 -2.26
CA ARG A 27 -1.08 0.67 -2.53
C ARG A 27 -0.83 -0.31 -1.38
N LYS A 28 0.34 -0.19 -0.79
CA LYS A 28 0.72 -1.05 0.32
C LYS A 28 -0.27 -0.86 1.47
N ALA A 29 -0.51 0.41 1.79
CA ALA A 29 -1.43 0.75 2.87
C ALA A 29 -2.76 0.02 2.63
N VAL A 30 -3.46 0.46 1.59
CA VAL A 30 -4.74 -0.13 1.26
C VAL A 30 -4.64 -1.65 1.37
N TYR A 31 -3.73 -2.21 0.59
CA TYR A 31 -3.52 -3.65 0.60
C TYR A 31 -3.50 -4.20 2.02
N TYR A 32 -2.44 -3.89 2.74
CA TYR A 32 -2.31 -4.34 4.11
C TYR A 32 -3.59 -4.10 4.91
N THR A 33 -4.00 -2.84 4.93
CA THR A 33 -5.22 -2.47 5.64
C THR A 33 -6.42 -3.23 5.09
N GLY A 34 -6.22 -3.80 3.91
CA GLY A 34 -7.28 -4.56 3.27
C GLY A 34 -8.45 -3.65 2.88
N ASN A 35 -8.10 -2.49 2.35
CA ASN A 35 -9.09 -1.53 1.92
C ASN A 35 -10.08 -1.28 3.07
N SER A 36 -9.86 -0.18 3.77
CA SER A 36 -10.70 0.18 4.89
C SER A 36 -10.82 1.70 4.99
N GLY A 37 -10.94 2.33 3.84
CA GLY A 37 -11.06 3.79 3.79
C GLY A 37 -9.68 4.44 3.64
N ALA A 38 -9.71 5.73 3.34
CA ALA A 38 -8.47 6.48 3.18
C ALA A 38 -7.89 6.82 4.55
N GLU A 39 -8.75 7.34 5.41
CA GLU A 39 -8.35 7.72 6.75
C GLU A 39 -7.53 6.59 7.39
N ALA A 40 -8.18 5.45 7.54
CA ALA A 40 -7.53 4.29 8.13
C ALA A 40 -6.24 3.98 7.37
N ALA A 41 -6.40 3.66 6.09
CA ALA A 41 -5.26 3.35 5.25
C ALA A 41 -4.14 4.35 5.53
N MET A 42 -4.49 5.63 5.44
CA MET A 42 -3.53 6.69 5.68
C MET A 42 -2.70 6.41 6.95
N ASN A 43 -3.41 6.15 8.04
CA ASN A 43 -2.76 5.86 9.30
C ASN A 43 -1.59 4.91 9.06
N TRP A 44 -1.88 3.84 8.33
CA TRP A 44 -0.87 2.84 8.02
C TRP A 44 0.32 3.56 7.36
N VAL A 45 -0.02 4.44 6.43
CA VAL A 45 0.99 5.19 5.72
C VAL A 45 1.81 6.02 6.71
N MET A 46 1.17 7.04 7.25
CA MET A 46 1.83 7.91 8.21
C MET A 46 2.57 7.08 9.27
N SER A 47 2.11 5.86 9.45
CA SER A 47 2.71 4.97 10.42
C SER A 47 3.90 4.24 9.80
N HIS A 48 3.75 3.91 8.52
CA HIS A 48 4.79 3.22 7.80
C HIS A 48 5.92 4.19 7.44
N MET A 49 5.51 5.27 6.79
CA MET A 49 6.47 6.29 6.37
C MET A 49 7.53 6.52 7.46
N ASP A 50 7.12 6.28 8.69
CA ASP A 50 8.02 6.45 9.82
C ASP A 50 9.41 5.90 9.46
N ASP A 51 9.38 4.79 8.74
CA ASP A 51 10.62 4.14 8.31
C ASP A 51 10.91 4.52 6.86
N PRO A 52 12.22 4.46 6.50
CA PRO A 52 12.65 4.79 5.15
C PRO A 52 12.30 3.65 4.19
N ASP A 53 11.82 2.55 4.75
CA ASP A 53 11.46 1.40 3.96
C ASP A 53 9.97 1.47 3.60
N PHE A 54 9.47 2.70 3.54
CA PHE A 54 8.07 2.92 3.23
C PHE A 54 7.87 3.06 1.71
N ALA A 55 8.78 3.81 1.10
CA ALA A 55 8.71 4.03 -0.34
C ALA A 55 9.03 2.72 -1.06
N ASN A 56 9.91 1.95 -0.45
CA ASN A 56 10.32 0.67 -1.03
C ASN A 56 9.10 -0.02 -1.62
N PRO A 57 9.37 -0.94 -2.59
CA PRO A 57 8.30 -1.68 -3.25
C PRO A 57 7.75 -2.77 -2.33
N LEU A 58 6.68 -3.40 -2.80
CA LEU A 58 6.05 -4.47 -2.02
C LEU A 58 6.57 -5.82 -2.52
N ILE A 59 6.98 -6.64 -1.57
CA ILE A 59 7.49 -7.97 -1.89
C ILE A 59 6.62 -8.59 -2.99
N LEU A 60 7.30 -9.12 -4.00
CA LEU A 60 6.61 -9.75 -5.11
C LEU A 60 5.77 -10.92 -4.60
N PRO A 61 4.71 -11.25 -5.37
CA PRO A 61 3.82 -12.35 -4.99
C PRO A 61 4.49 -13.69 -5.27
N GLY A 62 5.29 -14.14 -4.31
CA GLY A 62 5.99 -15.41 -4.44
C GLY A 62 6.28 -16.01 -3.07
N SER A 63 7.17 -15.36 -2.34
CA SER A 63 7.54 -15.82 -1.02
C SER A 63 6.77 -15.04 0.05
N SER A 64 5.76 -15.70 0.60
CA SER A 64 4.94 -15.08 1.63
C SER A 64 5.79 -14.74 2.85
N GLY A 65 5.30 -13.80 3.64
CA GLY A 65 6.00 -13.38 4.84
C GLY A 65 5.43 -14.06 6.07
N PRO A 66 5.82 -13.53 7.27
CA PRO A 66 5.36 -14.08 8.53
C PRO A 66 3.90 -13.69 8.79
N GLY A 67 3.61 -12.42 8.54
CA GLY A 67 2.26 -11.92 8.75
C GLY A 67 1.66 -12.46 10.04
N SER A 68 2.31 -12.14 11.14
CA SER A 68 1.86 -12.58 12.44
C SER A 68 2.33 -11.62 13.53
N SER A 69 1.45 -10.71 13.90
CA SER A 69 1.77 -9.73 14.93
C SER A 69 0.51 -8.99 15.37
N GLY A 70 0.65 -8.24 16.46
CA GLY A 70 -0.48 -7.49 16.99
C GLY A 70 -1.00 -6.48 15.97
N PRO A 71 -2.28 -6.69 15.56
CA PRO A 71 -2.91 -5.80 14.59
C PRO A 71 -3.28 -4.46 15.24
N SER A 72 -2.26 -3.66 15.51
CA SER A 72 -2.47 -2.36 16.13
C SER A 72 -2.69 -1.31 15.04
N SER A 73 -3.93 -1.20 14.60
CA SER A 73 -4.29 -0.24 13.58
C SER A 73 -5.81 -0.02 13.56
N GLY A 74 -6.20 1.20 13.24
CA GLY A 74 -7.61 1.54 13.18
C GLY A 74 -7.80 3.00 12.76
N GLY A 1 -19.82 -9.47 -3.00
CA GLY A 1 -18.65 -8.70 -3.36
C GLY A 1 -17.37 -9.40 -2.89
N SER A 2 -16.57 -9.80 -3.87
CA SER A 2 -15.31 -10.48 -3.58
C SER A 2 -15.60 -11.81 -2.89
N SER A 3 -14.94 -12.86 -3.39
CA SER A 3 -15.10 -14.19 -2.85
C SER A 3 -13.80 -14.66 -2.22
N GLY A 4 -12.76 -14.70 -3.04
CA GLY A 4 -11.45 -15.13 -2.57
C GLY A 4 -10.80 -14.05 -1.69
N SER A 5 -10.34 -13.00 -2.34
CA SER A 5 -9.69 -11.91 -1.63
C SER A 5 -10.34 -10.57 -2.02
N SER A 6 -10.42 -9.68 -1.05
CA SER A 6 -11.00 -8.37 -1.29
C SER A 6 -10.30 -7.68 -2.45
N GLY A 7 -10.88 -6.56 -2.86
CA GLY A 7 -10.31 -5.80 -3.97
C GLY A 7 -9.54 -4.58 -3.45
N LEU A 8 -9.38 -3.60 -4.35
CA LEU A 8 -8.67 -2.39 -3.99
C LEU A 8 -9.45 -1.18 -4.52
N ASP A 9 -9.06 -0.01 -4.03
CA ASP A 9 -9.71 1.22 -4.44
C ASP A 9 -8.65 2.27 -4.82
N GLU A 10 -8.65 2.63 -6.09
CA GLU A 10 -7.69 3.60 -6.58
C GLU A 10 -8.01 4.99 -6.02
N SER A 11 -9.31 5.29 -5.96
CA SER A 11 -9.75 6.57 -5.45
C SER A 11 -9.02 6.90 -4.15
N VAL A 12 -8.76 5.86 -3.37
CA VAL A 12 -8.07 6.02 -2.10
C VAL A 12 -6.59 6.28 -2.36
N ILE A 13 -6.03 5.47 -3.25
CA ILE A 13 -4.62 5.58 -3.60
C ILE A 13 -4.37 6.96 -4.23
N ILE A 14 -5.12 7.23 -5.29
CA ILE A 14 -4.99 8.50 -5.98
C ILE A 14 -4.79 9.63 -4.97
N GLN A 15 -5.75 9.72 -4.05
CA GLN A 15 -5.70 10.74 -3.01
C GLN A 15 -4.32 10.76 -2.36
N LEU A 16 -3.99 9.65 -1.72
CA LEU A 16 -2.71 9.52 -1.05
C LEU A 16 -1.60 10.04 -1.96
N VAL A 17 -1.63 9.57 -3.20
CA VAL A 17 -0.64 9.98 -4.19
C VAL A 17 -0.71 11.49 -4.37
N GLU A 18 -1.93 11.99 -4.45
CA GLU A 18 -2.14 13.42 -4.62
C GLU A 18 -1.47 14.20 -3.50
N MET A 19 -1.55 13.65 -2.31
CA MET A 19 -0.94 14.27 -1.15
C MET A 19 0.58 14.36 -1.30
N GLY A 20 1.10 13.55 -2.20
CA GLY A 20 2.53 13.53 -2.46
C GLY A 20 3.17 12.24 -1.90
N PHE A 21 2.64 11.12 -2.35
CA PHE A 21 3.14 9.82 -1.91
C PHE A 21 3.33 8.88 -3.09
N PRO A 22 4.17 7.83 -2.87
CA PRO A 22 4.44 6.85 -3.90
C PRO A 22 3.26 5.89 -4.06
N MET A 23 2.93 5.61 -5.32
CA MET A 23 1.83 4.71 -5.62
C MET A 23 1.97 3.38 -4.86
N ASP A 24 3.04 2.67 -5.20
CA ASP A 24 3.30 1.38 -4.57
C ASP A 24 2.99 1.49 -3.07
N ALA A 25 3.77 2.30 -2.39
CA ALA A 25 3.59 2.50 -0.96
C ALA A 25 2.11 2.71 -0.67
N CYS A 26 1.50 3.59 -1.44
CA CYS A 26 0.09 3.89 -1.28
C CYS A 26 -0.70 2.59 -1.43
N ARG A 27 -0.30 1.80 -2.42
CA ARG A 27 -0.95 0.53 -2.69
C ARG A 27 -0.74 -0.43 -1.53
N LYS A 28 0.44 -0.34 -0.93
CA LYS A 28 0.79 -1.19 0.19
C LYS A 28 -0.20 -0.96 1.33
N ALA A 29 -0.32 0.30 1.72
CA ALA A 29 -1.22 0.67 2.80
C ALA A 29 -2.62 0.09 2.51
N VAL A 30 -3.24 0.64 1.46
CA VAL A 30 -4.56 0.19 1.08
C VAL A 30 -4.64 -1.33 1.20
N TYR A 31 -3.73 -1.99 0.51
CA TYR A 31 -3.69 -3.45 0.53
C TYR A 31 -3.67 -3.97 1.97
N TYR A 32 -2.58 -3.67 2.66
CA TYR A 32 -2.43 -4.10 4.04
C TYR A 32 -3.67 -3.75 4.87
N THR A 33 -4.28 -2.63 4.52
CA THR A 33 -5.47 -2.18 5.21
C THR A 33 -6.73 -2.69 4.51
N GLY A 34 -6.56 -3.79 3.79
CA GLY A 34 -7.66 -4.39 3.07
C GLY A 34 -8.58 -3.32 2.48
N ASN A 35 -7.96 -2.26 1.98
CA ASN A 35 -8.71 -1.17 1.39
C ASN A 35 -9.91 -0.83 2.30
N SER A 36 -9.58 -0.52 3.55
CA SER A 36 -10.62 -0.18 4.51
C SER A 36 -11.18 1.21 4.20
N GLY A 37 -10.27 2.15 3.99
CA GLY A 37 -10.66 3.51 3.69
C GLY A 37 -9.44 4.43 3.57
N ALA A 38 -9.65 5.56 2.92
CA ALA A 38 -8.57 6.53 2.74
C ALA A 38 -7.99 6.89 4.11
N GLU A 39 -8.87 7.32 4.99
CA GLU A 39 -8.45 7.71 6.33
C GLU A 39 -7.71 6.56 7.01
N ALA A 40 -8.40 5.43 7.12
CA ALA A 40 -7.82 4.25 7.75
C ALA A 40 -6.45 3.97 7.12
N ALA A 41 -6.49 3.66 5.82
CA ALA A 41 -5.27 3.37 5.09
C ALA A 41 -4.21 4.41 5.45
N MET A 42 -4.58 5.67 5.30
CA MET A 42 -3.67 6.76 5.60
C MET A 42 -2.85 6.46 6.86
N ASN A 43 -3.55 6.17 7.94
CA ASN A 43 -2.89 5.85 9.20
C ASN A 43 -1.69 4.96 8.93
N TRP A 44 -1.94 3.84 8.28
CA TRP A 44 -0.89 2.90 7.95
C TRP A 44 0.26 3.68 7.30
N VAL A 45 -0.11 4.57 6.40
CA VAL A 45 0.87 5.38 5.69
C VAL A 45 1.56 6.30 6.70
N MET A 46 0.74 6.96 7.51
CA MET A 46 1.26 7.87 8.51
C MET A 46 2.26 7.18 9.44
N SER A 47 2.13 5.86 9.51
CA SER A 47 3.01 5.06 10.35
C SER A 47 4.22 4.59 9.53
N HIS A 48 3.96 4.28 8.27
CA HIS A 48 5.02 3.82 7.39
C HIS A 48 5.88 5.01 6.95
N MET A 49 5.22 5.98 6.34
CA MET A 49 5.90 7.17 5.87
C MET A 49 6.93 7.65 6.90
N ASP A 50 6.66 7.34 8.15
CA ASP A 50 7.55 7.73 9.24
C ASP A 50 8.97 7.28 8.90
N ASP A 51 9.05 6.10 8.28
CA ASP A 51 10.34 5.55 7.91
C ASP A 51 10.59 5.81 6.42
N PRO A 52 11.91 5.86 6.05
CA PRO A 52 12.28 6.11 4.68
C PRO A 52 12.08 4.85 3.83
N ASP A 53 11.73 3.77 4.51
CA ASP A 53 11.50 2.50 3.83
C ASP A 53 10.00 2.37 3.49
N PHE A 54 9.37 3.52 3.32
CA PHE A 54 7.95 3.55 2.99
C PHE A 54 7.74 3.69 1.48
N ALA A 55 8.74 4.25 0.83
CA ALA A 55 8.67 4.45 -0.62
C ALA A 55 9.22 3.21 -1.32
N ASN A 56 9.36 2.14 -0.55
CA ASN A 56 9.87 0.89 -1.08
C ASN A 56 8.75 0.15 -1.80
N PRO A 57 9.16 -0.75 -2.73
CA PRO A 57 8.20 -1.54 -3.49
C PRO A 57 7.60 -2.65 -2.63
N LEU A 58 6.53 -3.24 -3.14
CA LEU A 58 5.85 -4.31 -2.43
C LEU A 58 6.43 -5.66 -2.88
N ILE A 59 6.81 -6.46 -1.90
CA ILE A 59 7.38 -7.77 -2.17
C ILE A 59 8.78 -7.59 -2.76
N LEU A 60 9.68 -8.44 -2.28
CA LEU A 60 11.06 -8.40 -2.74
C LEU A 60 11.09 -8.33 -4.27
N PRO A 61 12.19 -7.76 -4.81
CA PRO A 61 12.35 -7.62 -6.25
C PRO A 61 12.69 -8.97 -6.89
N GLY A 62 11.70 -9.54 -7.56
CA GLY A 62 11.88 -10.82 -8.22
C GLY A 62 13.11 -10.80 -9.13
N SER A 63 13.07 -9.91 -10.11
CA SER A 63 14.18 -9.79 -11.05
C SER A 63 14.50 -11.15 -11.66
N SER A 64 15.40 -11.13 -12.64
CA SER A 64 15.80 -12.35 -13.31
C SER A 64 14.58 -13.03 -13.94
N GLY A 65 14.39 -12.77 -15.22
CA GLY A 65 13.27 -13.35 -15.95
C GLY A 65 13.75 -14.21 -17.11
N PRO A 66 13.84 -15.55 -16.85
CA PRO A 66 14.28 -16.48 -17.87
C PRO A 66 13.19 -16.72 -18.92
N GLY A 67 13.02 -15.72 -19.78
CA GLY A 67 12.01 -15.81 -20.83
C GLY A 67 10.98 -14.69 -20.69
N SER A 68 10.79 -13.97 -21.79
CA SER A 68 9.84 -12.87 -21.81
C SER A 68 9.00 -12.93 -23.09
N SER A 69 7.79 -12.41 -22.98
CA SER A 69 6.88 -12.40 -24.11
C SER A 69 6.68 -13.82 -24.65
N GLY A 70 5.73 -13.94 -25.56
CA GLY A 70 5.43 -15.24 -26.15
C GLY A 70 4.28 -15.93 -25.41
N PRO A 71 3.03 -15.51 -25.76
CA PRO A 71 1.85 -16.08 -25.15
C PRO A 71 1.57 -17.49 -25.67
N SER A 72 1.15 -18.36 -24.77
CA SER A 72 0.85 -19.73 -25.14
C SER A 72 -0.67 -19.93 -25.22
N SER A 73 -1.08 -20.78 -26.14
CA SER A 73 -2.49 -21.06 -26.34
C SER A 73 -2.71 -22.58 -26.47
N GLY A 74 -2.07 -23.14 -27.48
CA GLY A 74 -2.17 -24.57 -27.72
C GLY A 74 -1.10 -25.05 -28.71
N GLY A 1 -16.15 -17.61 -1.69
CA GLY A 1 -15.23 -16.51 -1.52
C GLY A 1 -15.23 -16.01 -0.08
N SER A 2 -14.23 -16.47 0.67
CA SER A 2 -14.10 -16.07 2.06
C SER A 2 -14.16 -14.56 2.19
N SER A 3 -14.62 -14.11 3.36
CA SER A 3 -14.73 -12.69 3.62
C SER A 3 -15.92 -12.11 2.86
N GLY A 4 -15.88 -12.25 1.54
CA GLY A 4 -16.95 -11.74 0.70
C GLY A 4 -16.41 -11.25 -0.64
N SER A 5 -15.55 -10.24 -0.55
CA SER A 5 -14.95 -9.66 -1.75
C SER A 5 -13.94 -8.58 -1.35
N SER A 6 -12.76 -9.03 -0.96
CA SER A 6 -11.71 -8.12 -0.57
C SER A 6 -10.93 -7.63 -1.79
N GLY A 7 -11.24 -6.42 -2.21
CA GLY A 7 -10.59 -5.83 -3.36
C GLY A 7 -9.77 -4.61 -2.97
N LEU A 8 -9.65 -3.68 -3.90
CA LEU A 8 -8.90 -2.46 -3.66
C LEU A 8 -9.63 -1.28 -4.28
N ASP A 9 -9.10 -0.09 -4.01
CA ASP A 9 -9.69 1.13 -4.53
C ASP A 9 -8.59 2.10 -4.93
N GLU A 10 -8.51 2.37 -6.22
CA GLU A 10 -7.50 3.27 -6.75
C GLU A 10 -7.80 4.71 -6.32
N SER A 11 -9.08 5.07 -6.43
CA SER A 11 -9.52 6.41 -6.06
C SER A 11 -8.86 6.82 -4.75
N VAL A 12 -8.72 5.85 -3.86
CA VAL A 12 -8.11 6.10 -2.55
C VAL A 12 -6.60 6.30 -2.74
N ILE A 13 -5.99 5.35 -3.42
CA ILE A 13 -4.56 5.41 -3.67
C ILE A 13 -4.20 6.77 -4.27
N ILE A 14 -4.99 7.16 -5.27
CA ILE A 14 -4.76 8.43 -5.93
C ILE A 14 -4.71 9.54 -4.89
N GLN A 15 -5.72 9.55 -4.03
CA GLN A 15 -5.81 10.56 -2.98
C GLN A 15 -4.49 10.64 -2.22
N LEU A 16 -4.04 9.48 -1.75
CA LEU A 16 -2.79 9.40 -1.00
C LEU A 16 -1.65 9.92 -1.88
N VAL A 17 -1.61 9.43 -3.10
CA VAL A 17 -0.58 9.83 -4.05
C VAL A 17 -0.66 11.34 -4.28
N GLU A 18 -1.88 11.86 -4.15
CA GLU A 18 -2.10 13.29 -4.32
C GLU A 18 -1.37 14.09 -3.24
N MET A 19 -1.31 13.49 -2.07
CA MET A 19 -0.64 14.14 -0.94
C MET A 19 0.87 14.22 -1.17
N GLY A 20 1.34 13.39 -2.09
CA GLY A 20 2.75 13.37 -2.42
C GLY A 20 3.39 12.05 -1.97
N PHE A 21 2.69 10.96 -2.25
CA PHE A 21 3.17 9.65 -1.87
C PHE A 21 3.30 8.75 -3.10
N PRO A 22 4.21 7.74 -2.99
CA PRO A 22 4.43 6.81 -4.08
C PRO A 22 3.29 5.80 -4.20
N MET A 23 2.69 5.78 -5.38
CA MET A 23 1.58 4.88 -5.63
C MET A 23 1.80 3.52 -4.94
N ASP A 24 2.86 2.84 -5.38
CA ASP A 24 3.20 1.55 -4.81
C ASP A 24 2.97 1.58 -3.30
N ALA A 25 3.66 2.51 -2.66
CA ALA A 25 3.54 2.66 -1.22
C ALA A 25 2.08 2.90 -0.84
N CYS A 26 1.42 3.74 -1.62
CA CYS A 26 0.02 4.05 -1.38
C CYS A 26 -0.77 2.75 -1.45
N ARG A 27 -0.47 1.95 -2.47
CA ARG A 27 -1.15 0.68 -2.65
C ARG A 27 -0.86 -0.25 -1.48
N LYS A 28 0.37 -0.17 -0.99
CA LYS A 28 0.80 -1.01 0.12
C LYS A 28 -0.16 -0.78 1.30
N ALA A 29 -0.36 0.48 1.64
CA ALA A 29 -1.24 0.85 2.73
C ALA A 29 -2.62 0.22 2.51
N VAL A 30 -3.30 0.73 1.49
CA VAL A 30 -4.62 0.23 1.16
C VAL A 30 -4.64 -1.29 1.30
N TYR A 31 -3.72 -1.94 0.59
CA TYR A 31 -3.62 -3.39 0.63
C TYR A 31 -3.58 -3.89 2.07
N TYR A 32 -2.50 -3.56 2.75
CA TYR A 32 -2.32 -3.98 4.13
C TYR A 32 -3.56 -3.68 4.95
N THR A 33 -4.17 -2.54 4.65
CA THR A 33 -5.37 -2.12 5.35
C THR A 33 -6.62 -2.66 4.66
N GLY A 34 -6.42 -3.73 3.89
CA GLY A 34 -7.51 -4.35 3.16
C GLY A 34 -8.49 -3.29 2.64
N ASN A 35 -7.92 -2.21 2.13
CA ASN A 35 -8.73 -1.12 1.60
C ASN A 35 -9.95 -0.91 2.50
N SER A 36 -9.67 -0.38 3.69
CA SER A 36 -10.73 -0.12 4.65
C SER A 36 -10.90 1.39 4.85
N GLY A 37 -11.07 2.09 3.73
CA GLY A 37 -11.24 3.53 3.76
C GLY A 37 -9.89 4.24 3.66
N ALA A 38 -9.95 5.53 3.36
CA ALA A 38 -8.75 6.33 3.25
C ALA A 38 -8.20 6.64 4.64
N GLU A 39 -9.05 7.29 5.44
CA GLU A 39 -8.66 7.66 6.79
C GLU A 39 -7.85 6.53 7.42
N ALA A 40 -8.44 5.34 7.41
CA ALA A 40 -7.78 4.18 7.99
C ALA A 40 -6.45 3.94 7.28
N ALA A 41 -6.53 3.78 5.96
CA ALA A 41 -5.34 3.55 5.17
C ALA A 41 -4.27 4.59 5.53
N MET A 42 -4.66 5.85 5.43
CA MET A 42 -3.74 6.94 5.74
C MET A 42 -2.88 6.59 6.95
N ASN A 43 -3.54 6.28 8.06
CA ASN A 43 -2.85 5.94 9.28
C ASN A 43 -1.65 5.04 8.94
N TRP A 44 -1.93 3.95 8.26
CA TRP A 44 -0.89 3.01 7.87
C TRP A 44 0.24 3.82 7.22
N VAL A 45 -0.14 4.70 6.32
CA VAL A 45 0.83 5.52 5.62
C VAL A 45 1.65 6.30 6.66
N MET A 46 0.99 7.22 7.33
CA MET A 46 1.65 8.04 8.34
C MET A 46 2.47 7.17 9.29
N SER A 47 2.09 5.90 9.36
CA SER A 47 2.78 4.96 10.23
C SER A 47 3.95 4.32 9.47
N HIS A 48 3.78 4.18 8.17
CA HIS A 48 4.80 3.59 7.33
C HIS A 48 5.76 4.69 6.85
N MET A 49 5.21 5.62 6.11
CA MET A 49 6.00 6.73 5.58
C MET A 49 7.01 7.22 6.62
N ASP A 50 6.65 7.05 7.87
CA ASP A 50 7.51 7.47 8.96
C ASP A 50 8.93 6.93 8.73
N ASP A 51 8.99 5.80 8.06
CA ASP A 51 10.26 5.17 7.75
C ASP A 51 10.47 5.14 6.24
N PRO A 52 11.76 4.96 5.84
CA PRO A 52 12.10 4.91 4.42
C PRO A 52 11.68 3.58 3.81
N ASP A 53 11.08 2.74 4.64
CA ASP A 53 10.62 1.43 4.18
C ASP A 53 9.15 1.53 3.76
N PHE A 54 8.77 2.73 3.33
CA PHE A 54 7.40 2.97 2.90
C PHE A 54 7.32 3.08 1.38
N ALA A 55 8.28 3.80 0.81
CA ALA A 55 8.33 4.00 -0.62
C ALA A 55 8.68 2.67 -1.30
N ASN A 56 9.50 1.90 -0.62
CA ASN A 56 9.92 0.60 -1.14
C ASN A 56 8.71 -0.10 -1.76
N PRO A 57 9.00 -1.05 -2.69
CA PRO A 57 7.96 -1.81 -3.35
C PRO A 57 7.36 -2.86 -2.42
N LEU A 58 6.28 -3.47 -2.89
CA LEU A 58 5.61 -4.50 -2.10
C LEU A 58 6.32 -5.83 -2.31
N ILE A 59 6.58 -6.51 -1.19
CA ILE A 59 7.25 -7.79 -1.23
C ILE A 59 8.63 -7.62 -1.88
N LEU A 60 9.53 -8.52 -1.52
CA LEU A 60 10.87 -8.49 -2.06
C LEU A 60 11.13 -9.77 -2.87
N PRO A 61 11.96 -9.60 -3.94
CA PRO A 61 12.30 -10.73 -4.80
C PRO A 61 13.29 -11.67 -4.12
N GLY A 62 12.74 -12.62 -3.38
CA GLY A 62 13.57 -13.59 -2.67
C GLY A 62 14.65 -14.16 -3.60
N SER A 63 14.20 -14.92 -4.58
CA SER A 63 15.12 -15.53 -5.54
C SER A 63 16.07 -16.47 -4.80
N SER A 64 15.86 -17.76 -5.00
CA SER A 64 16.69 -18.77 -4.37
C SER A 64 18.15 -18.34 -4.42
N GLY A 65 18.63 -17.83 -3.30
CA GLY A 65 20.01 -17.38 -3.20
C GLY A 65 20.41 -17.14 -1.74
N PRO A 66 19.88 -16.03 -1.17
CA PRO A 66 20.17 -15.69 0.21
C PRO A 66 19.41 -16.58 1.18
N GLY A 67 18.12 -16.73 0.91
CA GLY A 67 17.26 -17.56 1.73
C GLY A 67 16.33 -16.69 2.59
N SER A 68 15.06 -16.68 2.19
CA SER A 68 14.05 -15.91 2.90
C SER A 68 12.69 -16.12 2.26
N SER A 69 11.68 -16.26 3.11
CA SER A 69 10.32 -16.47 2.64
C SER A 69 9.53 -15.16 2.75
N GLY A 70 9.44 -14.66 3.98
CA GLY A 70 8.72 -13.43 4.23
C GLY A 70 7.68 -13.63 5.33
N PRO A 71 6.53 -12.91 5.19
CA PRO A 71 5.46 -12.99 6.16
C PRO A 71 4.69 -14.31 6.01
N SER A 72 3.77 -14.52 6.93
CA SER A 72 2.95 -15.72 6.92
C SER A 72 1.50 -15.39 6.56
N SER A 73 0.91 -14.55 7.40
CA SER A 73 -0.47 -14.14 7.18
C SER A 73 -0.53 -13.03 6.13
N GLY A 74 -1.05 -13.38 4.96
CA GLY A 74 -1.16 -12.43 3.87
C GLY A 74 -0.59 -13.00 2.57
#